data_3H79
# 
_entry.id   3H79 
# 
_audit_conform.dict_name       mmcif_pdbx.dic 
_audit_conform.dict_version    5.378 
_audit_conform.dict_location   http://mmcif.pdb.org/dictionaries/ascii/mmcif_pdbx.dic 
# 
loop_
_database_2.database_id 
_database_2.database_code 
_database_2.pdbx_database_accession 
_database_2.pdbx_DOI 
PDB   3H79         pdb_00003h79 10.2210/pdb3h79/pdb 
RCSB  RCSB052780   ?            ?                   
WWPDB D_1000052780 ?            ?                   
# 
_pdbx_database_status.status_code                     REL 
_pdbx_database_status.entry_id                        3H79 
_pdbx_database_status.recvd_initial_deposition_date   2009-04-24 
_pdbx_database_status.deposit_site                    RCSB 
_pdbx_database_status.process_site                    RCSB 
_pdbx_database_status.status_code_sf                  REL 
_pdbx_database_status.status_code_mr                  ? 
_pdbx_database_status.SG_entry                        ? 
_pdbx_database_status.pdb_format_compatible           Y 
_pdbx_database_status.status_code_cs                  ? 
_pdbx_database_status.methods_development_category    ? 
_pdbx_database_status.status_code_nmr_data            ? 
# 
loop_
_audit_author.name 
_audit_author.pdbx_ordinal 
'Santos, C.R.'      1 
'Fessel, M.R.'      2 
'Vieira, L.C.'      3 
'Krieger, M.A.'     4 
'Goldenberg, S.'    5 
'Guimaraes, B.G.'   6 
'Zanchin, N.I.T.'   7 
'Barbosa, J.A.R.G.' 8 
# 
_citation.id                        primary 
_citation.title                     'Crystal structure of Trypanosoma cruzi thioredoxin-like hypothetical protein Q4DV70' 
_citation.journal_abbrev            'TO BE PUBLISHED' 
_citation.journal_volume            ? 
_citation.page_first                ? 
_citation.page_last                 ? 
_citation.year                      ? 
_citation.journal_id_ASTM           ? 
_citation.country                   ? 
_citation.journal_id_ISSN           ? 
_citation.journal_id_CSD            0353 
_citation.book_publisher            ? 
_citation.pdbx_database_id_PubMed   ? 
_citation.pdbx_database_id_DOI      ? 
# 
loop_
_citation_author.citation_id 
_citation_author.name 
_citation_author.ordinal 
_citation_author.identifier_ORCID 
primary 'Santos, C.R.'      1 ? 
primary 'Fessel, M.R.'      2 ? 
primary 'Vieira, L.C.'      3 ? 
primary 'Krieger, M.A.'     4 ? 
primary 'Goldenberg, S.'    5 ? 
primary 'Guimaraes, B.G.'   6 ? 
primary 'Zanchin, N.I.T.'   7 ? 
primary 'Barbosa, J.A.R.G.' 8 ? 
# 
_cell.entry_id           3H79 
_cell.length_a           35.042 
_cell.length_b           50.321 
_cell.length_c           61.179 
_cell.angle_alpha        90.00 
_cell.angle_beta         90.00 
_cell.angle_gamma        90.00 
_cell.Z_PDB              4 
_cell.pdbx_unique_axis   ? 
_cell.length_a_esd       ? 
_cell.length_b_esd       ? 
_cell.length_c_esd       ? 
_cell.angle_alpha_esd    ? 
_cell.angle_beta_esd     ? 
_cell.angle_gamma_esd    ? 
# 
_symmetry.entry_id                         3H79 
_symmetry.space_group_name_H-M             'P 21 21 21' 
_symmetry.pdbx_full_space_group_name_H-M   ? 
_symmetry.cell_setting                     ? 
_symmetry.Int_Tables_number                19 
_symmetry.space_group_name_Hall            ? 
# 
loop_
_entity.id 
_entity.type 
_entity.src_method 
_entity.pdbx_description 
_entity.formula_weight 
_entity.pdbx_number_of_molecules 
_entity.pdbx_ec 
_entity.pdbx_mutation 
_entity.pdbx_fragment 
_entity.details 
1 polymer     man 'Thioredoxin-like protein' 14885.673 1   ? ? ? ? 
2 non-polymer syn 'THIOCYANATE ION'          58.082    1   ? ? ? ? 
3 water       nat water                      18.015    116 ? ? ? ? 
# 
_entity_poly.entity_id                      1 
_entity_poly.type                           'polypeptide(L)' 
_entity_poly.nstd_linkage                   no 
_entity_poly.nstd_monomer                   no 
_entity_poly.pdbx_seq_one_letter_code       
;GHMASNVANDGERPSRVVELTDETFDSIVMDPEKDVFVLYYVPWSRHSVAAMRLWDDLSMSQSQKRNHLTFVAARIDGEK
YPDVIERMRVSGFPTMRYYTRIDKQEPFEYSGQRYLSLVDSFVFQNT
;
_entity_poly.pdbx_seq_one_letter_code_can   
;GHMASNVANDGERPSRVVELTDETFDSIVMDPEKDVFVLYYVPWSRHSVAAMRLWDDLSMSQSQKRNHLTFVAARIDGEK
YPDVIERMRVSGFPTMRYYTRIDKQEPFEYSGQRYLSLVDSFVFQNT
;
_entity_poly.pdbx_strand_id                 A 
_entity_poly.pdbx_target_identifier         ? 
# 
loop_
_entity_poly_seq.entity_id 
_entity_poly_seq.num 
_entity_poly_seq.mon_id 
_entity_poly_seq.hetero 
1 1   GLY n 
1 2   HIS n 
1 3   MET n 
1 4   ALA n 
1 5   SER n 
1 6   ASN n 
1 7   VAL n 
1 8   ALA n 
1 9   ASN n 
1 10  ASP n 
1 11  GLY n 
1 12  GLU n 
1 13  ARG n 
1 14  PRO n 
1 15  SER n 
1 16  ARG n 
1 17  VAL n 
1 18  VAL n 
1 19  GLU n 
1 20  LEU n 
1 21  THR n 
1 22  ASP n 
1 23  GLU n 
1 24  THR n 
1 25  PHE n 
1 26  ASP n 
1 27  SER n 
1 28  ILE n 
1 29  VAL n 
1 30  MET n 
1 31  ASP n 
1 32  PRO n 
1 33  GLU n 
1 34  LYS n 
1 35  ASP n 
1 36  VAL n 
1 37  PHE n 
1 38  VAL n 
1 39  LEU n 
1 40  TYR n 
1 41  TYR n 
1 42  VAL n 
1 43  PRO n 
1 44  TRP n 
1 45  SER n 
1 46  ARG n 
1 47  HIS n 
1 48  SER n 
1 49  VAL n 
1 50  ALA n 
1 51  ALA n 
1 52  MET n 
1 53  ARG n 
1 54  LEU n 
1 55  TRP n 
1 56  ASP n 
1 57  ASP n 
1 58  LEU n 
1 59  SER n 
1 60  MET n 
1 61  SER n 
1 62  GLN n 
1 63  SER n 
1 64  GLN n 
1 65  LYS n 
1 66  ARG n 
1 67  ASN n 
1 68  HIS n 
1 69  LEU n 
1 70  THR n 
1 71  PHE n 
1 72  VAL n 
1 73  ALA n 
1 74  ALA n 
1 75  ARG n 
1 76  ILE n 
1 77  ASP n 
1 78  GLY n 
1 79  GLU n 
1 80  LYS n 
1 81  TYR n 
1 82  PRO n 
1 83  ASP n 
1 84  VAL n 
1 85  ILE n 
1 86  GLU n 
1 87  ARG n 
1 88  MET n 
1 89  ARG n 
1 90  VAL n 
1 91  SER n 
1 92  GLY n 
1 93  PHE n 
1 94  PRO n 
1 95  THR n 
1 96  MET n 
1 97  ARG n 
1 98  TYR n 
1 99  TYR n 
1 100 THR n 
1 101 ARG n 
1 102 ILE n 
1 103 ASP n 
1 104 LYS n 
1 105 GLN n 
1 106 GLU n 
1 107 PRO n 
1 108 PHE n 
1 109 GLU n 
1 110 TYR n 
1 111 SER n 
1 112 GLY n 
1 113 GLN n 
1 114 ARG n 
1 115 TYR n 
1 116 LEU n 
1 117 SER n 
1 118 LEU n 
1 119 VAL n 
1 120 ASP n 
1 121 SER n 
1 122 PHE n 
1 123 VAL n 
1 124 PHE n 
1 125 GLN n 
1 126 ASN n 
1 127 THR n 
# 
_entity_src_gen.entity_id                          1 
_entity_src_gen.pdbx_src_id                        1 
_entity_src_gen.pdbx_alt_source_flag               sample 
_entity_src_gen.pdbx_seq_type                      ? 
_entity_src_gen.pdbx_beg_seq_num                   ? 
_entity_src_gen.pdbx_end_seq_num                   ? 
_entity_src_gen.gene_src_common_name               ? 
_entity_src_gen.gene_src_genus                     ? 
_entity_src_gen.pdbx_gene_src_gene                 
'Tc00.1047053508173.160, Trypanosoma cruzi strain CL Brener hypothetical protein partial mRNA' 
_entity_src_gen.gene_src_species                   ? 
_entity_src_gen.gene_src_strain                    Dm28c 
_entity_src_gen.gene_src_tissue                    ? 
_entity_src_gen.gene_src_tissue_fraction           ? 
_entity_src_gen.gene_src_details                   ? 
_entity_src_gen.pdbx_gene_src_fragment             ? 
_entity_src_gen.pdbx_gene_src_scientific_name      'Trypanosoma cruzi' 
_entity_src_gen.pdbx_gene_src_ncbi_taxonomy_id     5693 
_entity_src_gen.pdbx_gene_src_variant              ? 
_entity_src_gen.pdbx_gene_src_cell_line            ? 
_entity_src_gen.pdbx_gene_src_atcc                 ? 
_entity_src_gen.pdbx_gene_src_organ                ? 
_entity_src_gen.pdbx_gene_src_organelle            ? 
_entity_src_gen.pdbx_gene_src_cell                 ? 
_entity_src_gen.pdbx_gene_src_cellular_location    ? 
_entity_src_gen.host_org_common_name               ? 
_entity_src_gen.pdbx_host_org_scientific_name      'Escherichia coli' 
_entity_src_gen.pdbx_host_org_ncbi_taxonomy_id     562 
_entity_src_gen.host_org_genus                     ? 
_entity_src_gen.pdbx_host_org_gene                 ? 
_entity_src_gen.pdbx_host_org_organ                ? 
_entity_src_gen.host_org_species                   ? 
_entity_src_gen.pdbx_host_org_tissue               ? 
_entity_src_gen.pdbx_host_org_tissue_fraction      ? 
_entity_src_gen.pdbx_host_org_strain               'BL21(DE3)slyD-' 
_entity_src_gen.pdbx_host_org_variant              ? 
_entity_src_gen.pdbx_host_org_cell_line            ? 
_entity_src_gen.pdbx_host_org_atcc                 ? 
_entity_src_gen.pdbx_host_org_culture_collection   ? 
_entity_src_gen.pdbx_host_org_cell                 ? 
_entity_src_gen.pdbx_host_org_organelle            ? 
_entity_src_gen.pdbx_host_org_cellular_location    ? 
_entity_src_gen.pdbx_host_org_vector_type          plasmid 
_entity_src_gen.pdbx_host_org_vector               ? 
_entity_src_gen.host_org_details                   ? 
_entity_src_gen.expression_system_id               ? 
_entity_src_gen.plasmid_name                       pET-TEV 
_entity_src_gen.plasmid_details                    ? 
_entity_src_gen.pdbx_description                   ? 
# 
_struct_ref.id                         1 
_struct_ref.db_name                    UNP 
_struct_ref.db_code                    Q4DV70_TRYCR 
_struct_ref.pdbx_db_accession          Q4DV70 
_struct_ref.entity_id                  1 
_struct_ref.pdbx_seq_one_letter_code   
;ASNVANDGERPSRVVELTDETFDSIVMDPEKDVFVLYYVPWSRHSVAAMRLWDDLSMSQSQKRNYLTFVAARIDGEKYPD
VIERMRVSGFPTMRYYTRIDKQEPFEYSGQRYLSLVDSFVFQNT
;
_struct_ref.pdbx_align_begin           30 
_struct_ref.pdbx_db_isoform            ? 
# 
_struct_ref_seq.align_id                      1 
_struct_ref_seq.ref_id                        1 
_struct_ref_seq.pdbx_PDB_id_code              3H79 
_struct_ref_seq.pdbx_strand_id                A 
_struct_ref_seq.seq_align_beg                 4 
_struct_ref_seq.pdbx_seq_align_beg_ins_code   ? 
_struct_ref_seq.seq_align_end                 127 
_struct_ref_seq.pdbx_seq_align_end_ins_code   ? 
_struct_ref_seq.pdbx_db_accession             Q4DV70 
_struct_ref_seq.db_align_beg                  30 
_struct_ref_seq.pdbx_db_align_beg_ins_code    ? 
_struct_ref_seq.db_align_end                  153 
_struct_ref_seq.pdbx_db_align_end_ins_code    ? 
_struct_ref_seq.pdbx_auth_seq_align_beg       4 
_struct_ref_seq.pdbx_auth_seq_align_end       127 
# 
loop_
_struct_ref_seq_dif.align_id 
_struct_ref_seq_dif.pdbx_pdb_id_code 
_struct_ref_seq_dif.mon_id 
_struct_ref_seq_dif.pdbx_pdb_strand_id 
_struct_ref_seq_dif.seq_num 
_struct_ref_seq_dif.pdbx_pdb_ins_code 
_struct_ref_seq_dif.pdbx_seq_db_name 
_struct_ref_seq_dif.pdbx_seq_db_accession_code 
_struct_ref_seq_dif.db_mon_id 
_struct_ref_seq_dif.pdbx_seq_db_seq_num 
_struct_ref_seq_dif.details 
_struct_ref_seq_dif.pdbx_auth_seq_num 
_struct_ref_seq_dif.pdbx_ordinal 
1 3H79 GLY A 1  ? UNP Q4DV70 ?   ?  'expression tag' 1  1 
1 3H79 HIS A 2  ? UNP Q4DV70 ?   ?  'expression tag' 2  2 
1 3H79 MET A 3  ? UNP Q4DV70 ?   ?  'expression tag' 3  3 
1 3H79 HIS A 68 ? UNP Q4DV70 TYR 94 conflict         68 4 
# 
loop_
_chem_comp.id 
_chem_comp.type 
_chem_comp.mon_nstd_flag 
_chem_comp.name 
_chem_comp.pdbx_synonyms 
_chem_comp.formula 
_chem_comp.formula_weight 
ALA 'L-peptide linking' y ALANINE           ? 'C3 H7 N O2'     89.093  
ARG 'L-peptide linking' y ARGININE          ? 'C6 H15 N4 O2 1' 175.209 
ASN 'L-peptide linking' y ASPARAGINE        ? 'C4 H8 N2 O3'    132.118 
ASP 'L-peptide linking' y 'ASPARTIC ACID'   ? 'C4 H7 N O4'     133.103 
GLN 'L-peptide linking' y GLUTAMINE         ? 'C5 H10 N2 O3'   146.144 
GLU 'L-peptide linking' y 'GLUTAMIC ACID'   ? 'C5 H9 N O4'     147.129 
GLY 'peptide linking'   y GLYCINE           ? 'C2 H5 N O2'     75.067  
HIS 'L-peptide linking' y HISTIDINE         ? 'C6 H10 N3 O2 1' 156.162 
HOH non-polymer         . WATER             ? 'H2 O'           18.015  
ILE 'L-peptide linking' y ISOLEUCINE        ? 'C6 H13 N O2'    131.173 
LEU 'L-peptide linking' y LEUCINE           ? 'C6 H13 N O2'    131.173 
LYS 'L-peptide linking' y LYSINE            ? 'C6 H15 N2 O2 1' 147.195 
MET 'L-peptide linking' y METHIONINE        ? 'C5 H11 N O2 S'  149.211 
PHE 'L-peptide linking' y PHENYLALANINE     ? 'C9 H11 N O2'    165.189 
PRO 'L-peptide linking' y PROLINE           ? 'C5 H9 N O2'     115.130 
SCN non-polymer         . 'THIOCYANATE ION' ? 'C N S -1'       58.082  
SER 'L-peptide linking' y SERINE            ? 'C3 H7 N O3'     105.093 
THR 'L-peptide linking' y THREONINE         ? 'C4 H9 N O3'     119.119 
TRP 'L-peptide linking' y TRYPTOPHAN        ? 'C11 H12 N2 O2'  204.225 
TYR 'L-peptide linking' y TYROSINE          ? 'C9 H11 N O3'    181.189 
VAL 'L-peptide linking' y VALINE            ? 'C5 H11 N O2'    117.146 
# 
_exptl.entry_id          3H79 
_exptl.method            'X-RAY DIFFRACTION' 
_exptl.crystals_number   1 
# 
_exptl_crystal.id                    1 
_exptl_crystal.density_meas          ? 
_exptl_crystal.density_Matthews      1.81 
_exptl_crystal.density_percent_sol   32.11 
_exptl_crystal.description           ? 
_exptl_crystal.F_000                 ? 
_exptl_crystal.preparation           ? 
# 
_exptl_crystal_grow.crystal_id      1 
_exptl_crystal_grow.method          'VAPOR DIFFUSION, HANGING DROP' 
_exptl_crystal_grow.temp            291 
_exptl_crystal_grow.temp_details    ? 
_exptl_crystal_grow.pH              6.9 
_exptl_crystal_grow.pdbx_details    
'25% PEG 1500, 0.2M sodium thiocyanate, 0.01M phenol, 10% ethyleneglycol, pH 6.9, VAPOR DIFFUSION, HANGING DROP, temperature 291K' 
_exptl_crystal_grow.pdbx_pH_range   ? 
# 
_diffrn.id                     1 
_diffrn.ambient_temp           100 
_diffrn.ambient_temp_details   ? 
_diffrn.crystal_id             1 
# 
_diffrn_detector.diffrn_id              1 
_diffrn_detector.detector               CCD 
_diffrn_detector.type                   'MARMOSAIC 225 mm CCD' 
_diffrn_detector.pdbx_collection_date   2009-01-21 
_diffrn_detector.details                ? 
# 
_diffrn_radiation.diffrn_id                        1 
_diffrn_radiation.wavelength_id                    1 
_diffrn_radiation.pdbx_monochromatic_or_laue_m_l   M 
_diffrn_radiation.monochromator                    ? 
_diffrn_radiation.pdbx_diffrn_protocol             'SINGLE WAVELENGTH' 
_diffrn_radiation.pdbx_scattering_type             x-ray 
# 
_diffrn_radiation_wavelength.id           1 
_diffrn_radiation_wavelength.wavelength   1.459 
_diffrn_radiation_wavelength.wt           1.0 
# 
_diffrn_source.diffrn_id                   1 
_diffrn_source.source                      SYNCHROTRON 
_diffrn_source.type                        'LNLS BEAMLINE W01B-MX2' 
_diffrn_source.pdbx_synchrotron_site       LNLS 
_diffrn_source.pdbx_synchrotron_beamline   W01B-MX2 
_diffrn_source.pdbx_wavelength             ? 
_diffrn_source.pdbx_wavelength_list        1.459 
# 
_reflns.entry_id                     3H79 
_reflns.observed_criterion_sigma_I   ? 
_reflns.observed_criterion_sigma_F   ? 
_reflns.d_resolution_low             20.00 
_reflns.d_resolution_high            1.50 
_reflns.number_obs                   17813 
_reflns.number_all                   17813 
_reflns.percent_possible_obs         99.1 
_reflns.pdbx_Rmerge_I_obs            0.07 
_reflns.pdbx_Rsym_value              ? 
_reflns.pdbx_netI_over_sigmaI        23.9 
_reflns.B_iso_Wilson_estimate        16.9 
_reflns.pdbx_redundancy              4.7 
_reflns.R_free_details               ? 
_reflns.limit_h_max                  ? 
_reflns.limit_h_min                  ? 
_reflns.limit_k_max                  ? 
_reflns.limit_k_min                  ? 
_reflns.limit_l_max                  ? 
_reflns.limit_l_min                  ? 
_reflns.observed_criterion_F_max     ? 
_reflns.observed_criterion_F_min     ? 
_reflns.pdbx_chi_squared             ? 
_reflns.pdbx_scaling_rejects         ? 
_reflns.pdbx_ordinal                 1 
_reflns.pdbx_diffrn_id               1 
# 
_reflns_shell.d_res_high             1.50 
_reflns_shell.d_res_low              1.55 
_reflns_shell.percent_possible_all   95.9 
_reflns_shell.Rmerge_I_obs           0.24 
_reflns_shell.pdbx_Rsym_value        ? 
_reflns_shell.meanI_over_sigI_obs    4.7 
_reflns_shell.pdbx_redundancy        3.5 
_reflns_shell.percent_possible_obs   ? 
_reflns_shell.number_unique_all      1619 
_reflns_shell.number_measured_all    ? 
_reflns_shell.number_measured_obs    ? 
_reflns_shell.number_unique_obs      ? 
_reflns_shell.pdbx_chi_squared       ? 
_reflns_shell.pdbx_ordinal           1 
_reflns_shell.pdbx_diffrn_id         1 
# 
_refine.entry_id                                 3H79 
_refine.ls_number_reflns_obs                     16892 
_refine.ls_number_reflns_all                     ? 
_refine.pdbx_ls_sigma_I                          ? 
_refine.pdbx_ls_sigma_F                          ? 
_refine.pdbx_data_cutoff_high_absF               ? 
_refine.pdbx_data_cutoff_low_absF                ? 
_refine.pdbx_data_cutoff_high_rms_absF           ? 
_refine.ls_d_res_low                             19.43 
_refine.ls_d_res_high                            1.50 
_refine.ls_percent_reflns_obs                    99.17 
_refine.ls_R_factor_obs                          0.18209 
_refine.ls_R_factor_all                          ? 
_refine.ls_R_factor_R_work                       0.18000 
_refine.ls_R_factor_R_free                       0.22361 
_refine.ls_R_factor_R_free_error                 ? 
_refine.ls_R_factor_R_free_error_details         ? 
_refine.ls_percent_reflns_R_free                 5.0 
_refine.ls_number_reflns_R_free                  880 
_refine.ls_number_parameters                     ? 
_refine.ls_number_restraints                     ? 
_refine.occupancy_min                            ? 
_refine.occupancy_max                            ? 
_refine.correlation_coeff_Fo_to_Fc               0.956 
_refine.correlation_coeff_Fo_to_Fc_free          0.941 
_refine.B_iso_mean                               12.591 
_refine.aniso_B[1][1]                            -0.71 
_refine.aniso_B[2][2]                            0.63 
_refine.aniso_B[3][3]                            0.08 
_refine.aniso_B[1][2]                            0.00 
_refine.aniso_B[1][3]                            0.00 
_refine.aniso_B[2][3]                            0.00 
_refine.solvent_model_details                    MASK 
_refine.solvent_model_param_ksol                 ? 
_refine.solvent_model_param_bsol                 ? 
_refine.pdbx_solvent_vdw_probe_radii             1.40 
_refine.pdbx_solvent_ion_probe_radii             0.80 
_refine.pdbx_solvent_shrinkage_radii             0.80 
_refine.pdbx_ls_cross_valid_method               THROUGHOUT 
_refine.details                                  'HYDROGENS HAVE BEEN ADDED IN THE RIDING POSITIONS' 
_refine.pdbx_starting_model                      'PDB ENTRY 2B5E' 
_refine.pdbx_method_to_determine_struct          'MOLECULAR REPLACEMENT' 
_refine.pdbx_isotropic_thermal_model             ? 
_refine.pdbx_stereochemistry_target_values       'MAXIMUM LIKELIHOOD' 
_refine.pdbx_stereochem_target_val_spec_case     ? 
_refine.pdbx_R_Free_selection_details            RANDOM 
_refine.pdbx_overall_ESU_R                       0.082 
_refine.pdbx_overall_ESU_R_Free                  0.088 
_refine.overall_SU_ML                            0.049 
_refine.overall_SU_B                             2.875 
_refine.ls_redundancy_reflns_obs                 ? 
_refine.B_iso_min                                ? 
_refine.B_iso_max                                ? 
_refine.overall_SU_R_Cruickshank_DPI             ? 
_refine.overall_SU_R_free                        ? 
_refine.ls_wR_factor_R_free                      ? 
_refine.ls_wR_factor_R_work                      ? 
_refine.overall_FOM_free_R_set                   ? 
_refine.overall_FOM_work_R_set                   ? 
_refine.pdbx_overall_phase_error                 ? 
_refine.pdbx_refine_id                           'X-RAY DIFFRACTION' 
_refine.pdbx_TLS_residual_ADP_flag               'LIKELY RESIDUAL' 
_refine.pdbx_diffrn_id                           1 
_refine.pdbx_overall_SU_R_free_Cruickshank_DPI   ? 
_refine.pdbx_overall_SU_R_Blow_DPI               ? 
_refine.pdbx_overall_SU_R_free_Blow_DPI          ? 
# 
_refine_hist.pdbx_refine_id                   'X-RAY DIFFRACTION' 
_refine_hist.cycle_id                         LAST 
_refine_hist.pdbx_number_atoms_protein        965 
_refine_hist.pdbx_number_atoms_nucleic_acid   0 
_refine_hist.pdbx_number_atoms_ligand         3 
_refine_hist.number_atoms_solvent             116 
_refine_hist.number_atoms_total               1084 
_refine_hist.d_res_high                       1.50 
_refine_hist.d_res_low                        19.43 
# 
loop_
_refine_ls_restr.type 
_refine_ls_restr.dev_ideal 
_refine_ls_restr.dev_ideal_target 
_refine_ls_restr.weight 
_refine_ls_restr.number 
_refine_ls_restr.pdbx_refine_id 
_refine_ls_restr.pdbx_restraint_function 
r_bond_refined_d             0.026  0.022  ? 1020 'X-RAY DIFFRACTION' ? 
r_bond_other_d               ?      ?      ? ?    'X-RAY DIFFRACTION' ? 
r_angle_refined_deg          2.158  1.949  ? 1375 'X-RAY DIFFRACTION' ? 
r_angle_other_deg            ?      ?      ? ?    'X-RAY DIFFRACTION' ? 
r_dihedral_angle_1_deg       6.133  5.000  ? 114  'X-RAY DIFFRACTION' ? 
r_dihedral_angle_2_deg       32.877 22.414 ? 58   'X-RAY DIFFRACTION' ? 
r_dihedral_angle_3_deg       14.390 15.000 ? 185  'X-RAY DIFFRACTION' ? 
r_dihedral_angle_4_deg       13.222 15.000 ? 13   'X-RAY DIFFRACTION' ? 
r_chiral_restr               0.168  0.200  ? 141  'X-RAY DIFFRACTION' ? 
r_gen_planes_refined         0.014  0.021  ? 794  'X-RAY DIFFRACTION' ? 
r_gen_planes_other           ?      ?      ? ?    'X-RAY DIFFRACTION' ? 
r_nbd_refined                ?      ?      ? ?    'X-RAY DIFFRACTION' ? 
r_nbd_other                  ?      ?      ? ?    'X-RAY DIFFRACTION' ? 
r_nbtor_refined              ?      ?      ? ?    'X-RAY DIFFRACTION' ? 
r_nbtor_other                ?      ?      ? ?    'X-RAY DIFFRACTION' ? 
r_xyhbond_nbd_refined        ?      ?      ? ?    'X-RAY DIFFRACTION' ? 
r_xyhbond_nbd_other          ?      ?      ? ?    'X-RAY DIFFRACTION' ? 
r_metal_ion_refined          ?      ?      ? ?    'X-RAY DIFFRACTION' ? 
r_metal_ion_other            ?      ?      ? ?    'X-RAY DIFFRACTION' ? 
r_symmetry_vdw_refined       ?      ?      ? ?    'X-RAY DIFFRACTION' ? 
r_symmetry_vdw_other         ?      ?      ? ?    'X-RAY DIFFRACTION' ? 
r_symmetry_hbond_refined     ?      ?      ? ?    'X-RAY DIFFRACTION' ? 
r_symmetry_hbond_other       ?      ?      ? ?    'X-RAY DIFFRACTION' ? 
r_symmetry_metal_ion_refined ?      ?      ? ?    'X-RAY DIFFRACTION' ? 
r_symmetry_metal_ion_other   ?      ?      ? ?    'X-RAY DIFFRACTION' ? 
r_mcbond_it                  1.424  1.500  ? 580  'X-RAY DIFFRACTION' ? 
r_mcbond_other               ?      ?      ? ?    'X-RAY DIFFRACTION' ? 
r_mcangle_it                 2.213  2.000  ? 954  'X-RAY DIFFRACTION' ? 
r_scbond_it                  3.301  3.000  ? 440  'X-RAY DIFFRACTION' ? 
r_scangle_it                 5.025  4.500  ? 421  'X-RAY DIFFRACTION' ? 
r_rigid_bond_restr           ?      ?      ? ?    'X-RAY DIFFRACTION' ? 
r_sphericity_free            ?      ?      ? ?    'X-RAY DIFFRACTION' ? 
r_sphericity_bonded          ?      ?      ? ?    'X-RAY DIFFRACTION' ? 
# 
_refine_ls_shell.pdbx_total_number_of_bins_used   20 
_refine_ls_shell.d_res_high                       1.500 
_refine_ls_shell.d_res_low                        1.539 
_refine_ls_shell.number_reflns_R_work             1159 
_refine_ls_shell.R_factor_R_work                  0.316 
_refine_ls_shell.percent_reflns_obs               94.74 
_refine_ls_shell.R_factor_R_free                  0.376 
_refine_ls_shell.R_factor_R_free_error            ? 
_refine_ls_shell.percent_reflns_R_free            ? 
_refine_ls_shell.number_reflns_R_free             65 
_refine_ls_shell.number_reflns_all                ? 
_refine_ls_shell.R_factor_all                     ? 
_refine_ls_shell.number_reflns_obs                ? 
_refine_ls_shell.redundancy_reflns_obs            ? 
_refine_ls_shell.pdbx_refine_id                   'X-RAY DIFFRACTION' 
# 
_struct.entry_id                  3H79 
_struct.title                     'Crystal structure of Trypanosoma cruzi thioredoxin-like hypothetical protein Q4DV70' 
_struct.pdbx_model_details        ? 
_struct.pdbx_CASP_flag            N 
_struct.pdbx_model_type_details   ? 
# 
_struct_keywords.entry_id        3H79 
_struct_keywords.pdbx_keywords   'UNKNOWN FUNCTION' 
_struct_keywords.text            'thioredoxin fold, catalytic cysteines missing, UNKNOWN FUNCTION' 
# 
loop_
_struct_asym.id 
_struct_asym.pdbx_blank_PDB_chainid_flag 
_struct_asym.pdbx_modified 
_struct_asym.entity_id 
_struct_asym.details 
A N N 1 ? 
B N N 2 ? 
C N N 3 ? 
# 
_struct_biol.id        1 
_struct_biol.details   ? 
# 
loop_
_struct_conf.conf_type_id 
_struct_conf.id 
_struct_conf.pdbx_PDB_helix_id 
_struct_conf.beg_label_comp_id 
_struct_conf.beg_label_asym_id 
_struct_conf.beg_label_seq_id 
_struct_conf.pdbx_beg_PDB_ins_code 
_struct_conf.end_label_comp_id 
_struct_conf.end_label_asym_id 
_struct_conf.end_label_seq_id 
_struct_conf.pdbx_end_PDB_ins_code 
_struct_conf.beg_auth_comp_id 
_struct_conf.beg_auth_asym_id 
_struct_conf.beg_auth_seq_id 
_struct_conf.end_auth_comp_id 
_struct_conf.end_auth_asym_id 
_struct_conf.end_auth_seq_id 
_struct_conf.pdbx_PDB_helix_class 
_struct_conf.details 
_struct_conf.pdbx_PDB_helix_length 
HELX_P HELX_P1 1 THR A 24  ? MET A 30  ? THR A 24  MET A 30  1 ? 7  
HELX_P HELX_P2 2 SER A 45  ? GLN A 64  ? SER A 45  GLN A 64  1 ? 20 
HELX_P HELX_P3 3 TYR A 81  ? MET A 88  ? TYR A 81  MET A 88  1 ? 8  
HELX_P HELX_P4 4 TYR A 115 ? THR A 127 ? TYR A 115 THR A 127 1 ? 13 
# 
_struct_conf_type.id          HELX_P 
_struct_conf_type.criteria    ? 
_struct_conf_type.reference   ? 
# 
_struct_mon_prot_cis.pdbx_id                1 
_struct_mon_prot_cis.label_comp_id          PHE 
_struct_mon_prot_cis.label_seq_id           93 
_struct_mon_prot_cis.label_asym_id          A 
_struct_mon_prot_cis.label_alt_id           . 
_struct_mon_prot_cis.pdbx_PDB_ins_code      ? 
_struct_mon_prot_cis.auth_comp_id           PHE 
_struct_mon_prot_cis.auth_seq_id            93 
_struct_mon_prot_cis.auth_asym_id           A 
_struct_mon_prot_cis.pdbx_label_comp_id_2   PRO 
_struct_mon_prot_cis.pdbx_label_seq_id_2    94 
_struct_mon_prot_cis.pdbx_label_asym_id_2   A 
_struct_mon_prot_cis.pdbx_PDB_ins_code_2    ? 
_struct_mon_prot_cis.pdbx_auth_comp_id_2    PRO 
_struct_mon_prot_cis.pdbx_auth_seq_id_2     94 
_struct_mon_prot_cis.pdbx_auth_asym_id_2    A 
_struct_mon_prot_cis.pdbx_PDB_model_num     1 
_struct_mon_prot_cis.pdbx_omega_angle       -7.52 
# 
_struct_sheet.id               A 
_struct_sheet.type             ? 
_struct_sheet.number_strands   5 
_struct_sheet.details          ? 
# 
loop_
_struct_sheet_order.sheet_id 
_struct_sheet_order.range_id_1 
_struct_sheet_order.range_id_2 
_struct_sheet_order.offset 
_struct_sheet_order.sense 
A 1 2 ? parallel      
A 2 3 ? parallel      
A 3 4 ? anti-parallel 
A 4 5 ? anti-parallel 
# 
loop_
_struct_sheet_range.sheet_id 
_struct_sheet_range.id 
_struct_sheet_range.beg_label_comp_id 
_struct_sheet_range.beg_label_asym_id 
_struct_sheet_range.beg_label_seq_id 
_struct_sheet_range.pdbx_beg_PDB_ins_code 
_struct_sheet_range.end_label_comp_id 
_struct_sheet_range.end_label_asym_id 
_struct_sheet_range.end_label_seq_id 
_struct_sheet_range.pdbx_end_PDB_ins_code 
_struct_sheet_range.beg_auth_comp_id 
_struct_sheet_range.beg_auth_asym_id 
_struct_sheet_range.beg_auth_seq_id 
_struct_sheet_range.end_auth_comp_id 
_struct_sheet_range.end_auth_asym_id 
_struct_sheet_range.end_auth_seq_id 
A 1 VAL A 18  ? GLU A 19  ? VAL A 18  GLU A 19  
A 2 PHE A 71  ? ASP A 77  ? PHE A 71  ASP A 77  
A 3 ASP A 35  ? TYR A 41  ? ASP A 35  TYR A 41  
A 4 THR A 95  ? TYR A 99  ? THR A 95  TYR A 99  
A 5 PHE A 108 ? GLU A 109 ? PHE A 108 GLU A 109 
# 
loop_
_pdbx_struct_sheet_hbond.sheet_id 
_pdbx_struct_sheet_hbond.range_id_1 
_pdbx_struct_sheet_hbond.range_id_2 
_pdbx_struct_sheet_hbond.range_1_label_atom_id 
_pdbx_struct_sheet_hbond.range_1_label_comp_id 
_pdbx_struct_sheet_hbond.range_1_label_asym_id 
_pdbx_struct_sheet_hbond.range_1_label_seq_id 
_pdbx_struct_sheet_hbond.range_1_PDB_ins_code 
_pdbx_struct_sheet_hbond.range_1_auth_atom_id 
_pdbx_struct_sheet_hbond.range_1_auth_comp_id 
_pdbx_struct_sheet_hbond.range_1_auth_asym_id 
_pdbx_struct_sheet_hbond.range_1_auth_seq_id 
_pdbx_struct_sheet_hbond.range_2_label_atom_id 
_pdbx_struct_sheet_hbond.range_2_label_comp_id 
_pdbx_struct_sheet_hbond.range_2_label_asym_id 
_pdbx_struct_sheet_hbond.range_2_label_seq_id 
_pdbx_struct_sheet_hbond.range_2_PDB_ins_code 
_pdbx_struct_sheet_hbond.range_2_auth_atom_id 
_pdbx_struct_sheet_hbond.range_2_auth_comp_id 
_pdbx_struct_sheet_hbond.range_2_auth_asym_id 
_pdbx_struct_sheet_hbond.range_2_auth_seq_id 
A 1 2 N VAL A 18 ? N VAL A 18 O ARG A 75  ? O ARG A 75  
A 2 3 O VAL A 72 ? O VAL A 72 N PHE A 37  ? N PHE A 37  
A 3 4 N TYR A 40 ? N TYR A 40 O THR A 95  ? O THR A 95  
A 4 5 N TYR A 98 ? N TYR A 98 O PHE A 108 ? O PHE A 108 
# 
_struct_site.id                   AC1 
_struct_site.pdbx_evidence_code   Software 
_struct_site.pdbx_auth_asym_id    A 
_struct_site.pdbx_auth_comp_id    SCN 
_struct_site.pdbx_auth_seq_id     128 
_struct_site.pdbx_auth_ins_code   ? 
_struct_site.pdbx_num_residues    6 
_struct_site.details              'BINDING SITE FOR RESIDUE SCN A 128' 
# 
loop_
_struct_site_gen.id 
_struct_site_gen.site_id 
_struct_site_gen.pdbx_num_res 
_struct_site_gen.label_comp_id 
_struct_site_gen.label_asym_id 
_struct_site_gen.label_seq_id 
_struct_site_gen.pdbx_auth_ins_code 
_struct_site_gen.auth_comp_id 
_struct_site_gen.auth_asym_id 
_struct_site_gen.auth_seq_id 
_struct_site_gen.label_atom_id 
_struct_site_gen.label_alt_id 
_struct_site_gen.symmetry 
_struct_site_gen.details 
1 AC1 6 ASP A 83  ? ASP A 83  . ? 1_555 ? 
2 AC1 6 VAL A 84  ? VAL A 84  . ? 1_555 ? 
3 AC1 6 ARG A 87  ? ARG A 87  . ? 1_555 ? 
4 AC1 6 PHE A 124 ? PHE A 124 . ? 1_455 ? 
5 AC1 6 GLN A 125 ? GLN A 125 . ? 1_455 ? 
6 AC1 6 HOH C .   ? HOH A 166 . ? 1_555 ? 
# 
_atom_sites.entry_id                    3H79 
_atom_sites.fract_transf_matrix[1][1]   -0.01385381 
_atom_sites.fract_transf_matrix[1][2]   -0.02214676 
_atom_sites.fract_transf_matrix[1][3]   -0.01148709 
_atom_sites.fract_transf_matrix[2][1]   -0.00465264 
_atom_sites.fract_transf_matrix[2][2]   -0.00652202 
_atom_sites.fract_transf_matrix[2][3]   0.01818550 
_atom_sites.fract_transf_matrix[3][1]   -0.01376773 
_atom_sites.fract_transf_matrix[3][2]   0.00880199 
_atom_sites.fract_transf_matrix[3][3]   -0.00036564 
_atom_sites.fract_transf_vector[1]      0.284227 
_atom_sites.fract_transf_vector[2]      0.011644 
_atom_sites.fract_transf_vector[3]      -0.157190 
# 
loop_
_atom_type.symbol 
C 
N 
O 
S 
# 
loop_
_atom_site.group_PDB 
_atom_site.id 
_atom_site.type_symbol 
_atom_site.label_atom_id 
_atom_site.label_alt_id 
_atom_site.label_comp_id 
_atom_site.label_asym_id 
_atom_site.label_entity_id 
_atom_site.label_seq_id 
_atom_site.pdbx_PDB_ins_code 
_atom_site.Cartn_x 
_atom_site.Cartn_y 
_atom_site.Cartn_z 
_atom_site.occupancy 
_atom_site.B_iso_or_equiv 
_atom_site.pdbx_formal_charge 
_atom_site.auth_seq_id 
_atom_site.auth_comp_id 
_atom_site.auth_asym_id 
_atom_site.auth_atom_id 
_atom_site.pdbx_PDB_model_num 
ATOM   1    N N   . ARG A 1 13  ? -0.438  6.617   -16.049 1.00 29.16 ? 13  ARG A N   1 
ATOM   2    C CA  . ARG A 1 13  ? -1.505  5.578   -16.085 1.00 28.13 ? 13  ARG A CA  1 
ATOM   3    C C   . ARG A 1 13  ? -2.739  6.039   -15.308 1.00 26.97 ? 13  ARG A C   1 
ATOM   4    O O   . ARG A 1 13  ? -2.702  7.074   -14.597 1.00 29.31 ? 13  ARG A O   1 
ATOM   5    C CB  . ARG A 1 13  ? -0.981  4.263   -15.504 0.00 28.08 ? 13  ARG A CB  1 
ATOM   6    C CG  . ARG A 1 13  ? -1.996  3.131   -15.497 0.00 28.04 ? 13  ARG A CG  1 
ATOM   7    C CD  . ARG A 1 13  ? -2.314  2.657   -16.906 0.00 27.84 ? 13  ARG A CD  1 
ATOM   8    N NE  . ARG A 1 13  ? -3.184  1.486   -16.901 0.00 27.74 ? 13  ARG A NE  1 
ATOM   9    C CZ  . ARG A 1 13  ? -3.565  0.833   -17.995 0.00 27.62 ? 13  ARG A CZ  1 
ATOM   10   N NH1 . ARG A 1 13  ? -3.154  1.236   -19.188 0.00 27.64 ? 13  ARG A NH1 1 
ATOM   11   N NH2 . ARG A 1 13  ? -4.360  -0.225  -17.894 0.00 27.58 ? 13  ARG A NH2 1 
ATOM   12   N N   . PRO A 1 14  ? -3.862  5.309   -15.455 1.00 23.58 ? 14  PRO A N   1 
ATOM   13   C CA  . PRO A 1 14  ? -4.966  5.584   -14.539 1.00 20.46 ? 14  PRO A CA  1 
ATOM   14   C C   . PRO A 1 14  ? -4.468  5.192   -13.121 1.00 17.26 ? 14  PRO A C   1 
ATOM   15   O O   . PRO A 1 14  ? -3.786  4.149   -12.996 1.00 18.04 ? 14  PRO A O   1 
ATOM   16   C CB  . PRO A 1 14  ? -6.061  4.594   -14.987 1.00 21.16 ? 14  PRO A CB  1 
ATOM   17   C CG  . PRO A 1 14  ? -5.709  4.130   -16.314 1.00 22.92 ? 14  PRO A CG  1 
ATOM   18   C CD  . PRO A 1 14  ? -4.261  4.471   -16.603 1.00 23.19 ? 14  PRO A CD  1 
ATOM   19   N N   . SER A 1 15  ? -4.833  6.020   -12.132 1.00 13.71 ? 15  SER A N   1 
ATOM   20   C CA  . SER A 1 15  ? -4.564  5.673   -10.750 1.00 11.41 ? 15  SER A CA  1 
ATOM   21   C C   . SER A 1 15  ? -5.591  6.268   -9.779  1.00 10.45 ? 15  SER A C   1 
ATOM   22   O O   . SER A 1 15  ? -6.079  7.381   -9.939  1.00 13.47 ? 15  SER A O   1 
ATOM   23   C CB  . SER A 1 15  ? -3.199  6.125   -10.331 1.00 10.29 ? 15  SER A CB  1 
ATOM   24   O OG  . SER A 1 15  ? -2.846  5.664   -9.013  1.00 10.97 ? 15  SER A OG  1 
ATOM   25   N N   . ARG A 1 16  ? -5.832  5.526   -8.696  1.00 8.84  ? 16  ARG A N   1 
ATOM   26   C CA  . ARG A 1 16  ? -6.548  6.025   -7.495  1.00 9.10  ? 16  ARG A CA  1 
ATOM   27   C C   . ARG A 1 16  ? -5.668  5.819   -6.265  1.00 9.71  ? 16  ARG A C   1 
ATOM   28   O O   . ARG A 1 16  ? -6.182  5.814   -5.147  1.00 10.61 ? 16  ARG A O   1 
ATOM   29   C CB  . ARG A 1 16  ? -7.911  5.309   -7.306  1.00 11.01 ? 16  ARG A CB  1 
ATOM   30   C CG  . ARG A 1 16  ? -8.836  5.582   -8.487  1.00 14.63 ? 16  ARG A CG  1 
ATOM   31   C CD  . ARG A 1 16  ? -10.139 4.817   -8.252  1.00 20.32 ? 16  ARG A CD  1 
ATOM   32   N NE  . ARG A 1 16  ? -11.020 4.752   -9.403  1.00 34.27 ? 16  ARG A NE  1 
ATOM   33   C CZ  . ARG A 1 16  ? -11.788 5.749   -9.815  1.00 36.05 ? 16  ARG A CZ  1 
ATOM   34   N NH1 . ARG A 1 16  ? -11.705 6.930   -9.213  1.00 38.66 ? 16  ARG A NH1 1 
ATOM   35   N NH2 . ARG A 1 16  ? -12.612 5.582   -10.854 1.00 36.57 ? 16  ARG A NH2 1 
ATOM   36   N N   . VAL A 1 17  ? -4.348  5.700   -6.483  1.00 9.45  ? 17  VAL A N   1 
ATOM   37   C CA  . VAL A 1 17  ? -3.440  5.593   -5.307  1.00 8.47  ? 17  VAL A CA  1 
ATOM   38   C C   . VAL A 1 17  ? -3.332  6.899   -4.553  1.00 9.19  ? 17  VAL A C   1 
ATOM   39   O O   . VAL A 1 17  ? -3.240  7.956   -5.179  1.00 10.98 ? 17  VAL A O   1 
ATOM   40   C CB  . VAL A 1 17  ? -2.017  5.161   -5.829  1.00 7.73  ? 17  VAL A CB  1 
ATOM   41   C CG1 . VAL A 1 17  ? -0.990  5.195   -4.679  1.00 8.45  ? 17  VAL A CG1 1 
ATOM   42   C CG2 . VAL A 1 17  ? -2.076  3.773   -6.452  1.00 9.18  ? 17  VAL A CG2 1 
ATOM   43   N N   . VAL A 1 18  ? -3.371  6.798   -3.212  1.00 9.05  ? 18  VAL A N   1 
ATOM   44   C CA  . VAL A 1 18  ? -3.250  7.993   -2.348  1.00 8.71  ? 18  VAL A CA  1 
ATOM   45   C C   . VAL A 1 18  ? -1.784  8.202   -1.974  1.00 9.39  ? 18  VAL A C   1 
ATOM   46   O O   . VAL A 1 18  ? -1.137  7.235   -1.483  1.00 9.17  ? 18  VAL A O   1 
ATOM   47   C CB  . VAL A 1 18  ? -4.123  7.802   -1.063  1.00 11.22 ? 18  VAL A CB  1 
ATOM   48   C CG1 . VAL A 1 18  ? -3.943  9.018   -0.167  1.00 12.67 ? 18  VAL A CG1 1 
ATOM   49   C CG2 . VAL A 1 18  ? -5.551  7.619   -1.405  1.00 13.58 ? 18  VAL A CG2 1 
ATOM   50   N N   . GLU A 1 19  ? -1.196  9.352   -2.243  1.00 8.36  ? 19  GLU A N   1 
ATOM   51   C CA  . GLU A 1 19  ? 0.208   9.694   -1.818  1.00 8.19  ? 19  GLU A CA  1 
ATOM   52   C C   . GLU A 1 19  ? 0.150   10.218  -0.398  1.00 8.97  ? 19  GLU A C   1 
ATOM   53   O O   . GLU A 1 19  ? -0.493  11.222  -0.117  1.00 13.21 ? 19  GLU A O   1 
ATOM   54   C CB  . GLU A 1 19  ? 0.764   10.801  -2.743  1.00 8.45  ? 19  GLU A CB  1 
ATOM   55   C CG  . GLU A 1 19  ? 2.275   11.025  -2.588  1.00 10.34 ? 19  GLU A CG  1 
ATOM   56   C CD  . GLU A 1 19  ? 3.083   9.945   -3.242  1.00 13.81 ? 19  GLU A CD  1 
ATOM   57   O OE1 . GLU A 1 19  ? 2.871   9.738   -4.462  1.00 16.53 ? 19  GLU A OE1 1 
ATOM   58   O OE2 . GLU A 1 19  ? 3.991   9.283   -2.623  1.00 10.26 ? 19  GLU A OE2 1 
ATOM   59   N N   . LEU A 1 20  ? 0.745   9.433   0.503   1.00 7.51  ? 20  LEU A N   1 
ATOM   60   C CA  . LEU A 1 20  ? 0.854   9.846   1.911   1.00 6.44  ? 20  LEU A CA  1 
ATOM   61   C C   . LEU A 1 20  ? 1.998   10.679  2.233   1.00 7.27  ? 20  LEU A C   1 
ATOM   62   O O   . LEU A 1 20  ? 3.037   10.671  1.576   1.00 8.96  ? 20  LEU A O   1 
ATOM   63   C CB  . LEU A 1 20  ? 0.994   8.533   2.750   1.00 8.23  ? 20  LEU A CB  1 
ATOM   64   C CG  . LEU A 1 20  ? -0.064  7.458   2.526   1.00 9.30  ? 20  LEU A CG  1 
ATOM   65   C CD1 . LEU A 1 20  ? 0.336   6.068   3.121   1.00 10.89 ? 20  LEU A CD1 1 
ATOM   66   C CD2 . LEU A 1 20  ? -1.460  7.880   2.966   1.00 9.69  ? 20  LEU A CD2 1 
ATOM   67   N N   . THR A 1 21  ? 1.821   11.401  3.347   1.00 6.65  ? 21  THR A N   1 
ATOM   68   C CA  . THR A 1 21  ? 2.934   12.116  3.964   1.00 8.06  ? 21  THR A CA  1 
ATOM   69   C C   . THR A 1 21  ? 2.994   11.761  5.451   1.00 7.96  ? 21  THR A C   1 
ATOM   70   O O   . THR A 1 21  ? 2.130   11.024  5.967   1.00 7.97  ? 21  THR A O   1 
ATOM   71   C CB  . THR A 1 21  ? 2.813   13.664  3.896   1.00 8.50  ? 21  THR A CB  1 
ATOM   72   O OG1 . THR A 1 21  ? 1.699   14.055  4.683   1.00 10.77 ? 21  THR A OG1 1 
ATOM   73   C CG2 . THR A 1 21  ? 2.477   14.056  2.459   1.00 11.79 ? 21  THR A CG2 1 
ATOM   74   N N   . ASP A 1 22  ? 4.002   12.258  6.126   1.00 7.64  ? 22  ASP A N   1 
ATOM   75   C CA  . ASP A 1 22  ? 4.062   11.953  7.541   1.00 8.36  ? 22  ASP A CA  1 
ATOM   76   C C   . ASP A 1 22  ? 2.826   12.557  8.258   1.00 9.45  ? 22  ASP A C   1 
ATOM   77   O O   . ASP A 1 22  ? 2.406   11.959  9.267   1.00 10.27 ? 22  ASP A O   1 
ATOM   78   C CB  . ASP A 1 22  ? 5.411   12.343  8.183   1.00 9.17  ? 22  ASP A CB  1 
ATOM   79   C CG  . ASP A 1 22  ? 5.846   13.820  7.944   1.00 7.98  ? 22  ASP A CG  1 
ATOM   80   O OD1 . ASP A 1 22  ? 5.136   14.626  7.334   1.00 9.46  ? 22  ASP A OD1 1 
ATOM   81   O OD2 . ASP A 1 22  ? 7.006   14.086  8.335   1.00 7.43  ? 22  ASP A OD2 1 
ATOM   82   N N   . GLU A 1 23  ? 2.276   13.665  7.741   1.00 8.40  ? 23  GLU A N   1 
ATOM   83   C CA  . GLU A 1 23  ? 1.076   14.260  8.439   1.00 8.53  ? 23  GLU A CA  1 
ATOM   84   C C   . GLU A 1 23  ? -0.171  13.512  8.199   1.00 10.11 ? 23  GLU A C   1 
ATOM   85   O O   . GLU A 1 23  ? -1.070  13.515  9.082   1.00 12.21 ? 23  GLU A O   1 
ATOM   86   C CB  . GLU A 1 23  ? 0.817   15.697  7.932   1.00 9.73  ? 23  GLU A CB  1 
ATOM   87   C CG  . GLU A 1 23  ? 2.086   16.463  8.102   1.00 13.13 ? 23  GLU A CG  1 
ATOM   88   C CD  . GLU A 1 23  ? 2.086   17.976  8.010   1.00 19.70 ? 23  GLU A CD  1 
ATOM   89   O OE1 . GLU A 1 23  ? 1.254   18.575  7.309   1.00 19.44 ? 23  GLU A OE1 1 
ATOM   90   O OE2 . GLU A 1 23  ? 3.063   18.476  8.618   1.00 23.87 ? 23  GLU A OE2 1 
ATOM   91   N N   . THR A 1 24  ? -0.339  12.933  6.987   1.00 8.21  ? 24  THR A N   1 
ATOM   92   C CA  . THR A 1 24  ? -1.555  12.280  6.692   1.00 8.72  ? 24  THR A CA  1 
ATOM   93   C C   . THR A 1 24  ? -1.553  10.772  6.881   1.00 8.22  ? 24  THR A C   1 
ATOM   94   O O   . THR A 1 24  ? -2.610  10.119  6.837   1.00 8.52  ? 24  THR A O   1 
ATOM   95   C CB  . THR A 1 24  ? -2.026  12.497  5.261   1.00 8.53  ? 24  THR A CB  1 
ATOM   96   O OG1 . THR A 1 24  ? -1.028  11.937  4.388   1.00 9.59  ? 24  THR A OG1 1 
ATOM   97   C CG2 . THR A 1 24  ? -2.199  13.973  4.893   1.00 13.24 ? 24  THR A CG2 1 
ATOM   98   N N   . PHE A 1 25  ? -0.379  10.185  7.230   1.00 7.57  ? 25  PHE A N   1 
ATOM   99   C CA  . PHE A 1 25  ? -0.277  8.722   7.230   1.00 7.07  ? 25  PHE A CA  1 
ATOM   100  C C   . PHE A 1 25  ? -1.282  8.057   8.150   1.00 8.35  ? 25  PHE A C   1 
ATOM   101  O O   . PHE A 1 25  ? -2.028  7.171   7.683   1.00 7.95  ? 25  PHE A O   1 
ATOM   102  C CB  . PHE A 1 25  ? 1.144   8.344   7.684   1.00 7.16  ? 25  PHE A CB  1 
ATOM   103  C CG  . PHE A 1 25  ? 1.437   6.876   7.508   1.00 6.36  ? 25  PHE A CG  1 
ATOM   104  C CD1 . PHE A 1 25  ? 2.075   6.374   6.341   1.00 7.31  ? 25  PHE A CD1 1 
ATOM   105  C CD2 . PHE A 1 25  ? 1.097   5.961   8.521   1.00 8.11  ? 25  PHE A CD2 1 
ATOM   106  C CE1 . PHE A 1 25  ? 2.342   4.994   6.187   1.00 8.84  ? 25  PHE A CE1 1 
ATOM   107  C CE2 . PHE A 1 25  ? 1.333   4.597   8.375   1.00 8.92  ? 25  PHE A CE2 1 
ATOM   108  C CZ  . PHE A 1 25  ? 1.989   4.103   7.203   1.00 8.92  ? 25  PHE A CZ  1 
ATOM   109  N N   . ASP A 1 26  ? -1.331  8.468   9.444   1.00 8.50  ? 26  ASP A N   1 
ATOM   110  C CA  . ASP A 1 26  ? -2.266  7.717   10.309  1.00 7.30  ? 26  ASP A CA  1 
ATOM   111  C C   . ASP A 1 26  ? -3.711  7.933   9.927   1.00 8.88  ? 26  ASP A C   1 
ATOM   112  O O   . ASP A 1 26  ? -4.491  7.037   10.070  1.00 9.58  ? 26  ASP A O   1 
ATOM   113  C CB  . ASP A 1 26  ? -2.077  8.053   11.766  1.00 7.17  ? 26  ASP A CB  1 
ATOM   114  C CG  . ASP A 1 26  ? -0.902  7.397   12.410  1.00 11.90 ? 26  ASP A CG  1 
ATOM   115  O OD1 . ASP A 1 26  ? -0.104  6.653   11.795  1.00 10.63 ? 26  ASP A OD1 1 
ATOM   116  O OD2 . ASP A 1 26  ? -0.651  7.733   13.602  1.00 17.94 ? 26  ASP A OD2 1 
ATOM   117  N N   . SER A 1 27  ? -4.044  9.176   9.530   1.00 7.42  ? 27  SER A N   1 
ATOM   118  C CA  . SER A 1 27  ? -5.474  9.443   9.260   1.00 10.02 ? 27  SER A CA  1 
ATOM   119  C C   . SER A 1 27  ? -5.999  8.564   8.120   1.00 9.68  ? 27  SER A C   1 
ATOM   120  O O   . SER A 1 27  ? -7.190  8.172   8.134   1.00 12.02 ? 27  SER A O   1 
ATOM   121  C CB  . SER A 1 27  ? -5.712  10.944  8.971   1.00 10.68 ? 27  SER A CB  1 
ATOM   122  O OG  . SER A 1 27  ? -5.008  11.356  7.821   1.00 17.94 ? 27  SER A OG  1 
ATOM   123  N N   . ILE A 1 28  ? -5.136  8.221   7.163   1.00 9.10  ? 28  ILE A N   1 
ATOM   124  C CA  . ILE A 1 28  ? -5.590  7.402   6.027   1.00 9.45  ? 28  ILE A CA  1 
ATOM   125  C C   . ILE A 1 28  ? -5.371  5.913   6.331   1.00 9.77  ? 28  ILE A C   1 
ATOM   126  O O   . ILE A 1 28  ? -6.277  5.087   6.238   1.00 11.83 ? 28  ILE A O   1 
ATOM   127  C CB  . ILE A 1 28  ? -4.768  7.788   4.784   1.00 10.13 ? 28  ILE A CB  1 
ATOM   128  C CG1 . ILE A 1 28  ? -5.103  9.245   4.356   1.00 12.05 ? 28  ILE A CG1 1 
ATOM   129  C CG2 . ILE A 1 28  ? -5.004  6.828   3.640   1.00 13.20 ? 28  ILE A CG2 1 
ATOM   130  C CD1 A ILE A 1 28  ? -4.132  9.831   3.426   0.50 11.75 ? 28  ILE A CD1 1 
ATOM   131  C CD1 B ILE A 1 28  ? -6.603  9.477   4.018   0.50 9.08  ? 28  ILE A CD1 1 
ATOM   132  N N   . VAL A 1 29  ? -4.161  5.558   6.785   1.00 8.89  ? 29  VAL A N   1 
ATOM   133  C CA  . VAL A 1 29  ? -3.855  4.139   6.925   1.00 8.67  ? 29  VAL A CA  1 
ATOM   134  C C   . VAL A 1 29  ? -4.556  3.497   8.119   1.00 9.73  ? 29  VAL A C   1 
ATOM   135  O O   . VAL A 1 29  ? -4.958  2.309   8.033   1.00 9.82  ? 29  VAL A O   1 
ATOM   136  C CB  . VAL A 1 29  ? -2.302  3.980   7.050   1.00 7.39  ? 29  VAL A CB  1 
ATOM   137  C CG1 . VAL A 1 29  ? -1.866  2.475   7.296   1.00 9.09  ? 29  VAL A CG1 1 
ATOM   138  C CG2 . VAL A 1 29  ? -1.605  4.537   5.813   1.00 7.89  ? 29  VAL A CG2 1 
ATOM   139  N N   . MET A 1 30  ? -4.695  4.248   9.227   1.00 9.12  ? 30  MET A N   1 
ATOM   140  C CA  . MET A 1 30  ? -5.231  3.644   10.433  1.00 10.70 ? 30  MET A CA  1 
ATOM   141  C C   . MET A 1 30  ? -6.745  3.839   10.524  1.00 11.52 ? 30  MET A C   1 
ATOM   142  O O   . MET A 1 30  ? -7.348  3.509   11.538  1.00 13.26 ? 30  MET A O   1 
ATOM   143  C CB  . MET A 1 30  ? -4.510  4.193   11.694  1.00 12.23 ? 30  MET A CB  1 
ATOM   144  C CG  . MET A 1 30  ? -2.998  4.122   11.588  1.00 11.35 ? 30  MET A CG  1 
ATOM   145  S SD  . MET A 1 30  ? -2.495  2.401   11.390  1.00 13.58 ? 30  MET A SD  1 
ATOM   146  C CE  . MET A 1 30  ? -0.757  2.598   10.924  1.00 14.98 ? 30  MET A CE  1 
ATOM   147  N N   . ASP A 1 31  ? -7.348  4.316   9.463   1.00 11.24 ? 31  ASP A N   1 
ATOM   148  C CA  . ASP A 1 31  ? -8.802  4.498   9.455   1.00 12.49 ? 31  ASP A CA  1 
ATOM   149  C C   . ASP A 1 31  ? -9.505  3.126   9.633   1.00 12.08 ? 31  ASP A C   1 
ATOM   150  O O   . ASP A 1 31  ? -9.364  2.206   8.844   1.00 9.92  ? 31  ASP A O   1 
ATOM   151  C CB  . ASP A 1 31  ? -9.188  5.167   8.157   1.00 9.95  ? 31  ASP A CB  1 
ATOM   152  C CG  . ASP A 1 31  ? -10.685 5.470   8.077   1.00 15.92 ? 31  ASP A CG  1 
ATOM   153  O OD1 . ASP A 1 31  ? -10.968 6.331   7.250   1.00 14.82 ? 31  ASP A OD1 1 
ATOM   154  O OD2 . ASP A 1 31  ? -11.474 4.887   8.834   1.00 16.80 ? 31  ASP A OD2 1 
ATOM   155  N N   . PRO A 1 32  ? -10.377 3.002   10.654  1.00 10.86 ? 32  PRO A N   1 
ATOM   156  C CA  . PRO A 1 32  ? -10.976 1.720   10.895  1.00 12.00 ? 32  PRO A CA  1 
ATOM   157  C C   . PRO A 1 32  ? -12.053 1.319   9.947   1.00 7.65  ? 32  PRO A C   1 
ATOM   158  O O   . PRO A 1 32  ? -12.522 0.184   9.997   1.00 8.82  ? 32  PRO A O   1 
ATOM   159  C CB  . PRO A 1 32  ? -11.421 1.821   12.342  1.00 13.31 ? 32  PRO A CB  1 
ATOM   160  C CG  . PRO A 1 32  ? -11.690 3.198   12.466  1.00 14.33 ? 32  PRO A CG  1 
ATOM   161  C CD  . PRO A 1 32  ? -10.603 3.879   11.808  1.00 13.78 ? 32  PRO A CD  1 
ATOM   162  N N   . GLU A 1 33  ? -12.451 2.227   9.063   1.00 9.53  ? 33  GLU A N   1 
ATOM   163  C CA  . GLU A 1 33  ? -13.396 1.809   8.003   1.00 8.61  ? 33  GLU A CA  1 
ATOM   164  C C   . GLU A 1 33  ? -12.749 1.363   6.731   1.00 9.42  ? 33  GLU A C   1 
ATOM   165  O O   . GLU A 1 33  ? -13.481 0.966   5.803   1.00 11.30 ? 33  GLU A O   1 
ATOM   166  C CB  . GLU A 1 33  ? -14.371 2.929   7.563   1.00 9.81  ? 33  GLU A CB  1 
ATOM   167  C CG  . GLU A 1 33  ? -15.424 3.101   8.539   1.00 8.10  ? 33  GLU A CG  1 
ATOM   168  C CD  . GLU A 1 33  ? -16.416 4.164   8.085   1.00 10.99 ? 33  GLU A CD  1 
ATOM   169  O OE1 . GLU A 1 33  ? -17.114 3.900   7.055   1.00 12.27 ? 33  GLU A OE1 1 
ATOM   170  O OE2 . GLU A 1 33  ? -16.451 5.188   8.742   1.00 10.63 ? 33  GLU A OE2 1 
ATOM   171  N N   . LYS A 1 34  ? -11.411 1.447   6.661   1.00 8.46  ? 34  LYS A N   1 
ATOM   172  C CA  . LYS A 1 34  ? -10.705 1.146   5.421   1.00 9.16  ? 34  LYS A CA  1 
ATOM   173  C C   . LYS A 1 34  ? -9.721  0.009   5.577   1.00 9.17  ? 34  LYS A C   1 
ATOM   174  O O   . LYS A 1 34  ? -9.081  -0.172  6.620   1.00 8.74  ? 34  LYS A O   1 
ATOM   175  C CB  . LYS A 1 34  ? -9.928  2.379   4.893   1.00 9.18  ? 34  LYS A CB  1 
ATOM   176  C CG  . LYS A 1 34  ? -10.791 3.638   4.743   1.00 12.62 ? 34  LYS A CG  1 
ATOM   177  C CD  . LYS A 1 34  ? -11.778 3.441   3.540   1.00 14.26 ? 34  LYS A CD  1 
ATOM   178  C CE  . LYS A 1 34  ? -12.574 4.815   3.332   1.00 19.57 ? 34  LYS A CE  1 
ATOM   179  N NZ  . LYS A 1 34  ? -13.532 4.574   2.216   1.00 22.50 ? 34  LYS A NZ  1 
ATOM   180  N N   . ASP A 1 35  ? -9.564  -0.745  4.494   1.00 8.42  ? 35  ASP A N   1 
ATOM   181  C CA  . ASP A 1 35  ? -8.490  -1.719  4.376   1.00 8.13  ? 35  ASP A CA  1 
ATOM   182  C C   . ASP A 1 35  ? -7.422  -1.071  3.462   1.00 8.13  ? 35  ASP A C   1 
ATOM   183  O O   . ASP A 1 35  ? -7.703  -0.849  2.266   1.00 8.33  ? 35  ASP A O   1 
ATOM   184  C CB  . ASP A 1 35  ? -9.023  -2.954  3.637   1.00 10.12 ? 35  ASP A CB  1 
ATOM   185  C CG  . ASP A 1 35  ? -10.101 -3.721  4.481   1.00 11.93 ? 35  ASP A CG  1 
ATOM   186  O OD1 . ASP A 1 35  ? -9.818  -4.052  5.656   1.00 10.76 ? 35  ASP A OD1 1 
ATOM   187  O OD2 . ASP A 1 35  ? -11.163 -4.048  3.921   1.00 17.59 ? 35  ASP A OD2 1 
ATOM   188  N N   . VAL A 1 36  ? -6.271  -0.745  4.046   1.00 7.15  ? 36  VAL A N   1 
ATOM   189  C CA  . VAL A 1 36  ? -5.338  0.162   3.355   1.00 6.87  ? 36  VAL A CA  1 
ATOM   190  C C   . VAL A 1 36  ? -4.046  -0.605  2.988   1.00 7.18  ? 36  VAL A C   1 
ATOM   191  O O   . VAL A 1 36  ? -3.360  -1.057  3.937   1.00 7.41  ? 36  VAL A O   1 
ATOM   192  C CB  . VAL A 1 36  ? -5.020  1.388   4.188   1.00 6.83  ? 36  VAL A CB  1 
ATOM   193  C CG1 . VAL A 1 36  ? -4.160  2.375   3.335   1.00 8.04  ? 36  VAL A CG1 1 
ATOM   194  C CG2 . VAL A 1 36  ? -6.343  2.078   4.645   1.00 7.34  ? 36  VAL A CG2 1 
ATOM   195  N N   . PHE A 1 37  ? -3.758  -0.746  1.693   1.00 6.51  ? 37  PHE A N   1 
ATOM   196  C CA  . PHE A 1 37  ? -2.507  -1.473  1.335   1.00 5.80  ? 37  PHE A CA  1 
ATOM   197  C C   . PHE A 1 37  ? -1.476  -0.415  0.979   1.00 6.53  ? 37  PHE A C   1 
ATOM   198  O O   . PHE A 1 37  ? -1.654  0.341   -0.001  1.00 7.11  ? 37  PHE A O   1 
ATOM   199  C CB  . PHE A 1 37  ? -2.856  -2.314  0.095   1.00 7.64  ? 37  PHE A CB  1 
ATOM   200  C CG  . PHE A 1 37  ? -2.037  -3.609  -0.039  1.00 6.32  ? 37  PHE A CG  1 
ATOM   201  C CD1 . PHE A 1 37  ? -0.842  -3.831  0.657   1.00 6.70  ? 37  PHE A CD1 1 
ATOM   202  C CD2 . PHE A 1 37  ? -2.444  -4.573  -0.966  1.00 7.96  ? 37  PHE A CD2 1 
ATOM   203  C CE1 . PHE A 1 37  ? -0.062  -5.043  0.454   1.00 7.17  ? 37  PHE A CE1 1 
ATOM   204  C CE2 . PHE A 1 37  ? -1.721  -5.748  -1.170  1.00 9.25  ? 37  PHE A CE2 1 
ATOM   205  C CZ  . PHE A 1 37  ? -0.530  -6.014  -0.460  1.00 7.84  ? 37  PHE A CZ  1 
ATOM   206  N N   . VAL A 1 38  ? -0.407  -0.360  1.811   1.00 6.27  ? 38  VAL A N   1 
ATOM   207  C CA  . VAL A 1 38  ? 0.635   0.696   1.695   1.00 7.51  ? 38  VAL A CA  1 
ATOM   208  C C   . VAL A 1 38  ? 1.838   0.159   0.961   1.00 6.99  ? 38  VAL A C   1 
ATOM   209  O O   . VAL A 1 38  ? 2.378   -0.916  1.338   1.00 6.38  ? 38  VAL A O   1 
ATOM   210  C CB  . VAL A 1 38  ? 1.047   1.163   3.096   1.00 6.43  ? 38  VAL A CB  1 
ATOM   211  C CG1 . VAL A 1 38  ? 2.151   2.257   2.976   1.00 9.45  ? 38  VAL A CG1 1 
ATOM   212  C CG2 . VAL A 1 38  ? -0.145  1.778   3.821   1.00 6.99  ? 38  VAL A CG2 1 
ATOM   213  N N   . LEU A 1 39  ? 2.265   0.878   -0.067  1.00 7.00  ? 39  LEU A N   1 
ATOM   214  C CA  . LEU A 1 39  ? 3.576   0.640   -0.720  1.00 6.33  ? 39  LEU A CA  1 
ATOM   215  C C   . LEU A 1 39  ? 4.549   1.682   -0.156  1.00 6.98  ? 39  LEU A C   1 
ATOM   216  O O   . LEU A 1 39  ? 4.309   2.920   -0.322  1.00 7.78  ? 39  LEU A O   1 
ATOM   217  C CB  . LEU A 1 39  ? 3.415   0.861   -2.229  1.00 6.96  ? 39  LEU A CB  1 
ATOM   218  C CG  . LEU A 1 39  ? 4.730   1.036   -3.000  1.00 6.48  ? 39  LEU A CG  1 
ATOM   219  C CD1 . LEU A 1 39  ? 5.535   -0.298  -2.900  1.00 9.36  ? 39  LEU A CD1 1 
ATOM   220  C CD2 . LEU A 1 39  ? 4.405   1.336   -4.468  1.00 7.79  ? 39  LEU A CD2 1 
ATOM   221  N N   . TYR A 1 40  ? 5.608   1.186   0.493   1.00 7.55  ? 40  TYR A N   1 
ATOM   222  C CA  . TYR A 1 40  ? 6.732   2.093   0.883   1.00 6.51  ? 40  TYR A CA  1 
ATOM   223  C C   . TYR A 1 40  ? 7.788   1.952   -0.202  1.00 5.54  ? 40  TYR A C   1 
ATOM   224  O O   . TYR A 1 40  ? 8.186   0.817   -0.537  1.00 6.51  ? 40  TYR A O   1 
ATOM   225  C CB  . TYR A 1 40  ? 7.300   1.568   2.203   1.00 7.31  ? 40  TYR A CB  1 
ATOM   226  C CG  . TYR A 1 40  ? 6.317   1.522   3.378   1.00 6.56  ? 40  TYR A CG  1 
ATOM   227  C CD1 . TYR A 1 40  ? 5.538   0.369   3.687   1.00 7.07  ? 40  TYR A CD1 1 
ATOM   228  C CD2 . TYR A 1 40  ? 6.235   2.607   4.201   1.00 6.22  ? 40  TYR A CD2 1 
ATOM   229  C CE1 . TYR A 1 40  ? 4.708   0.354   4.779   1.00 7.62  ? 40  TYR A CE1 1 
ATOM   230  C CE2 . TYR A 1 40  ? 5.386   2.611   5.306   1.00 7.04  ? 40  TYR A CE2 1 
ATOM   231  C CZ  . TYR A 1 40  ? 4.641   1.482   5.592   1.00 8.70  ? 40  TYR A CZ  1 
ATOM   232  O OH  . TYR A 1 40  ? 3.807   1.445   6.687   1.00 8.08  ? 40  TYR A OH  1 
ATOM   233  N N   . TYR A 1 41  ? 8.148   3.090   -0.838  1.00 5.80  ? 41  TYR A N   1 
ATOM   234  C CA  . TYR A 1 41  ? 9.077   3.052   -1.991  1.00 6.70  ? 41  TYR A CA  1 
ATOM   235  C C   . TYR A 1 41  ? 10.125  4.124   -1.864  1.00 6.92  ? 41  TYR A C   1 
ATOM   236  O O   . TYR A 1 41  ? 9.955   5.078   -1.070  1.00 7.54  ? 41  TYR A O   1 
ATOM   237  C CB  . TYR A 1 41  ? 8.260   3.281   -3.273  1.00 8.70  ? 41  TYR A CB  1 
ATOM   238  C CG  . TYR A 1 41  ? 7.682   4.702   -3.424  1.00 7.01  ? 41  TYR A CG  1 
ATOM   239  C CD1 . TYR A 1 41  ? 8.368   5.670   -4.143  1.00 7.27  ? 41  TYR A CD1 1 
ATOM   240  C CD2 . TYR A 1 41  ? 6.465   5.035   -2.876  1.00 7.00  ? 41  TYR A CD2 1 
ATOM   241  C CE1 . TYR A 1 41  ? 7.879   6.976   -4.263  1.00 8.93  ? 41  TYR A CE1 1 
ATOM   242  C CE2 . TYR A 1 41  ? 5.948   6.354   -2.982  1.00 8.29  ? 41  TYR A CE2 1 
ATOM   243  C CZ  . TYR A 1 41  ? 6.657   7.285   -3.735  1.00 9.04  ? 41  TYR A CZ  1 
ATOM   244  O OH  . TYR A 1 41  ? 6.180   8.562   -3.915  1.00 10.59 ? 41  TYR A OH  1 
ATOM   245  N N   . VAL A 1 42  ? 11.170  3.964   -2.690  1.00 6.56  ? 42  VAL A N   1 
ATOM   246  C CA  . VAL A 1 42  ? 12.130  5.082   -2.913  1.00 7.02  ? 42  VAL A CA  1 
ATOM   247  C C   . VAL A 1 42  ? 12.136  5.346   -4.398  1.00 9.14  ? 42  VAL A C   1 
ATOM   248  O O   . VAL A 1 42  ? 12.271  4.443   -5.193  1.00 9.71  ? 42  VAL A O   1 
ATOM   249  C CB  . VAL A 1 42  ? 13.552  4.805   -2.342  1.00 7.85  ? 42  VAL A CB  1 
ATOM   250  C CG1 . VAL A 1 42  ? 13.509  4.846   -0.782  1.00 9.07  ? 42  VAL A CG1 1 
ATOM   251  C CG2 . VAL A 1 42  ? 14.136  3.480   -2.804  1.00 7.63  ? 42  VAL A CG2 1 
ATOM   252  N N   . PRO A 1 43  ? 12.059  6.596   -4.796  1.00 9.32  ? 43  PRO A N   1 
ATOM   253  C CA  . PRO A 1 43  ? 11.717  6.819   -6.214  1.00 9.11  ? 43  PRO A CA  1 
ATOM   254  C C   . PRO A 1 43  ? 12.826  6.549   -7.146  1.00 9.69  ? 43  PRO A C   1 
ATOM   255  O O   . PRO A 1 43  ? 12.540  6.323   -8.340  1.00 11.17 ? 43  PRO A O   1 
ATOM   256  C CB  . PRO A 1 43  ? 11.490  8.348   -6.290  1.00 12.12 ? 43  PRO A CB  1 
ATOM   257  C CG  . PRO A 1 43  ? 12.168  8.928   -4.912  1.00 11.01 ? 43  PRO A CG  1 
ATOM   258  C CD  . PRO A 1 43  ? 11.880  7.792   -3.939  1.00 9.78  ? 43  PRO A CD  1 
ATOM   259  N N   . TRP A 1 44  ? 14.069  6.555   -6.669  1.00 9.26  ? 44  TRP A N   1 
ATOM   260  C CA  . TRP A 1 44  ? 15.255  6.384   -7.605  1.00 11.60 ? 44  TRP A CA  1 
ATOM   261  C C   . TRP A 1 44  ? 15.628  4.950   -7.864  1.00 10.63 ? 44  TRP A C   1 
ATOM   262  O O   . TRP A 1 44  ? 16.608  4.683   -8.523  1.00 10.87 ? 44  TRP A O   1 
ATOM   263  C CB  . TRP A 1 44  ? 16.464  7.021   -7.030  1.00 12.67 ? 44  TRP A CB  1 
ATOM   264  C CG  . TRP A 1 44  ? 16.849  6.265   -5.888  1.00 15.76 ? 44  TRP A CG  1 
ATOM   265  C CD1 . TRP A 1 44  ? 17.484  5.011   -5.823  1.00 17.90 ? 44  TRP A CD1 1 
ATOM   266  C CD2 . TRP A 1 44  ? 16.589  6.647   -4.605  1.00 10.27 ? 44  TRP A CD2 1 
ATOM   267  N NE1 . TRP A 1 44  ? 17.625  4.638   -4.530  1.00 13.99 ? 44  TRP A NE1 1 
ATOM   268  C CE2 . TRP A 1 44  ? 17.081  5.630   -3.750  1.00 15.59 ? 44  TRP A CE2 1 
ATOM   269  C CE3 . TRP A 1 44  ? 16.016  7.782   -4.056  1.00 12.88 ? 44  TRP A CE3 1 
ATOM   270  C CZ2 . TRP A 1 44  ? 16.970  5.719   -2.380  1.00 13.14 ? 44  TRP A CZ2 1 
ATOM   271  C CZ3 . TRP A 1 44  ? 15.901  7.856   -2.742  1.00 15.48 ? 44  TRP A CZ3 1 
ATOM   272  C CH2 . TRP A 1 44  ? 16.426  6.864   -1.894  1.00 17.34 ? 44  TRP A CH2 1 
ATOM   273  N N   . SER A 1 45  ? 14.883  4.053   -7.317  1.00 7.59  ? 45  SER A N   1 
ATOM   274  C CA  . SER A 1 45  ? 15.110  2.638   -7.593  1.00 8.25  ? 45  SER A CA  1 
ATOM   275  C C   . SER A 1 45  ? 14.150  2.130   -8.742  1.00 8.96  ? 45  SER A C   1 
ATOM   276  O O   . SER A 1 45  ? 12.894  2.159   -8.561  1.00 10.35 ? 45  SER A O   1 
ATOM   277  C CB  . SER A 1 45  ? 14.803  1.835   -6.277  1.00 8.07  ? 45  SER A CB  1 
ATOM   278  O OG  . SER A 1 45  ? 14.584  0.430   -6.533  1.00 9.41  ? 45  SER A OG  1 
ATOM   279  N N   . ARG A 1 46  ? 14.719  1.391   -9.739  1.00 9.95  ? 46  ARG A N   1 
ATOM   280  C CA  . ARG A 1 46  ? 13.832  0.673   -10.711 1.00 9.72  ? 46  ARG A CA  1 
ATOM   281  C C   . ARG A 1 46  ? 12.816  -0.295  -10.083 1.00 11.14 ? 46  ARG A C   1 
ATOM   282  O O   . ARG A 1 46  ? 11.665  -0.403  -10.536 1.00 9.90  ? 46  ARG A O   1 
ATOM   283  C CB  . ARG A 1 46  ? 14.700  -0.081  -11.735 1.00 11.93 ? 46  ARG A CB  1 
ATOM   284  C CG  . ARG A 1 46  ? 13.881  -0.889  -12.693 1.00 10.04 ? 46  ARG A CG  1 
ATOM   285  C CD  . ARG A 1 46  ? 14.766  -1.428  -13.833 1.00 15.01 ? 46  ARG A CD  1 
ATOM   286  N NE  . ARG A 1 46  ? 15.790  -2.377  -13.367 1.00 14.87 ? 46  ARG A NE  1 
ATOM   287  C CZ  . ARG A 1 46  ? 16.650  -2.987  -14.193 1.00 22.82 ? 46  ARG A CZ  1 
ATOM   288  N NH1 . ARG A 1 46  ? 16.628  -2.778  -15.528 1.00 18.54 ? 46  ARG A NH1 1 
ATOM   289  N NH2 . ARG A 1 46  ? 17.552  -3.830  -13.689 1.00 25.47 ? 46  ARG A NH2 1 
ATOM   290  N N   . HIS A 1 47  ? 13.177  -1.025  -9.080  1.00 8.49  ? 47  HIS A N   1 
ATOM   291  C CA  . HIS A 1 47  ? 12.215  -1.925  -8.444  1.00 8.39  ? 47  HIS A CA  1 
ATOM   292  C C   . HIS A 1 47  ? 11.063  -1.193  -7.825  1.00 9.67  ? 47  HIS A C   1 
ATOM   293  O O   . HIS A 1 47  ? 9.942   -1.707  -7.835  1.00 11.55 ? 47  HIS A O   1 
ATOM   294  C CB  . HIS A 1 47  ? 12.831  -2.704  -7.292  1.00 10.03 ? 47  HIS A CB  1 
ATOM   295  C CG  . HIS A 1 47  ? 13.705  -3.829  -7.706  1.00 11.04 ? 47  HIS A CG  1 
ATOM   296  N ND1 . HIS A 1 47  ? 13.469  -4.598  -8.832  1.00 19.66 ? 47  HIS A ND1 1 
ATOM   297  C CD2 . HIS A 1 47  ? 14.889  -4.253  -7.206  1.00 11.81 ? 47  HIS A CD2 1 
ATOM   298  C CE1 . HIS A 1 47  ? 14.425  -5.514  -8.938  1.00 21.50 ? 47  HIS A CE1 1 
ATOM   299  N NE2 . HIS A 1 47  ? 15.261  -5.362  -7.930  1.00 18.18 ? 47  HIS A NE2 1 
ATOM   300  N N   . SER A 1 48  ? 11.364  -0.067  -7.171  1.00 11.08 ? 48  SER A N   1 
ATOM   301  C CA  . SER A 1 48  ? 10.253  0.770   -6.637  1.00 9.79  ? 48  SER A CA  1 
ATOM   302  C C   . SER A 1 48  ? 9.421   1.417   -7.722  1.00 9.81  ? 48  SER A C   1 
ATOM   303  O O   . SER A 1 48  ? 8.194   1.480   -7.554  1.00 12.95 ? 48  SER A O   1 
ATOM   304  C CB  . SER A 1 48  ? 10.769  1.850   -5.681  1.00 11.79 ? 48  SER A CB  1 
ATOM   305  O OG  . SER A 1 48  ? 10.892  1.191   -4.388  1.00 7.41  ? 48  SER A OG  1 
ATOM   306  N N   . VAL A 1 49  ? 10.016  1.879   -8.758  1.00 8.94  ? 49  VAL A N   1 
ATOM   307  C CA  . VAL A 1 49  ? 9.220   2.300   -9.960  1.00 10.70 ? 49  VAL A CA  1 
ATOM   308  C C   . VAL A 1 49  ? 8.242   1.245   -10.519 1.00 12.26 ? 49  VAL A C   1 
ATOM   309  O O   . VAL A 1 49  ? 7.036   1.507   -10.835 1.00 10.79 ? 49  VAL A O   1 
ATOM   310  C CB  . VAL A 1 49  ? 10.084  2.722   -11.070 1.00 12.38 ? 49  VAL A CB  1 
ATOM   311  C CG1 . VAL A 1 49  ? 9.264   3.048   -12.344 1.00 16.46 ? 49  VAL A CG1 1 
ATOM   312  C CG2 . VAL A 1 49  ? 10.871  4.053   -10.661 1.00 14.37 ? 49  VAL A CG2 1 
ATOM   313  N N   . ALA A 1 50  ? 8.762   0.043   -10.628 1.00 10.57 ? 50  ALA A N   1 
ATOM   314  C CA  . ALA A 1 50  ? 7.893   -1.064  -11.015 1.00 9.67  ? 50  ALA A CA  1 
ATOM   315  C C   . ALA A 1 50  ? 6.748   -1.239  -10.028 1.00 8.85  ? 50  ALA A C   1 
ATOM   316  O O   . ALA A 1 50  ? 5.563   -1.534  -10.469 1.00 10.21 ? 50  ALA A O   1 
ATOM   317  C CB  . ALA A 1 50  ? 8.687   -2.381  -11.121 1.00 10.19 ? 50  ALA A CB  1 
ATOM   318  N N   . ALA A 1 51  ? 7.088   -1.191  -8.726  1.00 9.23  ? 51  ALA A N   1 
ATOM   319  C CA  . ALA A 1 51  ? 6.077   -1.389  -7.716  1.00 8.97  ? 51  ALA A CA  1 
ATOM   320  C C   . ALA A 1 51  ? 5.059   -0.199  -7.772  1.00 10.12 ? 51  ALA A C   1 
ATOM   321  O O   . ALA A 1 51  ? 3.881   -0.462  -7.512  1.00 8.24  ? 51  ALA A O   1 
ATOM   322  C CB  . ALA A 1 51  ? 6.753   -1.499  -6.297  1.00 12.34 ? 51  ALA A CB  1 
ATOM   323  N N   . MET A 1 52  ? 5.511   1.018   -8.112  1.00 9.21  ? 52  MET A N   1 
ATOM   324  C CA  . MET A 1 52  ? 4.546   2.123   -8.259  1.00 9.40  ? 52  MET A CA  1 
ATOM   325  C C   . MET A 1 52  ? 3.507   1.878   -9.351  1.00 8.75  ? 52  MET A C   1 
ATOM   326  O O   . MET A 1 52  ? 2.298   2.081   -9.136  1.00 8.10  ? 52  MET A O   1 
ATOM   327  C CB  . MET A 1 52  ? 5.319   3.449   -8.400  1.00 8.43  ? 52  MET A CB  1 
ATOM   328  C CG  A MET A 1 52  ? 5.788   4.074   -7.080  0.50 5.42  ? 52  MET A CG  1 
ATOM   329  C CG  B MET A 1 52  ? 6.330   3.544   -7.225  0.50 8.42  ? 52  MET A CG  1 
ATOM   330  S SD  A MET A 1 52  ? 6.444   5.738   -7.243  0.50 13.11 ? 52  MET A SD  1 
ATOM   331  S SD  B MET A 1 52  ? 7.662   4.778   -7.424  0.50 11.02 ? 52  MET A SD  1 
ATOM   332  C CE  A MET A 1 52  ? 7.924   5.344   -8.070  0.50 7.74  ? 52  MET A CE  1 
ATOM   333  C CE  B MET A 1 52  ? 6.617   6.157   -7.945  0.50 13.44 ? 52  MET A CE  1 
ATOM   334  N N   . ARG A 1 53  ? 3.966   1.399   -10.510 1.00 10.12 ? 53  ARG A N   1 
ATOM   335  C CA  . ARG A 1 53  ? 3.035   1.046   -11.581 1.00 9.40  ? 53  ARG A CA  1 
ATOM   336  C C   . ARG A 1 53  ? 2.028   -0.064  -11.131 1.00 9.05  ? 53  ARG A C   1 
ATOM   337  O O   . ARG A 1 53  ? 0.814   0.000   -11.390 1.00 9.08  ? 53  ARG A O   1 
ATOM   338  C CB  . ARG A 1 53  ? 3.861   0.545   -12.799 1.00 9.75  ? 53  ARG A CB  1 
ATOM   339  C CG  A ARG A 1 53  ? 2.982   -0.064  -13.763 0.50 13.13 ? 53  ARG A CG  1 
ATOM   340  C CG  B ARG A 1 53  ? 4.652   1.621   -13.619 0.50 11.36 ? 53  ARG A CG  1 
ATOM   341  C CD  A ARG A 1 53  ? 2.318   0.963   -14.625 0.50 19.94 ? 53  ARG A CD  1 
ATOM   342  C CD  B ARG A 1 53  ? 5.272   1.049   -15.004 0.50 13.05 ? 53  ARG A CD  1 
ATOM   343  N NE  A ARG A 1 53  ? 1.300   0.377   -15.497 0.50 26.59 ? 53  ARG A NE  1 
ATOM   344  N NE  B ARG A 1 53  ? 6.283   -0.014  -14.824 0.50 15.60 ? 53  ARG A NE  1 
ATOM   345  C CZ  A ARG A 1 53  ? 0.212   1.030   -15.878 0.50 28.12 ? 53  ARG A CZ  1 
ATOM   346  C CZ  B ARG A 1 53  ? 7.554   0.208   -14.486 0.50 17.23 ? 53  ARG A CZ  1 
ATOM   347  N NH1 A ARG A 1 53  ? 0.021   2.261   -15.421 0.50 31.43 ? 53  ARG A NH1 1 
ATOM   348  N NH1 B ARG A 1 53  ? 7.975   1.450   -14.330 0.50 19.90 ? 53  ARG A NH1 1 
ATOM   349  N NH2 A ARG A 1 53  ? -0.681  0.460   -16.680 0.50 28.36 ? 53  ARG A NH2 1 
ATOM   350  N NH2 B ARG A 1 53  ? 8.409   -0.790  -14.296 0.50 8.21  ? 53  ARG A NH2 1 
ATOM   351  N N   . LEU A 1 54  ? 2.566   -1.067  -10.466 1.00 7.68  ? 54  LEU A N   1 
ATOM   352  C CA  . LEU A 1 54  ? 1.712   -2.157  -9.950  1.00 6.68  ? 54  LEU A CA  1 
ATOM   353  C C   . LEU A 1 54  ? 0.651   -1.533  -9.027  1.00 7.41  ? 54  LEU A C   1 
ATOM   354  O O   . LEU A 1 54  ? -0.546  -1.920  -9.084  1.00 7.66  ? 54  LEU A O   1 
ATOM   355  C CB  . LEU A 1 54  ? 2.574   -3.198  -9.253  1.00 8.98  ? 54  LEU A CB  1 
ATOM   356  C CG  . LEU A 1 54  ? 1.828   -4.219  -8.394  1.00 9.94  ? 54  LEU A CG  1 
ATOM   357  C CD1 . LEU A 1 54  ? 1.053   -5.208  -9.263  1.00 13.36 ? 54  LEU A CD1 1 
ATOM   358  C CD2 . LEU A 1 54  ? 2.874   -4.978  -7.632  1.00 10.17 ? 54  LEU A CD2 1 
ATOM   359  N N   . TRP A 1 55  ? 1.078   -0.591  -8.184  1.00 7.34  ? 55  TRP A N   1 
ATOM   360  C CA  . TRP A 1 55  ? 0.102   -0.004  -7.263  1.00 7.20  ? 55  TRP A CA  1 
ATOM   361  C C   . TRP A 1 55  ? -1.003  0.830   -7.975  1.00 7.41  ? 55  TRP A C   1 
ATOM   362  O O   . TRP A 1 55  ? -2.189  0.797   -7.581  1.00 6.64  ? 55  TRP A O   1 
ATOM   363  C CB  . TRP A 1 55  ? 0.871   0.879   -6.182  1.00 8.05  ? 55  TRP A CB  1 
ATOM   364  C CG  . TRP A 1 55  ? 0.583   0.415   -4.782  1.00 6.26  ? 55  TRP A CG  1 
ATOM   365  C CD1 . TRP A 1 55  ? 0.034   1.172   -3.747  1.00 8.12  ? 55  TRP A CD1 1 
ATOM   366  C CD2 . TRP A 1 55  ? 0.766   -0.885  -4.303  1.00 5.90  ? 55  TRP A CD2 1 
ATOM   367  N NE1 . TRP A 1 55  ? -0.122  0.376   -2.616  1.00 8.01  ? 55  TRP A NE1 1 
ATOM   368  C CE2 . TRP A 1 55  ? 0.310   -0.906  -2.937  1.00 6.94  ? 55  TRP A CE2 1 
ATOM   369  C CE3 . TRP A 1 55  ? 1.223   -2.078  -4.905  1.00 6.94  ? 55  TRP A CE3 1 
ATOM   370  C CZ2 . TRP A 1 55  ? 0.375   -2.087  -2.155  1.00 7.67  ? 55  TRP A CZ2 1 
ATOM   371  C CZ3 . TRP A 1 55  ? 1.311   -3.274  -4.079  1.00 7.52  ? 55  TRP A CZ3 1 
ATOM   372  C CH2 . TRP A 1 55  ? 0.809   -3.243  -2.740  1.00 7.31  ? 55  TRP A CH2 1 
ATOM   373  N N   . ASP A 1 56  ? -0.646  1.530   -9.036  1.00 7.99  ? 56  ASP A N   1 
ATOM   374  C CA  . ASP A 1 56  ? -1.653  2.204   -9.845  1.00 7.13  ? 56  ASP A CA  1 
ATOM   375  C C   . ASP A 1 56  ? -2.650  1.154   -10.353 1.00 7.03  ? 56  ASP A C   1 
ATOM   376  O O   . ASP A 1 56  ? -3.892  1.316   -10.236 1.00 7.67  ? 56  ASP A O   1 
ATOM   377  C CB  . ASP A 1 56  ? -0.929  2.899   -11.029 1.00 9.31  ? 56  ASP A CB  1 
ATOM   378  C CG  . ASP A 1 56  ? -0.132  4.093   -10.584 1.00 9.82  ? 56  ASP A CG  1 
ATOM   379  O OD1 . ASP A 1 56  ? -0.418  4.687   -9.538  1.00 9.42  ? 56  ASP A OD1 1 
ATOM   380  O OD2 . ASP A 1 56  ? 0.820   4.387   -11.377 1.00 13.08 ? 56  ASP A OD2 1 
ATOM   381  N N   . ASP A 1 57  ? -2.097  0.082   -10.920 1.00 7.36  ? 57  ASP A N   1 
ATOM   382  C CA  . ASP A 1 57  ? -2.995  -0.946  -11.489 1.00 8.36  ? 57  ASP A CA  1 
ATOM   383  C C   . ASP A 1 57  ? -3.851  -1.635  -10.383 1.00 7.89  ? 57  ASP A C   1 
ATOM   384  O O   . ASP A 1 57  ? -5.053  -1.918  -10.601 1.00 9.06  ? 57  ASP A O   1 
ATOM   385  C CB  . ASP A 1 57  ? -2.158  -2.020  -12.206 1.00 8.98  ? 57  ASP A CB  1 
ATOM   386  C CG  . ASP A 1 57  ? -1.525  -1.517  -13.467 1.00 12.96 ? 57  ASP A CG  1 
ATOM   387  O OD1 . ASP A 1 57  ? -1.843  -0.416  -13.903 1.00 12.78 ? 57  ASP A OD1 1 
ATOM   388  O OD2 . ASP A 1 57  ? -0.681  -2.293  -14.010 1.00 16.37 ? 57  ASP A OD2 1 
ATOM   389  N N   . LEU A 1 58  ? -3.262  -1.862  -9.212  1.00 7.11  ? 58  LEU A N   1 
ATOM   390  C CA  . LEU A 1 58  ? -4.007  -2.427  -8.095  1.00 6.22  ? 58  LEU A CA  1 
ATOM   391  C C   . LEU A 1 58  ? -5.166  -1.488  -7.700  1.00 7.57  ? 58  LEU A C   1 
ATOM   392  O O   . LEU A 1 58  ? -6.288  -1.931  -7.421  1.00 7.27  ? 58  LEU A O   1 
ATOM   393  C CB  . LEU A 1 58  ? -3.035  -2.543  -6.921  1.00 7.81  ? 58  LEU A CB  1 
ATOM   394  C CG  . LEU A 1 58  ? -3.686  -2.999  -5.573  1.00 6.01  ? 58  LEU A CG  1 
ATOM   395  C CD1 . LEU A 1 58  ? -4.194  -4.425  -5.624  1.00 8.85  ? 58  LEU A CD1 1 
ATOM   396  C CD2 . LEU A 1 58  ? -2.606  -2.839  -4.488  1.00 7.87  ? 58  LEU A CD2 1 
ATOM   397  N N   . SER A 1 59  ? -4.902  -0.194  -7.611  1.00 7.21  ? 59  SER A N   1 
ATOM   398  C CA  . SER A 1 59  ? -5.971  0.761   -7.254  1.00 7.47  ? 59  SER A CA  1 
ATOM   399  C C   . SER A 1 59  ? -7.178  0.721   -8.216  1.00 6.82  ? 59  SER A C   1 
ATOM   400  O O   . SER A 1 59  ? -8.332  0.773   -7.784  1.00 8.27  ? 59  SER A O   1 
ATOM   401  C CB  . SER A 1 59  ? -5.328  2.156   -7.083  1.00 8.22  ? 59  SER A CB  1 
ATOM   402  O OG  . SER A 1 59  ? -5.085  2.791   -8.387  1.00 8.59  ? 59  SER A OG  1 
ATOM   403  N N   . MET A 1 60  ? -6.863  0.607   -9.500  1.00 6.09  ? 60  MET A N   1 
ATOM   404  C CA  . MET A 1 60  ? -7.917  0.504   -10.497 1.00 7.26  ? 60  MET A CA  1 
ATOM   405  C C   . MET A 1 60  ? -8.635  -0.853  -10.453 1.00 6.22  ? 60  MET A C   1 
ATOM   406  O O   . MET A 1 60  ? -9.864  -0.896  -10.491 1.00 7.98  ? 60  MET A O   1 
ATOM   407  C CB  . MET A 1 60  ? -7.375  0.718   -11.911 1.00 9.16  ? 60  MET A CB  1 
ATOM   408  C CG  . MET A 1 60  ? -6.757  2.148   -12.114 1.00 10.55 ? 60  MET A CG  1 
ATOM   409  S SD  . MET A 1 60  ? -7.746  3.528   -11.469 1.00 13.68 ? 60  MET A SD  1 
ATOM   410  C CE  . MET A 1 60  ? -9.105  3.397   -12.594 1.00 16.77 ? 60  MET A CE  1 
ATOM   411  N N   . SER A 1 61  ? -7.850  -1.930  -10.271 1.00 6.22  ? 61  SER A N   1 
ATOM   412  C CA  . SER A 1 61  ? -8.489  -3.243  -10.194 1.00 6.04  ? 61  SER A CA  1 
ATOM   413  C C   . SER A 1 61  ? -9.453  -3.294  -9.006  1.00 6.55  ? 61  SER A C   1 
ATOM   414  O O   . SER A 1 61  ? -10.631 -3.705  -9.157  1.00 7.00  ? 61  SER A O   1 
ATOM   415  C CB  . SER A 1 61  ? -7.382  -4.290  -10.036 1.00 7.27  ? 61  SER A CB  1 
ATOM   416  O OG  . SER A 1 61  ? -8.032  -5.548  -9.986  1.00 10.78 ? 61  SER A OG  1 
ATOM   417  N N   . GLN A 1 62  ? -8.985  -2.796  -7.875  1.00 6.91  ? 62  GLN A N   1 
ATOM   418  C CA  . GLN A 1 62  ? -9.808  -2.878  -6.662  1.00 6.39  ? 62  GLN A CA  1 
ATOM   419  C C   . GLN A 1 62  ? -11.040 -1.947  -6.724  1.00 8.87  ? 62  GLN A C   1 
ATOM   420  O O   . GLN A 1 62  ? -12.101 -2.179  -6.110  1.00 8.38  ? 62  GLN A O   1 
ATOM   421  C CB  . GLN A 1 62  ? -8.949  -2.595  -5.438  1.00 6.58  ? 62  GLN A CB  1 
ATOM   422  C CG  . GLN A 1 62  ? -8.008  -3.752  -5.150  1.00 5.51  ? 62  GLN A CG  1 
ATOM   423  C CD  . GLN A 1 62  ? -8.705  -5.009  -4.741  1.00 5.97  ? 62  GLN A CD  1 
ATOM   424  O OE1 . GLN A 1 62  ? -9.723  -5.028  -4.038  1.00 7.73  ? 62  GLN A OE1 1 
ATOM   425  N NE2 . GLN A 1 62  ? -8.104  -6.147  -5.189  1.00 8.19  ? 62  GLN A NE2 1 
ATOM   426  N N   . SER A 1 63  ? -10.918 -0.899  -7.543  1.00 8.06  ? 63  SER A N   1 
ATOM   427  C CA  . SER A 1 63  ? -12.042 0.045   -7.678  1.00 9.01  ? 63  SER A CA  1 
ATOM   428  C C   . SER A 1 63  ? -13.251 -0.610  -8.370  1.00 9.03  ? 63  SER A C   1 
ATOM   429  O O   . SER A 1 63  ? -14.385 -0.101  -8.257  1.00 10.20 ? 63  SER A O   1 
ATOM   430  C CB  . SER A 1 63  ? -11.602 1.333   -8.421  1.00 10.45 ? 63  SER A CB  1 
ATOM   431  O OG  . SER A 1 63  ? -11.540 1.122   -9.796  1.00 12.89 ? 63  SER A OG  1 
ATOM   432  N N   . GLN A 1 64  ? -12.986 -1.710  -9.056  1.00 9.60  ? 64  GLN A N   1 
ATOM   433  C CA  . GLN A 1 64  ? -14.057 -2.429  -9.790  1.00 11.45 ? 64  GLN A CA  1 
ATOM   434  C C   . GLN A 1 64  ? -14.505 -3.721  -9.103  1.00 11.67 ? 64  GLN A C   1 
ATOM   435  O O   . GLN A 1 64  ? -15.360 -4.447  -9.656  1.00 13.69 ? 64  GLN A O   1 
ATOM   436  C CB  . GLN A 1 64  ? -13.591 -2.696  -11.239 1.00 15.77 ? 64  GLN A CB  1 
ATOM   437  C CG  . GLN A 1 64  ? -13.553 -1.370  -12.087 1.00 21.17 ? 64  GLN A CG  1 
ATOM   438  C CD  . GLN A 1 64  ? -14.992 -0.721  -12.391 1.00 29.79 ? 64  GLN A CD  1 
ATOM   439  O OE1 . GLN A 1 64  ? -15.879 -1.343  -13.001 1.00 34.68 ? 64  GLN A OE1 1 
ATOM   440  N NE2 . GLN A 1 64  ? -15.174 0.538   -11.976 1.00 32.63 ? 64  GLN A NE2 1 
ATOM   441  N N   . LYS A 1 65  ? -14.047 -3.968  -7.881  1.00 8.90  ? 65  LYS A N   1 
ATOM   442  C CA  . LYS A 1 65  ? -14.366 -5.194  -7.179  1.00 9.35  ? 65  LYS A CA  1 
ATOM   443  C C   . LYS A 1 65  ? -15.273 -4.887  -6.036  1.00 10.58 ? 65  LYS A C   1 
ATOM   444  O O   . LYS A 1 65  ? -15.516 -3.708  -5.689  1.00 8.76  ? 65  LYS A O   1 
ATOM   445  C CB  . LYS A 1 65  ? -13.072 -5.859  -6.658  1.00 8.07  ? 65  LYS A CB  1 
ATOM   446  C CG  . LYS A 1 65  ? -12.298 -6.534  -7.765  1.00 9.49  ? 65  LYS A CG  1 
ATOM   447  C CD  . LYS A 1 65  ? -10.888 -6.982  -7.287  1.00 12.54 ? 65  LYS A CD  1 
ATOM   448  C CE  . LYS A 1 65  ? -10.059 -7.608  -8.373  1.00 15.68 ? 65  LYS A CE  1 
ATOM   449  N NZ  . LYS A 1 65  ? -10.607 -8.907  -8.875  1.00 15.53 ? 65  LYS A NZ  1 
ATOM   450  N N   . ARG A 1 66  ? -15.770 -5.936  -5.411  1.00 9.88  ? 66  ARG A N   1 
ATOM   451  C CA  . ARG A 1 66  ? -16.827 -5.762  -4.423  1.00 11.80 ? 66  ARG A CA  1 
ATOM   452  C C   . ARG A 1 66  ? -16.422 -4.895  -3.241  1.00 9.28  ? 66  ARG A C   1 
ATOM   453  O O   . ARG A 1 66  ? -17.304 -4.198  -2.705  1.00 11.27 ? 66  ARG A O   1 
ATOM   454  C CB  . ARG A 1 66  ? -17.453 -7.094  -3.954  1.00 13.30 ? 66  ARG A CB  1 
ATOM   455  C CG  . ARG A 1 66  ? -16.608 -7.993  -3.168  1.00 20.57 ? 66  ARG A CG  1 
ATOM   456  C CD  . ARG A 1 66  ? -17.348 -9.422  -2.966  1.00 29.31 ? 66  ARG A CD  1 
ATOM   457  N NE  . ARG A 1 66  ? -16.727 -10.243 -1.898  1.00 33.44 ? 66  ARG A NE  1 
ATOM   458  C CZ  . ARG A 1 66  ? -15.601 -9.892  -1.255  1.00 35.69 ? 66  ARG A CZ  1 
ATOM   459  N NH1 . ARG A 1 66  ? -14.952 -8.762  -1.575  1.00 33.04 ? 66  ARG A NH1 1 
ATOM   460  N NH2 . ARG A 1 66  ? -15.110 -10.660 -0.290  1.00 36.39 ? 66  ARG A NH2 1 
ATOM   461  N N   . ASN A 1 67  ? -15.173 -4.870  -2.852  1.00 10.12 ? 67  ASN A N   1 
ATOM   462  C CA  . ASN A 1 67  ? -14.694 -4.066  -1.718  1.00 9.93  ? 67  ASN A CA  1 
ATOM   463  C C   . ASN A 1 67  ? -14.260 -2.663  -2.041  1.00 8.62  ? 67  ASN A C   1 
ATOM   464  O O   . ASN A 1 67  ? -13.542 -2.061  -1.245  1.00 8.33  ? 67  ASN A O   1 
ATOM   465  C CB  . ASN A 1 67  ? -13.557 -4.737  -1.012  1.00 11.55 ? 67  ASN A CB  1 
ATOM   466  C CG  A ASN A 1 67  ? -13.912 -6.061  -0.465  0.50 13.20 ? 67  ASN A CG  1 
ATOM   467  C CG  B ASN A 1 67  ? -13.937 -5.048  0.423   0.50 16.71 ? 67  ASN A CG  1 
ATOM   468  O OD1 A ASN A 1 67  ? -14.905 -6.174  0.222   0.50 17.65 ? 67  ASN A OD1 1 
ATOM   469  O OD1 B ASN A 1 67  ? -14.413 -4.165  1.150   0.50 18.51 ? 67  ASN A OD1 1 
ATOM   470  N ND2 A ASN A 1 67  ? -13.045 -7.074  -0.685  0.50 16.93 ? 67  ASN A ND2 1 
ATOM   471  N ND2 B ASN A 1 67  ? -13.825 -6.324  0.816   0.50 13.88 ? 67  ASN A ND2 1 
ATOM   472  N N   . HIS A 1 68  ? -14.684 -2.164  -3.193  1.00 7.97  ? 68  HIS A N   1 
ATOM   473  C CA  . HIS A 1 68  ? -14.183 -0.854  -3.675  1.00 7.46  ? 68  HIS A CA  1 
ATOM   474  C C   . HIS A 1 68  ? -14.452 0.300   -2.750  1.00 10.52 ? 68  HIS A C   1 
ATOM   475  O O   . HIS A 1 68  ? -13.685 1.252   -2.835  1.00 9.88  ? 68  HIS A O   1 
ATOM   476  C CB  . HIS A 1 68  ? -14.730 -0.535  -5.085  1.00 7.55  ? 68  HIS A CB  1 
ATOM   477  C CG  . HIS A 1 68  ? -16.225 -0.309  -5.134  1.00 9.54  ? 68  HIS A CG  1 
ATOM   478  N ND1 . HIS A 1 68  ? -16.823 0.938   -5.274  1.00 14.40 ? 68  HIS A ND1 1 
ATOM   479  C CD2 . HIS A 1 68  ? -17.251 -1.197  -5.046  1.00 5.44  ? 68  HIS A CD2 1 
ATOM   480  C CE1 . HIS A 1 68  ? -18.137 0.803   -5.296  1.00 12.68 ? 68  HIS A CE1 1 
ATOM   481  N NE2 . HIS A 1 68  ? -18.438 -0.478  -5.160  1.00 12.20 ? 68  HIS A NE2 1 
ATOM   482  N N   . LEU A 1 69  ? -15.426 0.206   -1.852  1.00 8.16  ? 69  LEU A N   1 
ATOM   483  C CA  . LEU A 1 69  ? -15.726 1.407   -1.027  1.00 9.34  ? 69  LEU A CA  1 
ATOM   484  C C   . LEU A 1 69  ? -14.831 1.398   0.193   1.00 10.21 ? 69  LEU A C   1 
ATOM   485  O O   . LEU A 1 69  ? -14.730 2.445   0.824   1.00 11.67 ? 69  LEU A O   1 
ATOM   486  C CB  . LEU A 1 69  ? -17.183 1.467   -0.628  1.00 8.05  ? 69  LEU A CB  1 
ATOM   487  C CG  . LEU A 1 69  ? -18.144 1.635   -1.819  1.00 10.00 ? 69  LEU A CG  1 
ATOM   488  C CD1 . LEU A 1 69  ? -19.504 1.619   -1.175  1.00 11.25 ? 69  LEU A CD1 1 
ATOM   489  C CD2 . LEU A 1 69  ? -17.932 2.941   -2.627  1.00 10.40 ? 69  LEU A CD2 1 
ATOM   490  N N   . THR A 1 70  ? -14.189 0.269   0.538   1.00 8.83  ? 70  THR A N   1 
ATOM   491  C CA  . THR A 1 70  ? -13.374 0.192   1.750   1.00 11.12 ? 70  THR A CA  1 
ATOM   492  C C   . THR A 1 70  ? -11.896 0.082   1.413   1.00 8.77  ? 70  THR A C   1 
ATOM   493  O O   . THR A 1 70  ? -11.076 0.371   2.250   1.00 10.14 ? 70  THR A O   1 
ATOM   494  C CB  . THR A 1 70  ? -13.814 -0.867  2.710   1.00 14.43 ? 70  THR A CB  1 
ATOM   495  O OG1 . THR A 1 70  ? -13.626 -2.183  2.181   1.00 22.79 ? 70  THR A OG1 1 
ATOM   496  C CG2 . THR A 1 70  ? -15.342 -0.701  2.907   1.00 12.78 ? 70  THR A CG2 1 
ATOM   497  N N   . PHE A 1 71  ? -11.544 -0.426  0.245   1.00 7.80  ? 71  PHE A N   1 
ATOM   498  C CA  . PHE A 1 71  ? -10.148 -0.641  -0.075  1.00 7.49  ? 71  PHE A CA  1 
ATOM   499  C C   . PHE A 1 71  ? -9.491  0.649   -0.499  1.00 7.40  ? 71  PHE A C   1 
ATOM   500  O O   . PHE A 1 71  ? -10.008 1.381   -1.295  1.00 9.17  ? 71  PHE A O   1 
ATOM   501  C CB  . PHE A 1 71  ? -10.024 -1.645  -1.270  1.00 9.03  ? 71  PHE A CB  1 
ATOM   502  C CG  . PHE A 1 71  ? -8.605  -1.923  -1.605  1.00 6.59  ? 71  PHE A CG  1 
ATOM   503  C CD1 . PHE A 1 71  ? -7.874  -2.884  -0.893  1.00 8.82  ? 71  PHE A CD1 1 
ATOM   504  C CD2 . PHE A 1 71  ? -7.978  -1.175  -2.586  1.00 6.66  ? 71  PHE A CD2 1 
ATOM   505  C CE1 . PHE A 1 71  ? -6.487  -3.077  -1.219  1.00 9.47  ? 71  PHE A CE1 1 
ATOM   506  C CE2 . PHE A 1 71  ? -6.604  -1.345  -2.919  1.00 6.87  ? 71  PHE A CE2 1 
ATOM   507  C CZ  . PHE A 1 71  ? -5.892  -2.308  -2.191  1.00 7.71  ? 71  PHE A CZ  1 
ATOM   508  N N   . VAL A 1 72  ? -8.284  0.862   0.017   1.00 7.38  ? 72  VAL A N   1 
ATOM   509  C CA  . VAL A 1 72  ? -7.474  2.040   -0.447  1.00 7.68  ? 72  VAL A CA  1 
ATOM   510  C C   . VAL A 1 72  ? -6.078  1.512   -0.750  1.00 8.35  ? 72  VAL A C   1 
ATOM   511  O O   . VAL A 1 72  ? -5.458  0.831   0.123   1.00 8.28  ? 72  VAL A O   1 
ATOM   512  C CB  . VAL A 1 72  ? -7.328  3.100   0.718   1.00 7.32  ? 72  VAL A CB  1 
ATOM   513  C CG1 . VAL A 1 72  ? -6.477  4.327   0.261   1.00 9.07  ? 72  VAL A CG1 1 
ATOM   514  C CG2 . VAL A 1 72  ? -8.726  3.544   1.181   1.00 8.19  ? 72  VAL A CG2 1 
ATOM   515  N N   . ALA A 1 73  ? -5.526  1.905   -1.906  1.00 7.45  ? 73  ALA A N   1 
ATOM   516  C CA  . ALA A 1 73  ? -4.099  1.672   -2.202  1.00 6.82  ? 73  ALA A CA  1 
ATOM   517  C C   . ALA A 1 73  ? -3.435  2.991   -1.939  1.00 7.41  ? 73  ALA A C   1 
ATOM   518  O O   . ALA A 1 73  ? -3.864  4.051   -2.435  1.00 8.23  ? 73  ALA A O   1 
ATOM   519  C CB  . ALA A 1 73  ? -3.918  1.293   -3.697  1.00 8.15  ? 73  ALA A CB  1 
ATOM   520  N N   . ALA A 1 74  ? -2.395  2.974   -1.062  1.00 6.78  ? 74  ALA A N   1 
ATOM   521  C CA  . ALA A 1 74  ? -1.679  4.189   -0.708  1.00 7.16  ? 74  ALA A CA  1 
ATOM   522  C C   . ALA A 1 74  ? -0.186  3.967   -0.821  1.00 6.73  ? 74  ALA A C   1 
ATOM   523  O O   . ALA A 1 74  ? 0.253   2.805   -0.836  1.00 7.94  ? 74  ALA A O   1 
ATOM   524  C CB  . ALA A 1 74  ? -1.986  4.577   0.763   1.00 8.87  ? 74  ALA A CB  1 
ATOM   525  N N   . ARG A 1 75  ? 0.624   5.013   -0.977  1.00 6.74  ? 75  ARG A N   1 
ATOM   526  C CA  . ARG A 1 75  ? 2.083   4.850   -1.053  1.00 7.25  ? 75  ARG A CA  1 
ATOM   527  C C   . ARG A 1 75  ? 2.736   6.001   -0.361  1.00 8.37  ? 75  ARG A C   1 
ATOM   528  O O   . ARG A 1 75  ? 2.145   7.096   -0.229  1.00 8.65  ? 75  ARG A O   1 
ATOM   529  C CB  . ARG A 1 75  ? 2.534   4.777   -2.556  1.00 7.15  ? 75  ARG A CB  1 
ATOM   530  C CG  . ARG A 1 75  ? 2.310   6.098   -3.365  1.00 7.96  ? 75  ARG A CG  1 
ATOM   531  C CD  . ARG A 1 75  ? 2.804   5.896   -4.784  1.00 9.31  ? 75  ARG A CD  1 
ATOM   532  N NE  . ARG A 1 75  ? 3.056   7.204   -5.396  1.00 8.66  ? 75  ARG A NE  1 
ATOM   533  C CZ  . ARG A 1 75  ? 3.198   7.356   -6.720  1.00 9.92  ? 75  ARG A CZ  1 
ATOM   534  N NH1 . ARG A 1 75  ? 3.130   6.336   -7.569  1.00 10.83 ? 75  ARG A NH1 1 
ATOM   535  N NH2 . ARG A 1 75  ? 3.550   8.549   -7.216  1.00 11.16 ? 75  ARG A NH2 1 
ATOM   536  N N   . ILE A 1 76  ? 3.964   5.752   0.081   1.00 7.60  ? 76  ILE A N   1 
ATOM   537  C CA  . ILE A 1 76  ? 4.750   6.860   0.691   1.00 7.90  ? 76  ILE A CA  1 
ATOM   538  C C   . ILE A 1 76  ? 6.219   6.712   0.283   1.00 7.44  ? 76  ILE A C   1 
ATOM   539  O O   . ILE A 1 76  ? 6.785   5.609   0.235   1.00 8.15  ? 76  ILE A O   1 
ATOM   540  C CB  . ILE A 1 76  ? 4.601   6.869   2.240   1.00 7.58  ? 76  ILE A CB  1 
ATOM   541  C CG1 . ILE A 1 76  ? 5.248   8.153   2.814   1.00 8.20  ? 76  ILE A CG1 1 
ATOM   542  C CG2 . ILE A 1 76  ? 5.141   5.554   2.881   1.00 9.50  ? 76  ILE A CG2 1 
ATOM   543  C CD1 . ILE A 1 76  ? 4.754   8.521   4.151   1.00 7.18  ? 76  ILE A CD1 1 
ATOM   544  N N   . ASP A 1 77  ? 6.812   7.869   -0.015  1.00 7.10  ? 77  ASP A N   1 
ATOM   545  C CA  . ASP A 1 77  ? 8.205   7.983   -0.377  1.00 7.43  ? 77  ASP A CA  1 
ATOM   546  C C   . ASP A 1 77  ? 9.107   7.942   0.863   1.00 9.20  ? 77  ASP A C   1 
ATOM   547  O O   . ASP A 1 77  ? 9.047   8.895   1.669   1.00 9.12  ? 77  ASP A O   1 
ATOM   548  C CB  . ASP A 1 77  ? 8.393   9.298   -1.185  1.00 9.13  ? 77  ASP A CB  1 
ATOM   549  C CG  . ASP A 1 77  ? 9.811   9.549   -1.560  1.00 9.41  ? 77  ASP A CG  1 
ATOM   550  O OD1 . ASP A 1 77  ? 9.952   10.488  -2.416  1.00 14.88 ? 77  ASP A OD1 1 
ATOM   551  O OD2 . ASP A 1 77  ? 10.745  9.024   -0.948  1.00 9.35  ? 77  ASP A OD2 1 
ATOM   552  N N   . GLY A 1 78  ? 9.798   6.837   1.098   1.00 7.42  ? 78  GLY A N   1 
ATOM   553  C CA  . GLY A 1 78  ? 10.615  6.690   2.259   1.00 8.02  ? 78  GLY A CA  1 
ATOM   554  C C   . GLY A 1 78  ? 11.844  7.590   2.246   1.00 8.51  ? 78  GLY A C   1 
ATOM   555  O O   . GLY A 1 78  ? 12.368  7.790   3.337   1.00 11.83 ? 78  GLY A O   1 
ATOM   556  N N   . GLU A 1 79  ? 12.249  8.138   1.080   1.00 11.20 ? 79  GLU A N   1 
ATOM   557  C CA  . GLU A 1 79  ? 13.383  9.084   1.077   1.00 12.79 ? 79  GLU A CA  1 
ATOM   558  C C   . GLU A 1 79  ? 12.880  10.428  1.633   1.00 12.16 ? 79  GLU A C   1 
ATOM   559  O O   . GLU A 1 79  ? 13.577  11.126  2.462   1.00 15.35 ? 79  GLU A O   1 
ATOM   560  C CB  . GLU A 1 79  ? 13.985  9.142   -0.328  1.00 12.82 ? 79  GLU A CB  1 
ATOM   561  C CG  A GLU A 1 79  ? 14.814  10.311  -0.588  0.50 14.24 ? 79  GLU A CG  1 
ATOM   562  C CG  B GLU A 1 79  ? 15.411  9.755   -0.326  0.50 15.44 ? 79  GLU A CG  1 
ATOM   563  C CD  A GLU A 1 79  ? 16.060  10.244  0.255   0.50 11.28 ? 79  GLU A CD  1 
ATOM   564  C CD  B GLU A 1 79  ? 15.310  11.179  0.172   0.50 12.29 ? 79  GLU A CD  1 
ATOM   565  O OE1 A GLU A 1 79  ? 16.363  9.173   0.804   0.50 16.94 ? 79  GLU A OE1 1 
ATOM   566  O OE1 B GLU A 1 79  ? 14.305  11.753  -0.211  0.50 11.56 ? 79  GLU A OE1 1 
ATOM   567  O OE2 A GLU A 1 79  ? 16.756  11.242  0.372   0.50 12.44 ? 79  GLU A OE2 1 
ATOM   568  O OE2 B GLU A 1 79  ? 16.171  11.715  0.926   0.50 16.69 ? 79  GLU A OE2 1 
ATOM   569  N N   . LYS A 1 80  ? 11.646  10.785  1.261   1.00 11.38 ? 80  LYS A N   1 
ATOM   570  C CA  . LYS A 1 80  ? 11.099  12.074  1.678   1.00 9.93  ? 80  LYS A CA  1 
ATOM   571  C C   . LYS A 1 80  ? 10.584  12.020  3.135   1.00 10.43 ? 80  LYS A C   1 
ATOM   572  O O   . LYS A 1 80  ? 10.603  13.074  3.829   1.00 11.38 ? 80  LYS A O   1 
ATOM   573  C CB  . LYS A 1 80  ? 9.988   12.422  0.771   1.00 12.85 ? 80  LYS A CB  1 
ATOM   574  C CG  . LYS A 1 80  ? 9.568   13.833  1.008   1.00 16.15 ? 80  LYS A CG  1 
ATOM   575  C CD  . LYS A 1 80  ? 8.743   14.327  -0.146  1.00 19.88 ? 80  LYS A CD  1 
ATOM   576  C CE  . LYS A 1 80  ? 8.541   15.875  0.030   1.00 29.22 ? 80  LYS A CE  1 
ATOM   577  N NZ  . LYS A 1 80  ? 7.521   16.572  -0.888  1.00 32.52 ? 80  LYS A NZ  1 
ATOM   578  N N   . TYR A 1 81  ? 10.142  10.827  3.619   1.00 8.85  ? 81  TYR A N   1 
ATOM   579  C CA  . TYR A 1 81  ? 9.557   10.664  4.938   1.00 9.43  ? 81  TYR A CA  1 
ATOM   580  C C   . TYR A 1 81  ? 10.267  9.551   5.727   1.00 8.91  ? 81  TYR A C   1 
ATOM   581  O O   . TYR A 1 81  ? 9.705   8.496   6.101   1.00 9.33  ? 81  TYR A O   1 
ATOM   582  C CB  . TYR A 1 81  ? 8.014   10.408  4.853   1.00 6.38  ? 81  TYR A CB  1 
ATOM   583  C CG  . TYR A 1 81  ? 7.393   11.574  4.202   1.00 8.96  ? 81  TYR A CG  1 
ATOM   584  C CD1 . TYR A 1 81  ? 6.887   11.512  2.904   1.00 9.76  ? 81  TYR A CD1 1 
ATOM   585  C CD2 . TYR A 1 81  ? 7.265   12.809  4.944   1.00 9.78  ? 81  TYR A CD2 1 
ATOM   586  C CE1 . TYR A 1 81  ? 6.333   12.674  2.315   1.00 10.00 ? 81  TYR A CE1 1 
ATOM   587  C CE2 . TYR A 1 81  ? 6.714   13.902  4.338   1.00 8.82  ? 81  TYR A CE2 1 
ATOM   588  C CZ  . TYR A 1 81  ? 6.238   13.841  3.059   1.00 11.64 ? 81  TYR A CZ  1 
ATOM   589  O OH  . TYR A 1 81  ? 5.683   14.953  2.434   1.00 16.71 ? 81  TYR A OH  1 
ATOM   590  N N   . PRO A 1 82  ? 11.541  9.727   6.065   1.00 8.74  ? 82  PRO A N   1 
ATOM   591  C CA  . PRO A 1 82  ? 12.247  8.715   6.810   1.00 9.68  ? 82  PRO A CA  1 
ATOM   592  C C   . PRO A 1 82  ? 11.706  8.542   8.211   1.00 7.43  ? 82  PRO A C   1 
ATOM   593  O O   . PRO A 1 82  ? 11.828  7.445   8.797   1.00 9.64  ? 82  PRO A O   1 
ATOM   594  C CB  . PRO A 1 82  ? 13.755  9.193   6.768   1.00 8.79  ? 82  PRO A CB  1 
ATOM   595  C CG  . PRO A 1 82  ? 13.568  10.692  6.674   1.00 12.44 ? 82  PRO A CG  1 
ATOM   596  C CD  . PRO A 1 82  ? 12.386  10.911  5.716   1.00 10.99 ? 82  PRO A CD  1 
ATOM   597  N N   . ASP A 1 83  ? 11.043  9.595   8.766   1.00 7.64  ? 83  ASP A N   1 
ATOM   598  C CA  . ASP A 1 83  ? 10.304  9.435   10.002  1.00 8.20  ? 83  ASP A CA  1 
ATOM   599  C C   . ASP A 1 83  ? 9.301   8.296   9.990   1.00 8.18  ? 83  ASP A C   1 
ATOM   600  O O   . ASP A 1 83  ? 9.279   7.495   10.927  1.00 9.07  ? 83  ASP A O   1 
ATOM   601  C CB  . ASP A 1 83  ? 9.622   10.757  10.492  1.00 7.29  ? 83  ASP A CB  1 
ATOM   602  C CG  . ASP A 1 83  ? 8.841   11.508  9.423   1.00 7.81  ? 83  ASP A CG  1 
ATOM   603  O OD1 . ASP A 1 83  ? 8.612   11.038  8.275   1.00 7.24  ? 83  ASP A OD1 1 
ATOM   604  O OD2 . ASP A 1 83  ? 8.405   12.646  9.763   1.00 7.02  ? 83  ASP A OD2 1 
ATOM   605  N N   . VAL A 1 84  ? 8.495   8.213   8.928   1.00 7.49  ? 84  VAL A N   1 
ATOM   606  C CA  . VAL A 1 84  ? 7.499   7.172   8.831   1.00 9.02  ? 84  VAL A CA  1 
ATOM   607  C C   . VAL A 1 84  ? 8.193   5.822   8.704   1.00 8.84  ? 84  VAL A C   1 
ATOM   608  O O   . VAL A 1 84  ? 7.714   4.791   9.268   1.00 8.14  ? 84  VAL A O   1 
ATOM   609  C CB  . VAL A 1 84  ? 6.574   7.457   7.591   1.00 6.59  ? 84  VAL A CB  1 
ATOM   610  C CG1 . VAL A 1 84  ? 5.604   6.198   7.435   1.00 9.27  ? 84  VAL A CG1 1 
ATOM   611  C CG2 . VAL A 1 84  ? 5.712   8.694   7.872   1.00 8.74  ? 84  VAL A CG2 1 
ATOM   612  N N   . ILE A 1 85  ? 9.234   5.743   7.896   1.00 7.39  ? 85  ILE A N   1 
ATOM   613  C CA  . ILE A 1 85  ? 9.957   4.433   7.709   1.00 9.08  ? 85  ILE A CA  1 
ATOM   614  C C   . ILE A 1 85  ? 10.453  3.944   9.053   1.00 9.91  ? 85  ILE A C   1 
ATOM   615  O O   . ILE A 1 85  ? 10.320  2.758   9.355   1.00 10.42 ? 85  ILE A O   1 
ATOM   616  C CB  . ILE A 1 85  ? 11.109  4.669   6.726   1.00 9.54  ? 85  ILE A CB  1 
ATOM   617  C CG1 . ILE A 1 85  ? 10.563  5.180   5.413   1.00 10.07 ? 85  ILE A CG1 1 
ATOM   618  C CG2 . ILE A 1 85  ? 11.953  3.422   6.530   1.00 11.76 ? 85  ILE A CG2 1 
ATOM   619  C CD1 . ILE A 1 85  ? 9.464   4.263   4.780   1.00 11.45 ? 85  ILE A CD1 1 
ATOM   620  N N   . GLU A 1 86  ? 10.975  4.840   9.873   1.00 9.40  ? 86  GLU A N   1 
ATOM   621  C CA  . GLU A 1 86  ? 11.399  4.455   11.228  1.00 11.02 ? 86  GLU A CA  1 
ATOM   622  C C   . GLU A 1 86  ? 10.243  4.023   12.135  1.00 10.05 ? 86  GLU A C   1 
ATOM   623  O O   . GLU A 1 86  ? 10.259  2.979   12.774  1.00 12.15 ? 86  GLU A O   1 
ATOM   624  C CB  . GLU A 1 86  ? 12.217  5.598   11.795  1.00 11.26 ? 86  GLU A CB  1 
ATOM   625  C CG  . GLU A 1 86  ? 12.656  5.368   13.200  1.00 18.26 ? 86  GLU A CG  1 
ATOM   626  C CD  . GLU A 1 86  ? 13.623  6.435   13.662  1.00 27.04 ? 86  GLU A CD  1 
ATOM   627  O OE1 . GLU A 1 86  ? 13.649  7.555   13.084  1.00 26.29 ? 86  GLU A OE1 1 
ATOM   628  O OE2 . GLU A 1 86  ? 14.376  6.116   14.588  1.00 29.54 ? 86  GLU A OE2 1 
ATOM   629  N N   . ARG A 1 87  ? 9.189   4.798   12.166  1.00 11.42 ? 87  ARG A N   1 
ATOM   630  C CA  . ARG A 1 87  ? 8.021   4.530   13.031  1.00 10.79 ? 87  ARG A CA  1 
ATOM   631  C C   . ARG A 1 87  ? 7.333   3.218   12.630  1.00 11.39 ? 87  ARG A C   1 
ATOM   632  O O   . ARG A 1 87  ? 6.941   2.415   13.482  1.00 12.60 ? 87  ARG A O   1 
ATOM   633  C CB  . ARG A 1 87  ? 7.060   5.759   12.924  1.00 10.03 ? 87  ARG A CB  1 
ATOM   634  C CG  . ARG A 1 87  ? 5.844   5.626   13.804  1.00 10.56 ? 87  ARG A CG  1 
ATOM   635  C CD  . ARG A 1 87  ? 5.137   6.993   13.912  1.00 11.24 ? 87  ARG A CD  1 
ATOM   636  N NE  . ARG A 1 87  ? 4.479   7.387   12.675  1.00 11.42 ? 87  ARG A NE  1 
ATOM   637  C CZ  . ARG A 1 87  ? 3.265   7.012   12.317  1.00 12.50 ? 87  ARG A CZ  1 
ATOM   638  N NH1 . ARG A 1 87  ? 2.568   6.190   13.015  1.00 10.64 ? 87  ARG A NH1 1 
ATOM   639  N NH2 . ARG A 1 87  ? 2.679   7.550   11.212  1.00 11.16 ? 87  ARG A NH2 1 
ATOM   640  N N   . MET A 1 88  ? 7.251   2.937   11.314  1.00 8.34  ? 88  MET A N   1 
ATOM   641  C CA  . MET A 1 88  ? 6.557   1.757   10.826  1.00 8.43  ? 88  MET A CA  1 
ATOM   642  C C   . MET A 1 88  ? 7.521   0.554   10.688  1.00 8.88  ? 88  MET A C   1 
ATOM   643  O O   . MET A 1 88  ? 7.042   -0.490  10.254  1.00 9.62  ? 88  MET A O   1 
ATOM   644  C CB  . MET A 1 88  ? 5.905   2.120   9.485   1.00 9.79  ? 88  MET A CB  1 
ATOM   645  C CG  . MET A 1 88  ? 4.824   3.199   9.636   1.00 10.96 ? 88  MET A CG  1 
ATOM   646  S SD  . MET A 1 88  ? 3.647   3.036   11.166  1.00 15.96 ? 88  MET A SD  1 
ATOM   647  C CE  . MET A 1 88  ? 3.073   1.759   10.310  1.00 6.06  ? 88  MET A CE  1 
ATOM   648  N N   . ARG A 1 89  ? 8.779   0.731   11.034  1.00 9.34  ? 89  ARG A N   1 
ATOM   649  C CA  . ARG A 1 89  ? 9.729   -0.405  11.029  1.00 10.91 ? 89  ARG A CA  1 
ATOM   650  C C   . ARG A 1 89  ? 9.823   -1.061  9.651   1.00 10.65 ? 89  ARG A C   1 
ATOM   651  O O   . ARG A 1 89  ? 9.648   -2.312  9.492   1.00 11.37 ? 89  ARG A O   1 
ATOM   652  C CB  . ARG A 1 89  ? 9.393   -1.407  12.142  1.00 11.74 ? 89  ARG A CB  1 
ATOM   653  C CG  . ARG A 1 89  ? 9.425   -0.661  13.486  1.00 15.36 ? 89  ARG A CG  1 
ATOM   654  C CD  . ARG A 1 89  ? 9.570   -1.651  14.655  1.00 20.30 ? 89  ARG A CD  1 
ATOM   655  N NE  . ARG A 1 89  ? 10.397  -1.165  15.767  1.00 25.75 ? 89  ARG A NE  1 
ATOM   656  C CZ  . ARG A 1 89  ? 10.459  -1.859  16.909  1.00 27.29 ? 89  ARG A CZ  1 
ATOM   657  N NH1 . ARG A 1 89  ? 9.726   -2.964  16.952  1.00 28.49 ? 89  ARG A NH1 1 
ATOM   658  N NH2 . ARG A 1 89  ? 11.197  -1.486  17.965  1.00 22.74 ? 89  ARG A NH2 1 
ATOM   659  N N   . VAL A 1 90  ? 10.041  -0.202  8.650   1.00 9.24  ? 90  VAL A N   1 
ATOM   660  C CA  . VAL A 1 90  ? 10.326  -0.689  7.294   1.00 9.42  ? 90  VAL A CA  1 
ATOM   661  C C   . VAL A 1 90  ? 11.858  -0.724  7.094   1.00 9.24  ? 90  VAL A C   1 
ATOM   662  O O   . VAL A 1 90  ? 12.543  0.243   7.376   1.00 12.95 ? 90  VAL A O   1 
ATOM   663  C CB  . VAL A 1 90  ? 9.655   0.315   6.358   1.00 7.32  ? 90  VAL A CB  1 
ATOM   664  C CG1 . VAL A 1 90  ? 10.015  0.050   4.890   1.00 8.84  ? 90  VAL A CG1 1 
ATOM   665  C CG2 . VAL A 1 90  ? 8.120   0.190   6.507   1.00 9.53  ? 90  VAL A CG2 1 
ATOM   666  N N   . SER A 1 91  ? 12.370  -1.826  6.553   1.00 9.70  ? 91  SER A N   1 
ATOM   667  C CA  . SER A 1 91  ? 13.806  -2.019  6.502   1.00 11.25 ? 91  SER A CA  1 
ATOM   668  C C   . SER A 1 91  ? 14.362  -2.109  5.087   1.00 10.54 ? 91  SER A C   1 
ATOM   669  O O   . SER A 1 91  ? 15.565  -2.335  4.873   1.00 13.06 ? 91  SER A O   1 
ATOM   670  C CB  . SER A 1 91  ? 14.218  -3.264  7.320   1.00 12.26 ? 91  SER A CB  1 
ATOM   671  O OG  . SER A 1 91  ? 13.517  -4.346  6.821   1.00 14.33 ? 91  SER A OG  1 
ATOM   672  N N   . GLY A 1 92  ? 13.524  -1.878  4.104   1.00 8.58  ? 92  GLY A N   1 
ATOM   673  C CA  . GLY A 1 92  ? 14.014  -1.939  2.715   1.00 9.58  ? 92  GLY A CA  1 
ATOM   674  C C   . GLY A 1 92  ? 12.834  -1.624  1.828   1.00 9.01  ? 92  GLY A C   1 
ATOM   675  O O   . GLY A 1 92  ? 11.685  -1.464  2.309   1.00 9.30  ? 92  GLY A O   1 
ATOM   676  N N   . PHE A 1 93  ? 13.104  -1.552  0.521   1.00 10.02 ? 93  PHE A N   1 
ATOM   677  C CA  . PHE A 1 93  ? 12.124  -1.111  -0.422  1.00 7.21  ? 93  PHE A CA  1 
ATOM   678  C C   . PHE A 1 93  ? 12.163  -2.027  -1.643  1.00 7.04  ? 93  PHE A C   1 
ATOM   679  O O   . PHE A 1 93  ? 13.248  -2.469  -2.046  1.00 8.48  ? 93  PHE A O   1 
ATOM   680  C CB  . PHE A 1 93  ? 12.383  0.337   -0.859  1.00 9.12  ? 93  PHE A CB  1 
ATOM   681  C CG  . PHE A 1 93  ? 12.412  1.284   0.279   1.00 8.26  ? 93  PHE A CG  1 
ATOM   682  C CD1 . PHE A 1 93  ? 11.210  1.790   0.779   1.00 9.43  ? 93  PHE A CD1 1 
ATOM   683  C CD2 . PHE A 1 93  ? 13.581  1.640   0.871   1.00 8.39  ? 93  PHE A CD2 1 
ATOM   684  C CE1 . PHE A 1 93  ? 11.247  2.679   1.887   1.00 9.52  ? 93  PHE A CE1 1 
ATOM   685  C CE2 . PHE A 1 93  ? 13.623  2.515   1.989   1.00 9.13  ? 93  PHE A CE2 1 
ATOM   686  C CZ  . PHE A 1 93  ? 12.409  3.015   2.487   1.00 10.03 ? 93  PHE A CZ  1 
ATOM   687  N N   . PRO A 1 94  ? 11.039  -2.243  -2.335  1.00 7.33  ? 94  PRO A N   1 
ATOM   688  C CA  . PRO A 1 94  ? 9.699   -1.775  -1.902  1.00 7.51  ? 94  PRO A CA  1 
ATOM   689  C C   . PRO A 1 94  ? 9.236   -2.724  -0.790  1.00 6.73  ? 94  PRO A C   1 
ATOM   690  O O   . PRO A 1 94  ? 9.579   -3.914  -0.734  1.00 10.29 ? 94  PRO A O   1 
ATOM   691  C CB  . PRO A 1 94  ? 8.846   -1.975  -3.209  1.00 8.65  ? 94  PRO A CB  1 
ATOM   692  C CG  . PRO A 1 94  ? 9.494   -3.199  -3.875  1.00 9.20  ? 94  PRO A CG  1 
ATOM   693  C CD  . PRO A 1 94  ? 11.024  -2.988  -3.627  1.00 7.92  ? 94  PRO A CD  1 
ATOM   694  N N   . THR A 1 95  ? 8.389   -2.144  0.093   1.00 6.46  ? 95  THR A N   1 
ATOM   695  C CA  . THR A 1 95  ? 7.680   -2.936  1.127   1.00 6.10  ? 95  THR A CA  1 
ATOM   696  C C   . THR A 1 95  ? 6.228   -2.665  0.965   1.00 6.78  ? 95  THR A C   1 
ATOM   697  O O   . THR A 1 95  ? 5.807   -1.522  0.762   1.00 7.19  ? 95  THR A O   1 
ATOM   698  C CB  . THR A 1 95  ? 8.193   -2.534  2.528   1.00 7.46  ? 95  THR A CB  1 
ATOM   699  O OG1 . THR A 1 95  ? 9.558   -2.967  2.676   1.00 8.23  ? 95  THR A OG1 1 
ATOM   700  C CG2 . THR A 1 95  ? 7.345   -3.186  3.640   1.00 7.60  ? 95  THR A CG2 1 
ATOM   701  N N   . MET A 1 96  ? 5.433   -3.746  1.052   1.00 7.52  ? 96  MET A N   1 
ATOM   702  C CA  . MET A 1 96  ? 3.966   -3.665  0.847   1.00 6.19  ? 96  MET A CA  1 
ATOM   703  C C   . MET A 1 96  ? 3.298   -4.344  2.018   1.00 6.77  ? 96  MET A C   1 
ATOM   704  O O   . MET A 1 96  ? 3.450   -5.534  2.261   1.00 8.20  ? 96  MET A O   1 
ATOM   705  C CB  . MET A 1 96  ? 3.631   -4.433  -0.416  1.00 8.64  ? 96  MET A CB  1 
ATOM   706  C CG  . MET A 1 96  ? 4.138   -3.668  -1.701  1.00 9.49  ? 96  MET A CG  1 
ATOM   707  S SD  . MET A 1 96  ? 4.425   -4.834  -3.113  1.00 12.99 ? 96  MET A SD  1 
ATOM   708  C CE  . MET A 1 96  ? 6.055   -5.464  -2.599  1.00 21.19 ? 96  MET A CE  1 
ATOM   709  N N   . ARG A 1 97  ? 2.539   -3.549  2.767   1.00 6.49  ? 97  ARG A N   1 
ATOM   710  C CA  . ARG A 1 97  ? 1.876   -4.047  3.968   1.00 6.84  ? 97  ARG A CA  1 
ATOM   711  C C   . ARG A 1 97  ? 0.405   -3.631  3.973   1.00 5.87  ? 97  ARG A C   1 
ATOM   712  O O   . ARG A 1 97  ? 0.086   -2.503  3.622   1.00 6.04  ? 97  ARG A O   1 
ATOM   713  C CB  . ARG A 1 97  ? 2.539   -3.462  5.250   1.00 6.97  ? 97  ARG A CB  1 
ATOM   714  C CG  . ARG A 1 97  ? 3.917   -4.089  5.462   1.00 6.78  ? 97  ARG A CG  1 
ATOM   715  C CD  . ARG A 1 97  ? 4.586   -3.539  6.701   1.00 8.16  ? 97  ARG A CD  1 
ATOM   716  N NE  . ARG A 1 97  ? 5.951   -4.054  6.814   1.00 8.74  ? 97  ARG A NE  1 
ATOM   717  C CZ  . ARG A 1 97  ? 6.880   -3.547  7.608   1.00 11.76 ? 97  ARG A CZ  1 
ATOM   718  N NH1 . ARG A 1 97  ? 6.539   -2.578  8.393   1.00 13.54 ? 97  ARG A NH1 1 
ATOM   719  N NH2 . ARG A 1 97  ? 8.112   -4.077  7.589   1.00 14.51 ? 97  ARG A NH2 1 
ATOM   720  N N   . TYR A 1 98  ? -0.441  -4.548  4.390   1.00 6.14  ? 98  TYR A N   1 
ATOM   721  C CA  . TYR A 1 98  ? -1.943  -4.366  4.291   1.00 6.60  ? 98  TYR A CA  1 
ATOM   722  C C   . TYR A 1 98  ? -2.528  -4.219  5.697   1.00 5.82  ? 98  TYR A C   1 
ATOM   723  O O   . TYR A 1 98  ? -2.435  -5.164  6.494   1.00 7.85  ? 98  TYR A O   1 
ATOM   724  C CB  . TYR A 1 98  ? -2.494  -5.617  3.563   1.00 6.40  ? 98  TYR A CB  1 
ATOM   725  C CG  . TYR A 1 98  ? -3.959  -5.560  3.170   1.00 7.11  ? 98  TYR A CG  1 
ATOM   726  C CD1 . TYR A 1 98  ? -4.529  -4.368  2.718   1.00 7.35  ? 98  TYR A CD1 1 
ATOM   727  C CD2 . TYR A 1 98  ? -4.728  -6.742  3.154   1.00 7.29  ? 98  TYR A CD2 1 
ATOM   728  C CE1 . TYR A 1 98  ? -5.869  -4.349  2.268   1.00 7.06  ? 98  TYR A CE1 1 
ATOM   729  C CE2 . TYR A 1 98  ? -6.024  -6.715  2.682   1.00 9.22  ? 98  TYR A CE2 1 
ATOM   730  C CZ  . TYR A 1 98  ? -6.589  -5.526  2.285   1.00 8.08  ? 98  TYR A CZ  1 
ATOM   731  O OH  . TYR A 1 98  ? -7.933  -5.500  1.842   1.00 10.42 ? 98  TYR A OH  1 
ATOM   732  N N   . TYR A 1 99  ? -2.991  -3.021  5.951   1.00 7.57  ? 99  TYR A N   1 
ATOM   733  C CA  . TYR A 1 99  ? -3.516  -2.593  7.298   1.00 8.35  ? 99  TYR A CA  1 
ATOM   734  C C   . TYR A 1 99  ? -5.031  -2.664  7.168   1.00 8.67  ? 99  TYR A C   1 
ATOM   735  O O   . TYR A 1 99  ? -5.696  -1.727  6.697   1.00 8.39  ? 99  TYR A O   1 
ATOM   736  C CB  . TYR A 1 99  ? -3.012  -1.150  7.632   1.00 6.51  ? 99  TYR A CB  1 
ATOM   737  C CG  . TYR A 1 99  ? -1.522  -0.981  7.669   1.00 6.65  ? 99  TYR A CG  1 
ATOM   738  C CD1 . TYR A 1 99  ? -0.800  -0.879  6.490   1.00 6.49  ? 99  TYR A CD1 1 
ATOM   739  C CD2 . TYR A 1 99  ? -0.797  -0.988  8.905   1.00 7.27  ? 99  TYR A CD2 1 
ATOM   740  C CE1 . TYR A 1 99  ? 0.607   -0.745  6.498   1.00 6.89  ? 99  TYR A CE1 1 
ATOM   741  C CE2 . TYR A 1 99  ? 0.590   -0.864  8.899   1.00 7.78  ? 99  TYR A CE2 1 
ATOM   742  C CZ  . TYR A 1 99  ? 1.276   -0.788  7.712   1.00 7.03  ? 99  TYR A CZ  1 
ATOM   743  O OH  . TYR A 1 99  ? 2.622   -0.720  7.738   1.00 8.69  ? 99  TYR A OH  1 
ATOM   744  N N   . THR A 1 100 ? -5.581  -3.808  7.560   1.00 9.19  ? 100 THR A N   1 
ATOM   745  C CA  . THR A 1 100 ? -7.029  -4.035  7.357   1.00 8.39  ? 100 THR A CA  1 
ATOM   746  C C   . THR A 1 100 ? -7.854  -3.325  8.442   1.00 9.31  ? 100 THR A C   1 
ATOM   747  O O   . THR A 1 100 ? -7.303  -2.757  9.390   1.00 10.14 ? 100 THR A O   1 
ATOM   748  C CB  . THR A 1 100 ? -7.393  -5.505  7.357   1.00 11.00 ? 100 THR A CB  1 
ATOM   749  O OG1 . THR A 1 100 ? -7.018  -6.028  8.618   1.00 10.77 ? 100 THR A OG1 1 
ATOM   750  C CG2 . THR A 1 100 ? -6.580  -6.348  6.245   1.00 12.78 ? 100 THR A CG2 1 
ATOM   751  N N   . ARG A 1 101 ? -9.160  -3.315  8.227   1.00 9.58  ? 101 ARG A N   1 
ATOM   752  C CA  . ARG A 1 101 ? -10.070 -2.556  9.100   1.00 10.26 ? 101 ARG A CA  1 
ATOM   753  C C   . ARG A 1 101 ? -9.732  -2.847  10.514  1.00 11.65 ? 101 ARG A C   1 
ATOM   754  O O   . ARG A 1 101 ? -9.655  -1.908  11.355  1.00 11.13 ? 101 ARG A O   1 
ATOM   755  C CB  . ARG A 1 101 ? -11.524 -2.930  8.771   1.00 10.04 ? 101 ARG A CB  1 
ATOM   756  C CG  . ARG A 1 101 ? -12.073 -2.184  7.570   1.00 11.76 ? 101 ARG A CG  1 
ATOM   757  C CD  . ARG A 1 101 ? -13.590 -2.282  7.405   1.00 12.10 ? 101 ARG A CD  1 
ATOM   758  N NE  . ARG A 1 101 ? -14.301 -1.511  8.482   1.00 15.86 ? 101 ARG A NE  1 
ATOM   759  C CZ  . ARG A 1 101 ? -15.622 -1.582  8.759   1.00 13.51 ? 101 ARG A CZ  1 
ATOM   760  N NH1 . ARG A 1 101 ? -16.461 -2.357  8.077   1.00 17.79 ? 101 ARG A NH1 1 
ATOM   761  N NH2 . ARG A 1 101 ? -16.109 -0.882  9.760   1.00 12.74 ? 101 ARG A NH2 1 
ATOM   762  N N   . ILE A 1 102 ? -9.624  -4.128  10.844  1.00 12.03 ? 102 ILE A N   1 
ATOM   763  C CA  . ILE A 1 102 ? -9.400  -4.497  12.219  1.00 15.70 ? 102 ILE A CA  1 
ATOM   764  C C   . ILE A 1 102 ? -7.917  -4.680  12.579  1.00 16.43 ? 102 ILE A C   1 
ATOM   765  O O   . ILE A 1 102 ? -7.507  -4.589  13.737  1.00 22.63 ? 102 ILE A O   1 
ATOM   766  C CB  . ILE A 1 102 ? -10.154 -5.781  12.639  1.00 17.37 ? 102 ILE A CB  1 
ATOM   767  C CG1 . ILE A 1 102 ? -9.653  -6.156  14.034  1.00 21.45 ? 102 ILE A CG1 1 
ATOM   768  C CG2 . ILE A 1 102 ? -9.908  -6.940  11.645  1.00 22.82 ? 102 ILE A CG2 1 
ATOM   769  C CD1 . ILE A 1 102 ? -9.170  -4.948  14.806  1.00 26.37 ? 102 ILE A CD1 1 
ATOM   770  N N   . ASP A 1 103 ? -7.129  -4.968  11.594  1.00 12.09 ? 103 ASP A N   1 
ATOM   771  C CA  . ASP A 1 103 ? -5.696  -5.283  11.843  1.00 13.26 ? 103 ASP A CA  1 
ATOM   772  C C   . ASP A 1 103 ? -4.765  -4.126  11.425  1.00 11.57 ? 103 ASP A C   1 
ATOM   773  O O   . ASP A 1 103 ? -4.190  -4.154  10.263  1.00 13.85 ? 103 ASP A O   1 
ATOM   774  C CB  . ASP A 1 103 ? -5.313  -6.499  11.096  1.00 11.80 ? 103 ASP A CB  1 
ATOM   775  C CG  . ASP A 1 103 ? -3.870  -6.910  11.368  1.00 13.19 ? 103 ASP A CG  1 
ATOM   776  O OD1 . ASP A 1 103 ? -3.236  -6.399  12.322  1.00 13.49 ? 103 ASP A OD1 1 
ATOM   777  O OD2 . ASP A 1 103 ? -3.353  -7.745  10.591  1.00 14.50 ? 103 ASP A OD2 1 
ATOM   778  N N   . LYS A 1 104 ? -4.677  -3.115  12.312  1.00 11.22 ? 104 LYS A N   1 
ATOM   779  C CA  . LYS A 1 104 ? -3.855  -1.960  12.055  1.00 7.69  ? 104 LYS A CA  1 
ATOM   780  C C   . LYS A 1 104 ? -2.466  -2.131  12.630  1.00 10.47 ? 104 LYS A C   1 
ATOM   781  O O   . LYS A 1 104 ? -1.536  -1.494  12.124  1.00 11.34 ? 104 LYS A O   1 
ATOM   782  C CB  . LYS A 1 104 ? -4.521  -0.637  12.581  1.00 10.06 ? 104 LYS A CB  1 
ATOM   783  C CG  . LYS A 1 104 ? -5.830  -0.257  11.899  1.00 10.73 ? 104 LYS A CG  1 
ATOM   784  C CD  . LYS A 1 104 ? -5.661  -0.189  10.413  1.00 10.92 ? 104 LYS A CD  1 
ATOM   785  C CE  . LYS A 1 104 ? -7.007  0.297   9.866   1.00 8.79  ? 104 LYS A CE  1 
ATOM   786  N NZ  . LYS A 1 104 ? -6.946  0.439   8.403   1.00 8.73  ? 104 LYS A NZ  1 
ATOM   787  N N   . GLN A 1 105 ? -2.316  -2.920  13.688  1.00 9.15  ? 105 GLN A N   1 
ATOM   788  C CA  . GLN A 1 105 ? -1.031  -3.076  14.418  1.00 9.43  ? 105 GLN A CA  1 
ATOM   789  C C   . GLN A 1 105 ? -0.167  -4.271  14.027  1.00 9.42  ? 105 GLN A C   1 
ATOM   790  O O   . GLN A 1 105 ? 1.012   -4.322  14.393  1.00 9.80  ? 105 GLN A O   1 
ATOM   791  C CB  . GLN A 1 105 ? -1.293  -2.948  15.949  1.00 11.65 ? 105 GLN A CB  1 
ATOM   792  C CG  . GLN A 1 105 ? -1.475  -1.486  16.311  1.00 15.88 ? 105 GLN A CG  1 
ATOM   793  C CD  . GLN A 1 105 ? -2.839  -0.889  16.030  1.00 24.38 ? 105 GLN A CD  1 
ATOM   794  O OE1 . GLN A 1 105 ? -3.888  -1.457  16.367  1.00 25.34 ? 105 GLN A OE1 1 
ATOM   795  N NE2 . GLN A 1 105 ? -2.825  0.325   15.454  1.00 26.31 ? 105 GLN A NE2 1 
ATOM   796  N N   . GLU A 1 106 ? -0.725  -5.220  13.261  1.00 10.56 ? 106 GLU A N   1 
ATOM   797  C CA  . GLU A 1 106 ? 0.044   -6.403  12.841  1.00 9.37  ? 106 GLU A CA  1 
ATOM   798  C C   . GLU A 1 106 ? -0.310  -6.659  11.358  1.00 9.08  ? 106 GLU A C   1 
ATOM   799  O O   . GLU A 1 106 ? -0.837  -7.724  10.997  1.00 10.22 ? 106 GLU A O   1 
ATOM   800  C CB  . GLU A 1 106 ? -0.260  -7.651  13.753  1.00 11.70 ? 106 GLU A CB  1 
ATOM   801  C CG  A GLU A 1 106 ? 0.929   -8.017  14.662  0.75 13.73 ? 106 GLU A CG  1 
ATOM   802  C CG  B GLU A 1 106 ? -0.119  -7.412  15.206  0.25 4.78  ? 106 GLU A CG  1 
ATOM   803  C CD  A GLU A 1 106 ? 0.894   -9.517  15.150  0.75 14.09 ? 106 GLU A CD  1 
ATOM   804  C CD  B GLU A 1 106 ? 1.279   -7.478  15.726  0.25 9.22  ? 106 GLU A CD  1 
ATOM   805  O OE1 A GLU A 1 106 ? 1.714   -10.430 14.720  0.75 13.51 ? 106 GLU A OE1 1 
ATOM   806  O OE1 B GLU A 1 106 ? 2.036   -8.416  15.383  0.25 9.75  ? 106 GLU A OE1 1 
ATOM   807  O OE2 A GLU A 1 106 ? 0.014   -9.773  15.970  0.75 28.33 ? 106 GLU A OE2 1 
ATOM   808  O OE2 B GLU A 1 106 ? 1.575   -6.622  16.572  0.25 2.52  ? 106 GLU A OE2 1 
ATOM   809  N N   . PRO A 1 107 ? -0.086  -5.653  10.493  1.00 7.85  ? 107 PRO A N   1 
ATOM   810  C CA  . PRO A 1 107 ? -0.492  -5.728  9.072   1.00 7.18  ? 107 PRO A CA  1 
ATOM   811  C C   . PRO A 1 107 ? 0.055   -6.950  8.394   1.00 7.82  ? 107 PRO A C   1 
ATOM   812  O O   . PRO A 1 107 ? 1.094   -7.510  8.762   1.00 9.59  ? 107 PRO A O   1 
ATOM   813  C CB  . PRO A 1 107 ? 0.182   -4.452  8.461   1.00 9.43  ? 107 PRO A CB  1 
ATOM   814  C CG  . PRO A 1 107 ? 1.307   -4.127  9.356   1.00 7.92  ? 107 PRO A CG  1 
ATOM   815  C CD  . PRO A 1 107 ? 0.722   -4.429  10.743  1.00 8.58  ? 107 PRO A CD  1 
ATOM   816  N N   . PHE A 1 108 ? -0.636  -7.355  7.324   1.00 7.66  ? 108 PHE A N   1 
ATOM   817  C CA  . PHE A 1 108 ? -0.107  -8.441  6.513   1.00 8.71  ? 108 PHE A CA  1 
ATOM   818  C C   . PHE A 1 108 ? 0.953   -7.948  5.540   1.00 10.00 ? 108 PHE A C   1 
ATOM   819  O O   . PHE A 1 108 ? 0.697   -7.090  4.712   1.00 10.12 ? 108 PHE A O   1 
ATOM   820  C CB  . PHE A 1 108 ? -1.263  -9.207  5.813   1.00 10.87 ? 108 PHE A CB  1 
ATOM   821  C CG  . PHE A 1 108 ? -2.375  -9.645  6.731   1.00 10.92 ? 108 PHE A CG  1 
ATOM   822  C CD1 . PHE A 1 108 ? -2.279  -10.836 7.405   1.00 17.53 ? 108 PHE A CD1 1 
ATOM   823  C CD2 . PHE A 1 108 ? -3.554  -8.889  6.866   1.00 13.31 ? 108 PHE A CD2 1 
ATOM   824  C CE1 . PHE A 1 108 ? -3.349  -11.245 8.288   1.00 15.47 ? 108 PHE A CE1 1 
ATOM   825  C CE2 . PHE A 1 108 ? -4.622  -9.275  7.736   1.00 13.06 ? 108 PHE A CE2 1 
ATOM   826  C CZ  . PHE A 1 108 ? -4.505  -10.469 8.438   1.00 15.82 ? 108 PHE A CZ  1 
ATOM   827  N N   . GLU A 1 109 ? 2.127   -8.579  5.561   1.00 12.31 ? 109 GLU A N   1 
ATOM   828  C CA  . GLU A 1 109 ? 3.193   -8.223  4.670   1.00 12.01 ? 109 GLU A CA  1 
ATOM   829  C C   . GLU A 1 109 ? 3.115   -9.048  3.396   1.00 11.44 ? 109 GLU A C   1 
ATOM   830  O O   . GLU A 1 109 ? 3.013   -10.313 3.485   1.00 11.53 ? 109 GLU A O   1 
ATOM   831  C CB  . GLU A 1 109 ? 4.460   -8.591  5.437   1.00 16.61 ? 109 GLU A CB  1 
ATOM   832  C CG  . GLU A 1 109 ? 5.694   -8.470  4.582   1.00 20.56 ? 109 GLU A CG  1 
ATOM   833  C CD  . GLU A 1 109 ? 6.567   -7.258  4.878   1.00 19.17 ? 109 GLU A CD  1 
ATOM   834  O OE1 . GLU A 1 109 ? 6.437   -6.639  5.939   1.00 23.37 ? 109 GLU A OE1 1 
ATOM   835  O OE2 . GLU A 1 109 ? 7.458   -6.990  4.062   1.00 24.01 ? 109 GLU A OE2 1 
ATOM   836  N N   . TYR A 1 110 ? 3.149   -8.393  2.232   1.00 9.96  ? 110 TYR A N   1 
ATOM   837  C CA  . TYR A 1 110 ? 3.165   -9.101  0.967   1.00 9.64  ? 110 TYR A CA  1 
ATOM   838  C C   . TYR A 1 110 ? 4.590   -9.317  0.537   1.00 11.94 ? 110 TYR A C   1 
ATOM   839  O O   . TYR A 1 110 ? 5.285   -8.345  0.234   1.00 13.31 ? 110 TYR A O   1 
ATOM   840  C CB  . TYR A 1 110 ? 2.380   -8.291  -0.095  1.00 11.18 ? 110 TYR A CB  1 
ATOM   841  C CG  . TYR A 1 110 ? 2.346   -9.080  -1.376  1.00 13.20 ? 110 TYR A CG  1 
ATOM   842  C CD1 . TYR A 1 110 ? 1.577   -10.232 -1.470  1.00 16.00 ? 110 TYR A CD1 1 
ATOM   843  C CD2 . TYR A 1 110 ? 3.137   -8.741  -2.503  1.00 9.77  ? 110 TYR A CD2 1 
ATOM   844  C CE1 . TYR A 1 110 ? 1.530   -10.992 -2.607  1.00 15.97 ? 110 TYR A CE1 1 
ATOM   845  C CE2 . TYR A 1 110 ? 3.079   -9.474  -3.643  1.00 11.57 ? 110 TYR A CE2 1 
ATOM   846  C CZ  . TYR A 1 110 ? 2.295   -10.627 -3.709  1.00 15.13 ? 110 TYR A CZ  1 
ATOM   847  O OH  . TYR A 1 110 ? 2.202   -11.441 -4.797  1.00 16.26 ? 110 TYR A OH  1 
ATOM   848  N N   . SER A 1 111 ? 4.967   -10.589 0.396   1.00 12.86 ? 111 SER A N   1 
ATOM   849  C CA  . SER A 1 111 ? 6.291   -10.955 -0.038  1.00 14.73 ? 111 SER A CA  1 
ATOM   850  C C   . SER A 1 111 ? 6.278   -11.784 -1.313  1.00 15.75 ? 111 SER A C   1 
ATOM   851  O O   . SER A 1 111 ? 7.305   -12.351 -1.672  1.00 18.92 ? 111 SER A O   1 
ATOM   852  C CB  . SER A 1 111 ? 7.002   -11.685 1.111   1.00 17.61 ? 111 SER A CB  1 
ATOM   853  O OG  . SER A 1 111 ? 6.338   -12.885 1.408   1.00 23.66 ? 111 SER A OG  1 
ATOM   854  N N   . GLY A 1 112 ? 5.162   -11.855 -2.018  1.00 12.89 ? 112 GLY A N   1 
ATOM   855  C CA  . GLY A 1 112 ? 5.068   -12.675 -3.203  1.00 12.49 ? 112 GLY A CA  1 
ATOM   856  C C   . GLY A 1 112 ? 5.520   -11.920 -4.452  1.00 12.91 ? 112 GLY A C   1 
ATOM   857  O O   . GLY A 1 112 ? 5.999   -10.766 -4.421  1.00 13.37 ? 112 GLY A O   1 
ATOM   858  N N   . GLN A 1 113 ? 5.351   -12.555 -5.568  1.00 13.48 ? 113 GLN A N   1 
ATOM   859  C CA  . GLN A 1 113 ? 5.796   -11.920 -6.796  1.00 11.91 ? 113 GLN A CA  1 
ATOM   860  C C   . GLN A 1 113 ? 4.905   -10.682 -7.116  1.00 10.69 ? 113 GLN A C   1 
ATOM   861  O O   . GLN A 1 113 ? 3.705   -10.640 -6.810  1.00 11.47 ? 113 GLN A O   1 
ATOM   862  C CB  . GLN A 1 113 ? 5.713   -12.955 -7.931  1.00 13.20 ? 113 GLN A CB  1 
ATOM   863  C CG  . GLN A 1 113 ? 6.832   -14.040 -7.857  1.00 17.32 ? 113 GLN A CG  1 
ATOM   864  C CD  . GLN A 1 113 ? 6.629   -15.013 -9.001  1.00 24.86 ? 113 GLN A CD  1 
ATOM   865  O OE1 . GLN A 1 113 ? 7.286   -14.922 -10.037 1.00 31.48 ? 113 GLN A OE1 1 
ATOM   866  N NE2 . GLN A 1 113 ? 5.659   -15.891 -8.852  1.00 28.08 ? 113 GLN A NE2 1 
ATOM   867  N N   . ARG A 1 114 ? 5.506   -9.688  -7.777  1.00 10.52 ? 114 ARG A N   1 
ATOM   868  C CA  . ARG A 1 114 ? 4.892   -8.412  -7.932  1.00 12.19 ? 114 ARG A CA  1 
ATOM   869  C C   . ARG A 1 114 ? 4.087   -8.238  -9.196  1.00 12.95 ? 114 ARG A C   1 
ATOM   870  O O   . ARG A 1 114 ? 4.365   -7.407  -10.053 1.00 13.59 ? 114 ARG A O   1 
ATOM   871  C CB  . ARG A 1 114 ? 5.845   -7.253  -7.660  1.00 13.02 ? 114 ARG A CB  1 
ATOM   872  C CG  . ARG A 1 114 ? 6.517   -7.432  -6.318  1.00 13.74 ? 114 ARG A CG  1 
ATOM   873  C CD  A ARG A 1 114 ? 7.838   -6.637  -6.212  0.50 13.12 ? 114 ARG A CD  1 
ATOM   874  C CD  B ARG A 1 114 ? 7.953   -6.943  -6.398  0.50 18.76 ? 114 ARG A CD  1 
ATOM   875  N NE  A ARG A 1 114 ? 8.507   -6.980  -4.951  0.50 6.73  ? 114 ARG A NE  1 
ATOM   876  N NE  B ARG A 1 114 ? 7.978   -5.587  -6.907  0.50 15.78 ? 114 ARG A NE  1 
ATOM   877  C CZ  A ARG A 1 114 ? 9.747   -6.632  -4.637  0.50 6.73  ? 114 ARG A CZ  1 
ATOM   878  C CZ  B ARG A 1 114 ? 9.066   -4.922  -7.294  0.50 21.21 ? 114 ARG A CZ  1 
ATOM   879  N NH1 A ARG A 1 114 ? 10.477  -5.948  -5.502  0.50 8.87  ? 114 ARG A NH1 1 
ATOM   880  N NH1 B ARG A 1 114 ? 10.275  -5.451  -7.222  0.50 16.62 ? 114 ARG A NH1 1 
ATOM   881  N NH2 A ARG A 1 114 ? 10.257  -6.973  -3.443  0.50 13.01 ? 114 ARG A NH2 1 
ATOM   882  N NH2 B ARG A 1 114 ? 8.940   -3.686  -7.721  0.50 21.93 ? 114 ARG A NH2 1 
ATOM   883  N N   . TYR A 1 115 ? 3.004   -9.033  -9.286  1.00 11.44 ? 115 TYR A N   1 
ATOM   884  C CA  . TYR A 1 115 ? 2.137   -8.968  -10.463 1.00 10.25 ? 115 TYR A CA  1 
ATOM   885  C C   . TYR A 1 115 ? 0.705   -8.825  -9.989  1.00 9.35  ? 115 TYR A C   1 
ATOM   886  O O   . TYR A 1 115 ? 0.327   -9.303  -8.906  1.00 9.10  ? 115 TYR A O   1 
ATOM   887  C CB  . TYR A 1 115 ? 2.315   -10.235 -11.342 1.00 12.17 ? 115 TYR A CB  1 
ATOM   888  C CG  . TYR A 1 115 ? 3.779   -10.594 -11.612 1.00 16.74 ? 115 TYR A CG  1 
ATOM   889  C CD1 . TYR A 1 115 ? 4.263   -11.822 -11.207 1.00 28.90 ? 115 TYR A CD1 1 
ATOM   890  C CD2 . TYR A 1 115 ? 4.668   -9.661  -12.139 1.00 26.32 ? 115 TYR A CD2 1 
ATOM   891  C CE1 . TYR A 1 115 ? 5.594   -12.171 -11.415 1.00 25.12 ? 115 TYR A CE1 1 
ATOM   892  C CE2 . TYR A 1 115 ? 6.031   -9.990  -12.325 1.00 27.01 ? 115 TYR A CE2 1 
ATOM   893  C CZ  . TYR A 1 115 ? 6.467   -11.238 -11.933 1.00 30.86 ? 115 TYR A CZ  1 
ATOM   894  O OH  . TYR A 1 115 ? 7.793   -11.618 -12.104 1.00 31.57 ? 115 TYR A OH  1 
ATOM   895  N N   . LEU A 1 116 ? -0.069  -8.154  -10.828 1.00 7.46  ? 116 LEU A N   1 
ATOM   896  C CA  . LEU A 1 116 ? -1.418  -7.702  -10.338 1.00 7.19  ? 116 LEU A CA  1 
ATOM   897  C C   . LEU A 1 116 ? -2.266  -8.855  -9.860  1.00 8.91  ? 116 LEU A C   1 
ATOM   898  O O   . LEU A 1 116 ? -2.919  -8.804  -8.829  1.00 9.08  ? 116 LEU A O   1 
ATOM   899  C CB  . LEU A 1 116 ? -2.132  -6.881  -11.393 1.00 8.84  ? 116 LEU A CB  1 
ATOM   900  C CG  . LEU A 1 116 ? -3.596  -6.477  -11.059 1.00 10.19 ? 116 LEU A CG  1 
ATOM   901  C CD1 . LEU A 1 116 ? -3.550  -5.482  -9.914  1.00 12.70 ? 116 LEU A CD1 1 
ATOM   902  C CD2 . LEU A 1 116 ? -4.203  -5.862  -12.321 1.00 12.79 ? 116 LEU A CD2 1 
ATOM   903  N N   . SER A 1 117 ? -2.340  -9.916  -10.640 1.00 8.84  ? 117 SER A N   1 
ATOM   904  C CA  . SER A 1 117 ? -3.245  -11.009 -10.250 1.00 8.44  ? 117 SER A CA  1 
ATOM   905  C C   . SER A 1 117 ? -2.910  -11.578 -8.861  1.00 7.60  ? 117 SER A C   1 
ATOM   906  O O   . SER A 1 117 ? -3.818  -11.874 -8.043  1.00 8.36  ? 117 SER A O   1 
ATOM   907  C CB  . SER A 1 117 ? -3.225  -12.160 -11.270 1.00 10.29 ? 117 SER A CB  1 
ATOM   908  O OG  A SER A 1 117 ? -1.811  -12.539 -11.448 0.50 12.88 ? 117 SER A OG  1 
ATOM   909  O OG  B SER A 1 117 ? -4.019  -11.746 -12.368 0.50 7.12  ? 117 SER A OG  1 
ATOM   910  N N   . LEU A 1 118 ? -1.623  -11.697 -8.574  1.00 8.07  ? 118 LEU A N   1 
ATOM   911  C CA  . LEU A 1 118 ? -1.189  -12.264 -7.299  1.00 7.32  ? 118 LEU A CA  1 
ATOM   912  C C   . LEU A 1 118 ? -1.469  -11.264 -6.152  1.00 9.40  ? 118 LEU A C   1 
ATOM   913  O O   . LEU A 1 118 ? -1.916  -11.692 -5.079  1.00 9.35  ? 118 LEU A O   1 
ATOM   914  C CB  . LEU A 1 118 ? 0.333   -12.591 -7.326  1.00 10.87 ? 118 LEU A CB  1 
ATOM   915  C CG  . LEU A 1 118 ? 0.769   -13.604 -8.383  1.00 17.14 ? 118 LEU A CG  1 
ATOM   916  C CD1 . LEU A 1 118 ? 2.320   -13.693 -8.412  1.00 16.88 ? 118 LEU A CD1 1 
ATOM   917  C CD2 . LEU A 1 118 ? 0.246   -14.900 -7.868  1.00 21.63 ? 118 LEU A CD2 1 
ATOM   918  N N   . VAL A 1 119 ? -1.293  -9.939  -6.395  1.00 8.86  ? 119 VAL A N   1 
ATOM   919  C CA  . VAL A 1 119 ? -1.571  -8.990  -5.340  1.00 7.05  ? 119 VAL A CA  1 
ATOM   920  C C   . VAL A 1 119 ? -3.051  -8.894  -5.101  1.00 7.76  ? 119 VAL A C   1 
ATOM   921  O O   . VAL A 1 119 ? -3.497  -8.870  -3.924  1.00 8.47  ? 119 VAL A O   1 
ATOM   922  C CB  . VAL A 1 119 ? -0.991  -7.603  -5.707  1.00 10.54 ? 119 VAL A CB  1 
ATOM   923  C CG1 . VAL A 1 119 ? -1.240  -6.631  -4.626  1.00 11.43 ? 119 VAL A CG1 1 
ATOM   924  C CG2 . VAL A 1 119 ? 0.557   -7.734  -5.911  1.00 11.03 ? 119 VAL A CG2 1 
ATOM   925  N N   . ASP A 1 120 ? -3.856  -8.935  -6.196  1.00 7.22  ? 120 ASP A N   1 
ATOM   926  C CA  . ASP A 1 120 ? -5.332  -8.961  -5.993  1.00 7.16  ? 120 ASP A CA  1 
ATOM   927  C C   . ASP A 1 120 ? -5.766  -10.192 -5.193  1.00 6.81  ? 120 ASP A C   1 
ATOM   928  O O   . ASP A 1 120 ? -6.644  -10.088 -4.330  1.00 7.74  ? 120 ASP A O   1 
ATOM   929  C CB  . ASP A 1 120 ? -6.071  -8.979  -7.318  1.00 5.64  ? 120 ASP A CB  1 
ATOM   930  C CG  . ASP A 1 120 ? -6.234  -7.612  -8.007  1.00 6.83  ? 120 ASP A CG  1 
ATOM   931  O OD1 . ASP A 1 120 ? -6.177  -6.582  -7.311  1.00 8.24  ? 120 ASP A OD1 1 
ATOM   932  O OD2 . ASP A 1 120 ? -6.588  -7.620  -9.220  1.00 9.18  ? 120 ASP A OD2 1 
ATOM   933  N N   . SER A 1 121 ? -5.191  -11.376 -5.469  1.00 7.77  ? 121 SER A N   1 
ATOM   934  C CA  . SER A 1 121 ? -5.548  -12.551 -4.699  1.00 6.73  ? 121 SER A CA  1 
ATOM   935  C C   . SER A 1 121 ? -5.117  -12.426 -3.223  1.00 7.84  ? 121 SER A C   1 
ATOM   936  O O   . SER A 1 121 ? -5.897  -12.815 -2.347  1.00 7.94  ? 121 SER A O   1 
ATOM   937  C CB  . SER A 1 121 ? -4.853  -13.724 -5.405  1.00 8.01  ? 121 SER A CB  1 
ATOM   938  O OG  A SER A 1 121 ? -5.792  -14.577 -6.030  0.50 4.21  ? 121 SER A OG  1 
ATOM   939  O OG  B SER A 1 121 ? -5.220  -14.880 -4.921  0.50 8.44  ? 121 SER A OG  1 
ATOM   940  N N   . PHE A 1 122 ? -3.938  -11.874 -2.933  1.00 7.58  ? 122 PHE A N   1 
ATOM   941  C CA  . PHE A 1 122 ? -3.586  -11.649 -1.530  1.00 8.44  ? 122 PHE A CA  1 
ATOM   942  C C   . PHE A 1 122 ? -4.589  -10.692 -0.867  1.00 8.91  ? 122 PHE A C   1 
ATOM   943  O O   . PHE A 1 122 ? -4.980  -10.898 0.279   1.00 8.77  ? 122 PHE A O   1 
ATOM   944  C CB  . PHE A 1 122 ? -2.165  -11.051 -1.579  1.00 8.56  ? 122 PHE A CB  1 
ATOM   945  C CG  . PHE A 1 122 ? -1.620  -10.618 -0.224  1.00 8.38  ? 122 PHE A CG  1 
ATOM   946  C CD1 . PHE A 1 122 ? -0.885  -11.544 0.527   1.00 9.80  ? 122 PHE A CD1 1 
ATOM   947  C CD2 . PHE A 1 122 ? -1.818  -9.321  0.208   1.00 11.24 ? 122 PHE A CD2 1 
ATOM   948  C CE1 . PHE A 1 122 ? -0.350  -11.210 1.725   1.00 11.76 ? 122 PHE A CE1 1 
ATOM   949  C CE2 . PHE A 1 122 ? -1.231  -8.969  1.527   1.00 11.31 ? 122 PHE A CE2 1 
ATOM   950  C CZ  . PHE A 1 122 ? -0.513  -9.924  2.198   1.00 12.23 ? 122 PHE A CZ  1 
ATOM   951  N N   . VAL A 1 123 ? -5.014  -9.615  -1.562  1.00 8.17  ? 123 VAL A N   1 
ATOM   952  C CA  . VAL A 1 123 ? -6.016  -8.787  -0.976  1.00 8.02  ? 123 VAL A CA  1 
ATOM   953  C C   . VAL A 1 123 ? -7.258  -9.574  -0.596  1.00 9.02  ? 123 VAL A C   1 
ATOM   954  O O   . VAL A 1 123 ? -7.770  -9.501  0.501   1.00 9.34  ? 123 VAL A O   1 
ATOM   955  C CB  . VAL A 1 123 ? -6.360  -7.630  -1.928  1.00 7.55  ? 123 VAL A CB  1 
ATOM   956  C CG1 . VAL A 1 123 ? -7.601  -6.857  -1.447  1.00 10.53 ? 123 VAL A CG1 1 
ATOM   957  C CG2 . VAL A 1 123 ? -5.159  -6.664  -2.013  1.00 9.14  ? 123 VAL A CG2 1 
ATOM   958  N N   . PHE A 1 124 ? -7.779  -10.375 -1.549  1.00 7.94  ? 124 PHE A N   1 
ATOM   959  C CA  . PHE A 1 124 ? -8.980  -11.105 -1.282  1.00 6.75  ? 124 PHE A CA  1 
ATOM   960  C C   . PHE A 1 124 ? -8.758  -12.064 -0.104  1.00 6.92  ? 124 PHE A C   1 
ATOM   961  O O   . PHE A 1 124 ? -9.635  -12.115 0.771   1.00 8.53  ? 124 PHE A O   1 
ATOM   962  C CB  . PHE A 1 124 ? -9.396  -11.907 -2.542  1.00 6.32  ? 124 PHE A CB  1 
ATOM   963  C CG  . PHE A 1 124 ? -10.703 -12.575 -2.379  1.00 5.22  ? 124 PHE A CG  1 
ATOM   964  C CD1 . PHE A 1 124 ? -11.827 -11.834 -2.697  1.00 9.20  ? 124 PHE A CD1 1 
ATOM   965  C CD2 . PHE A 1 124 ? -10.799 -13.919 -1.957  1.00 8.80  ? 124 PHE A CD2 1 
ATOM   966  C CE1 . PHE A 1 124 ? -13.105 -12.386 -2.562  1.00 10.75 ? 124 PHE A CE1 1 
ATOM   967  C CE2 . PHE A 1 124 ? -12.094 -14.460 -1.815  1.00 9.19  ? 124 PHE A CE2 1 
ATOM   968  C CZ  . PHE A 1 124 ? -13.234 -13.668 -2.171  1.00 8.81  ? 124 PHE A CZ  1 
ATOM   969  N N   . GLN A 1 125 ? -7.668  -12.787 -0.038  1.00 7.76  ? 125 GLN A N   1 
ATOM   970  C CA  . GLN A 1 125 ? -7.484  -13.735 1.046   1.00 9.61  ? 125 GLN A CA  1 
ATOM   971  C C   . GLN A 1 125 ? -7.351  -13.125 2.428   1.00 9.77  ? 125 GLN A C   1 
ATOM   972  O O   . GLN A 1 125 ? -7.632  -13.797 3.447   1.00 10.33 ? 125 GLN A O   1 
ATOM   973  C CB  . GLN A 1 125 ? -6.205  -14.503 0.849   1.00 10.17 ? 125 GLN A CB  1 
ATOM   974  C CG  . GLN A 1 125 ? -6.267  -15.432 -0.399  1.00 11.88 ? 125 GLN A CG  1 
ATOM   975  C CD  . GLN A 1 125 ? -5.037  -16.221 -0.492  1.00 18.12 ? 125 GLN A CD  1 
ATOM   976  O OE1 . GLN A 1 125 ? -3.969  -15.662 -0.557  1.00 25.28 ? 125 GLN A OE1 1 
ATOM   977  N NE2 . GLN A 1 125 ? -5.182  -17.535 -0.559  1.00 24.84 ? 125 GLN A NE2 1 
ATOM   978  N N   . ASN A 1 126 ? -6.786  -11.905 2.470   1.00 8.85  ? 126 ASN A N   1 
ATOM   979  C CA  . ASN A 1 126 ? -6.476  -11.294 3.770   1.00 10.21 ? 126 ASN A CA  1 
ATOM   980  C C   . ASN A 1 126 ? -7.474  -10.235 4.190   1.00 10.37 ? 126 ASN A C   1 
ATOM   981  O O   . ASN A 1 126 ? -7.287  -9.603  5.287   1.00 12.75 ? 126 ASN A O   1 
ATOM   982  C CB  . ASN A 1 126 ? -5.066  -10.728 3.820   1.00 10.83 ? 126 ASN A CB  1 
ATOM   983  C CG  . ASN A 1 126 ? -4.018  -11.758 3.649   1.00 11.77 ? 126 ASN A CG  1 
ATOM   984  O OD1 . ASN A 1 126 ? -3.485  -11.992 2.566   1.00 19.57 ? 126 ASN A OD1 1 
ATOM   985  N ND2 . ASN A 1 126 ? -3.766  -12.478 4.725   1.00 14.48 ? 126 ASN A ND2 1 
ATOM   986  N N   . THR A 1 127 ? -8.553  -10.000 3.433   1.00 10.84 ? 127 THR A N   1 
ATOM   987  C CA  . THR A 1 127 ? -9.500  -9.032  3.841   1.00 11.68 ? 127 THR A CA  1 
ATOM   988  C C   . THR A 1 127 ? -10.550 -9.777  4.749   1.00 15.95 ? 127 THR A C   1 
ATOM   989  O O   . THR A 1 127 ? -10.788 -10.967 4.700   1.00 17.74 ? 127 THR A O   1 
ATOM   990  C CB  . THR A 1 127 ? -10.229 -8.482  2.652   1.00 13.46 ? 127 THR A CB  1 
ATOM   991  O OG1 . THR A 1 127 ? -9.298  -7.828  1.757   1.00 10.87 ? 127 THR A OG1 1 
ATOM   992  C CG2 . THR A 1 127 ? -11.241 -7.471  3.047   1.00 12.90 ? 127 THR A CG2 1 
ATOM   993  O OXT . THR A 1 127 ? -11.142 -9.137  5.543   1.00 19.26 ? 127 THR A OXT 1 
HETATM 994  S S   . SCN B 2 .   ? 7.612   9.844   14.133  1.00 19.36 ? 128 SCN A S   1 
HETATM 995  C C   . SCN B 2 .   ? 6.828   9.592   12.555  1.00 14.70 ? 128 SCN A C   1 
HETATM 996  N N   . SCN B 2 .   ? 6.396   9.493   11.462  1.00 12.28 ? 128 SCN A N   1 
HETATM 997  O O   . HOH C 3 .   ? 1.402   4.114   -7.430  1.00 8.54  ? 129 HOH A O   1 
HETATM 998  O O   . HOH C 3 .   ? 4.143   -1.510  9.727   1.00 13.30 ? 130 HOH A O   1 
HETATM 999  O O   . HOH C 3 .   ? -17.435 -1.828  -1.518  1.00 11.51 ? 131 HOH A O   1 
HETATM 1000 O O   . HOH C 3 .   ? 4.965   10.196  -0.286  1.00 10.18 ? 132 HOH A O   1 
HETATM 1001 O O   . HOH C 3 .   ? -9.181  -8.952  -4.755  1.00 9.71  ? 133 HOH A O   1 
HETATM 1002 O O   . HOH C 3 .   ? -10.782 -7.272  -3.089  1.00 12.58 ? 134 HOH A O   1 
HETATM 1003 O O   . HOH C 3 .   ? 8.438   16.009  6.890   1.00 8.16  ? 135 HOH A O   1 
HETATM 1004 O O   . HOH C 3 .   ? -11.005 -6.288  6.724   1.00 17.32 ? 136 HOH A O   1 
HETATM 1005 O O   . HOH C 3 .   ? -11.033 0.891   -3.959  1.00 15.11 ? 137 HOH A O   1 
HETATM 1006 O O   . HOH C 3 .   ? 3.990   -15.094 -5.532  1.00 20.91 ? 138 HOH A O   1 
HETATM 1007 O O   . HOH C 3 .   ? 14.669  -3.461  -4.023  1.00 12.25 ? 139 HOH A O   1 
HETATM 1008 O O   . HOH C 3 .   ? 13.172  -0.224  -4.284  1.00 10.92 ? 140 HOH A O   1 
HETATM 1009 O O   . HOH C 3 .   ? 6.832   -6.329  1.222   1.00 11.89 ? 141 HOH A O   1 
HETATM 1010 O O   . HOH C 3 .   ? -2.539  11.500  10.187  1.00 12.94 ? 142 HOH A O   1 
HETATM 1011 O O   . HOH C 3 .   ? 6.755   -8.648  -2.906  1.00 28.42 ? 143 HOH A O   1 
HETATM 1012 O O   . HOH C 3 .   ? 15.898  -2.033  -0.166  1.00 11.67 ? 144 HOH A O   1 
HETATM 1013 O O   . HOH C 3 .   ? -7.143  3.353   -3.879  1.00 9.91  ? 145 HOH A O   1 
HETATM 1014 O O   . HOH C 3 .   ? 0.653   0.117   12.960  1.00 19.30 ? 146 HOH A O   1 
HETATM 1015 O O   . HOH C 3 .   ? 5.898   12.518  -1.475  1.00 16.74 ? 147 HOH A O   1 
HETATM 1016 O O   . HOH C 3 .   ? 15.840  0.029   -2.497  1.00 10.26 ? 148 HOH A O   1 
HETATM 1017 O O   . HOH C 3 .   ? 17.477  1.394   -10.089 1.00 15.37 ? 149 HOH A O   1 
HETATM 1018 O O   . HOH C 3 .   ? -8.879  1.797   -5.287  1.00 18.13 ? 150 HOH A O   1 
HETATM 1019 O O   . HOH C 3 .   ? -1.840  12.301  1.883   1.00 23.22 ? 151 HOH A O   1 
HETATM 1020 O O   . HOH C 3 .   ? -3.887  -4.903  15.096  1.00 16.72 ? 152 HOH A O   1 
HETATM 1021 O O   . HOH C 3 .   ? 11.841  -4.403  -10.772 1.00 20.42 ? 153 HOH A O   1 
HETATM 1022 O O   . HOH C 3 .   ? -0.959  -14.091 -3.698  1.00 17.55 ? 154 HOH A O   1 
HETATM 1023 O O   . HOH C 3 .   ? 5.259   -3.430  -12.484 1.00 14.62 ? 155 HOH A O   1 
HETATM 1024 O O   . HOH C 3 .   ? 5.491   -0.046  13.857  1.00 14.39 ? 156 HOH A O   1 
HETATM 1025 O O   . HOH C 3 .   ? -3.058  -15.714 -3.252  1.00 20.79 ? 157 HOH A O   1 
HETATM 1026 O O   . HOH C 3 .   ? 0.337   10.526  10.575  1.00 13.07 ? 158 HOH A O   1 
HETATM 1027 O O   . HOH C 3 .   ? -11.237 -5.462  -11.261 1.00 20.93 ? 159 HOH A O   1 
HETATM 1028 O O   . HOH C 3 .   ? 3.060   -12.764 0.712   1.00 21.54 ? 160 HOH A O   1 
HETATM 1029 O O   . HOH C 3 .   ? 10.508  7.506   -9.596  1.00 16.19 ? 161 HOH A O   1 
HETATM 1030 O O   . HOH C 3 .   ? 3.166   5.588   -10.534 1.00 21.68 ? 162 HOH A O   1 
HETATM 1031 O O   . HOH C 3 .   ? -2.813  11.530  -3.456  1.00 16.87 ? 163 HOH A O   1 
HETATM 1032 O O   . HOH C 3 .   ? 10.601  -3.643  5.155   1.00 13.41 ? 164 HOH A O   1 
HETATM 1033 O O   . HOH C 3 .   ? -4.335  13.427  -1.256  1.00 49.53 ? 165 HOH A O   1 
HETATM 1034 O O   . HOH C 3 .   ? 3.806   9.926   10.522  1.00 18.02 ? 166 HOH A O   1 
HETATM 1035 O O   . HOH C 3 .   ? -12.198 -3.906  -3.834  1.00 9.77  ? 167 HOH A O   1 
HETATM 1036 O O   . HOH C 3 .   ? 1.324   -6.761  -13.069 1.00 18.87 ? 168 HOH A O   1 
HETATM 1037 O O   . HOH C 3 .   ? 16.738  -3.429  -10.957 1.00 33.25 ? 169 HOH A O   1 
HETATM 1038 O O   . HOH C 3 .   ? -15.585 3.631   4.047   1.00 30.72 ? 170 HOH A O   1 
HETATM 1039 O O   . HOH C 3 .   ? 5.673   17.202  8.114   1.00 15.41 ? 171 HOH A O   1 
HETATM 1040 O O   . HOH C 3 .   ? 14.831  -4.672  -0.748  1.00 17.51 ? 172 HOH A O   1 
HETATM 1041 O O   . HOH C 3 .   ? -0.887  1.875   14.268  1.00 20.28 ? 173 HOH A O   1 
HETATM 1042 O O   . HOH C 3 .   ? 13.171  -5.777  -4.545  1.00 18.88 ? 174 HOH A O   1 
HETATM 1043 O O   . HOH C 3 .   ? -5.809  -2.515  -13.309 1.00 15.86 ? 175 HOH A O   1 
HETATM 1044 O O   . HOH C 3 .   ? 5.499   14.963  -0.202  1.00 27.99 ? 176 HOH A O   1 
HETATM 1045 O O   . HOH C 3 .   ? -14.002 4.256   -2.541  1.00 16.80 ? 177 HOH A O   1 
HETATM 1046 O O   . HOH C 3 .   ? 18.260  10.872  2.364   1.00 41.18 ? 178 HOH A O   1 
HETATM 1047 O O   . HOH C 3 .   ? -13.986 -9.440  5.639   1.00 27.01 ? 179 HOH A O   1 
HETATM 1048 O O   . HOH C 3 .   ? 2.928   -0.938  12.930  1.00 31.63 ? 180 HOH A O   1 
HETATM 1049 O O   . HOH C 3 .   ? 10.645  14.552  5.842   1.00 16.10 ? 181 HOH A O   1 
HETATM 1050 O O   . HOH C 3 .   ? 0.804   -3.980  -12.762 1.00 29.49 ? 182 HOH A O   1 
HETATM 1051 O O   . HOH C 3 .   ? 3.412   19.801  10.716  1.00 15.11 ? 183 HOH A O   1 
HETATM 1052 O O   . HOH C 3 .   ? 0.577   16.467  4.150   1.00 18.16 ? 184 HOH A O   1 
HETATM 1053 O O   . HOH C 3 .   ? 1.448   12.567  14.742  1.00 37.32 ? 185 HOH A O   1 
HETATM 1054 O O   . HOH C 3 .   ? -6.842  -19.096 -0.740  1.00 16.32 ? 186 HOH A O   1 
HETATM 1055 O O   . HOH C 3 .   ? 10.761  -0.054  -13.161 1.00 17.07 ? 187 HOH A O   1 
HETATM 1056 O O   . HOH C 3 .   ? -14.612 -5.331  9.815   1.00 21.29 ? 188 HOH A O   1 
HETATM 1057 O O   . HOH C 3 .   ? -8.414  5.971   4.584   1.00 23.53 ? 189 HOH A O   1 
HETATM 1058 O O   . HOH C 3 .   ? 0.552   6.777   15.576  1.00 21.34 ? 190 HOH A O   1 
HETATM 1059 O O   . HOH C 3 .   ? 3.385   -2.784  11.722  1.00 27.79 ? 191 HOH A O   1 
HETATM 1060 O O   . HOH C 3 .   ? -9.022  -13.041 5.559   1.00 18.77 ? 192 HOH A O   1 
HETATM 1061 O O   . HOH C 3 .   ? 8.323   -9.962  -8.281  1.00 21.86 ? 193 HOH A O   1 
HETATM 1062 O O   . HOH C 3 .   ? 1.924   10.299  13.297  1.00 24.68 ? 194 HOH A O   1 
HETATM 1063 O O   . HOH C 3 .   ? 0.091   -10.270 10.413  1.00 28.70 ? 195 HOH A O   1 
HETATM 1064 O O   . HOH C 3 .   ? -7.071  -12.433 7.323   1.00 22.33 ? 196 HOH A O   1 
HETATM 1065 O O   . HOH C 3 .   ? -9.389  8.047   5.982   1.00 23.53 ? 197 HOH A O   1 
HETATM 1066 O O   . HOH C 3 .   ? 2.495   -10.694 7.505   1.00 29.25 ? 198 HOH A O   1 
HETATM 1067 O O   . HOH C 3 .   ? 13.442  1.167   9.921   1.00 22.12 ? 199 HOH A O   1 
HETATM 1068 O O   . HOH C 3 .   ? -14.867 -3.290  11.558  1.00 18.37 ? 200 HOH A O   1 
HETATM 1069 O O   . HOH C 3 .   ? 16.360  9.332   4.244   1.00 30.27 ? 201 HOH A O   1 
HETATM 1070 O O   . HOH C 3 .   ? -12.758 -10.179 -9.885  1.00 29.62 ? 202 HOH A O   1 
HETATM 1071 O O   . HOH C 3 .   ? -14.802 -7.916  4.029   1.00 27.40 ? 203 HOH A O   1 
HETATM 1072 O O   . HOH C 3 .   ? 14.711  3.774   9.874   1.00 24.71 ? 204 HOH A O   1 
HETATM 1073 O O   . HOH C 3 .   ? -17.788 1.289   6.266   1.00 16.37 ? 205 HOH A O   1 
HETATM 1074 O O   . HOH C 3 .   ? -9.407  5.073   -2.638  1.00 28.11 ? 206 HOH A O   1 
HETATM 1075 O O   . HOH C 3 .   ? -11.922 3.240   -0.762  1.00 26.47 ? 207 HOH A O   1 
HETATM 1076 O O   . HOH C 3 .   ? 4.522   -4.366  10.500  1.00 27.50 ? 208 HOH A O   1 
HETATM 1077 O O   . HOH C 3 .   ? 6.080   -5.569  -10.993 1.00 25.82 ? 209 HOH A O   1 
HETATM 1078 O O   . HOH C 3 .   ? -3.567  1.584   -14.129 1.00 22.76 ? 210 HOH A O   1 
HETATM 1079 O O   . HOH C 3 .   ? 15.181  1.537   6.049   1.00 27.61 ? 211 HOH A O   1 
HETATM 1080 O O   . HOH C 3 .   ? 17.872  -1.713  6.235   1.00 20.78 ? 212 HOH A O   1 
HETATM 1081 O O   . HOH C 3 .   ? -21.027 -0.716  -4.237  1.00 31.54 ? 213 HOH A O   1 
HETATM 1082 O O   . HOH C 3 .   ? 2.931   -7.655  11.028  1.00 35.54 ? 214 HOH A O   1 
HETATM 1083 O O   . HOH C 3 .   ? -10.424 -5.498  -0.284  1.00 31.31 ? 215 HOH A O   1 
HETATM 1084 O O   . HOH C 3 .   ? 0.206   7.304   -9.732  1.00 29.56 ? 216 HOH A O   1 
HETATM 1085 O O   . HOH C 3 .   ? -8.231  7.679   -4.297  1.00 27.30 ? 217 HOH A O   1 
HETATM 1086 O O   . HOH C 3 .   ? 3.056   -2.848  15.555  1.00 25.38 ? 218 HOH A O   1 
HETATM 1087 O O   . HOH C 3 .   ? 15.585  11.727  3.441   1.00 25.34 ? 219 HOH A O   1 
HETATM 1088 O O   . HOH C 3 .   ? 1.764   11.633  -6.073  1.00 31.98 ? 220 HOH A O   1 
HETATM 1089 O O   . HOH C 3 .   ? -13.683 -1.301  11.795  1.00 46.77 ? 221 HOH A O   1 
HETATM 1090 O O   . HOH C 3 .   ? -13.527 -6.474  -11.459 1.00 33.48 ? 222 HOH A O   1 
HETATM 1091 O O   . HOH C 3 .   ? 8.772   -5.845  -9.997  1.00 25.60 ? 223 HOH A O   1 
HETATM 1092 O O   . HOH C 3 .   ? -3.362  -13.247 -14.554 1.00 28.65 ? 224 HOH A O   1 
HETATM 1093 O O   . HOH C 3 .   ? 6.561   -2.386  14.388  1.00 44.90 ? 225 HOH A O   1 
HETATM 1094 O O   . HOH C 3 .   ? -0.576  4.556   14.286  1.00 34.99 ? 226 HOH A O   1 
HETATM 1095 O O   . HOH C 3 .   ? -16.068 -0.324  6.583   1.00 28.25 ? 227 HOH A O   1 
HETATM 1096 O O   . HOH C 3 .   ? -8.509  -6.316  -12.517 1.00 31.25 ? 228 HOH A O   1 
HETATM 1097 O O   . HOH C 3 .   ? 15.756  3.351   4.912   1.00 20.04 ? 229 HOH A O   1 
HETATM 1098 O O   . HOH C 3 .   ? -13.473 -4.887  4.875   1.00 24.33 ? 230 HOH A O   1 
HETATM 1099 O O   . HOH C 3 .   ? -5.245  -9.152  -13.134 1.00 29.58 ? 231 HOH A O   1 
HETATM 1100 O O   . HOH C 3 .   ? 14.276  6.047   8.391   1.00 29.58 ? 232 HOH A O   1 
HETATM 1101 O O   . HOH C 3 .   ? 12.397  11.539  -2.648  1.00 21.80 ? 233 HOH A O   1 
HETATM 1102 O O   . HOH C 3 .   ? -8.034  7.680   1.192   1.00 27.75 ? 234 HOH A O   1 
HETATM 1103 O O   . HOH C 3 .   ? -5.407  1.635   15.271  1.00 33.92 ? 235 HOH A O   1 
HETATM 1104 O O   . HOH C 3 .   ? -9.711  6.938   2.348   1.00 26.79 ? 236 HOH A O   1 
HETATM 1105 O O   . HOH C 3 .   ? -6.391  8.589   -12.972 1.00 32.46 ? 237 HOH A O   1 
HETATM 1106 O O   . HOH C 3 .   ? -11.020 -7.520  -0.331  1.00 28.89 ? 238 HOH A O   1 
HETATM 1107 O O   . HOH C 3 .   ? 4.231   -16.740 -7.481  1.00 38.13 ? 239 HOH A O   1 
HETATM 1108 O O   . HOH C 3 .   ? -10.469 -6.710  9.310   1.00 29.51 ? 240 HOH A O   1 
HETATM 1109 O O   . HOH C 3 .   ? 6.472   3.405   -14.691 1.00 36.88 ? 241 HOH A O   1 
HETATM 1110 O O   . HOH C 3 .   ? 5.796   3.885   -11.932 1.00 26.43 ? 242 HOH A O   1 
HETATM 1111 O O   . HOH C 3 .   ? 7.639   -3.591  -14.075 1.00 17.79 ? 243 HOH A O   1 
HETATM 1112 O O   . HOH C 3 .   ? -6.730  -9.709  -10.894 1.00 27.05 ? 244 HOH A O   1 
# 
loop_
_pdbx_poly_seq_scheme.asym_id 
_pdbx_poly_seq_scheme.entity_id 
_pdbx_poly_seq_scheme.seq_id 
_pdbx_poly_seq_scheme.mon_id 
_pdbx_poly_seq_scheme.ndb_seq_num 
_pdbx_poly_seq_scheme.pdb_seq_num 
_pdbx_poly_seq_scheme.auth_seq_num 
_pdbx_poly_seq_scheme.pdb_mon_id 
_pdbx_poly_seq_scheme.auth_mon_id 
_pdbx_poly_seq_scheme.pdb_strand_id 
_pdbx_poly_seq_scheme.pdb_ins_code 
_pdbx_poly_seq_scheme.hetero 
A 1 1   GLY 1   1   ?   ?   ?   A . n 
A 1 2   HIS 2   2   ?   ?   ?   A . n 
A 1 3   MET 3   3   ?   ?   ?   A . n 
A 1 4   ALA 4   4   ?   ?   ?   A . n 
A 1 5   SER 5   5   ?   ?   ?   A . n 
A 1 6   ASN 6   6   ?   ?   ?   A . n 
A 1 7   VAL 7   7   ?   ?   ?   A . n 
A 1 8   ALA 8   8   ?   ?   ?   A . n 
A 1 9   ASN 9   9   ?   ?   ?   A . n 
A 1 10  ASP 10  10  ?   ?   ?   A . n 
A 1 11  GLY 11  11  ?   ?   ?   A . n 
A 1 12  GLU 12  12  ?   ?   ?   A . n 
A 1 13  ARG 13  13  13  ARG ARG A . n 
A 1 14  PRO 14  14  14  PRO PRO A . n 
A 1 15  SER 15  15  15  SER SER A . n 
A 1 16  ARG 16  16  16  ARG ARG A . n 
A 1 17  VAL 17  17  17  VAL VAL A . n 
A 1 18  VAL 18  18  18  VAL VAL A . n 
A 1 19  GLU 19  19  19  GLU GLU A . n 
A 1 20  LEU 20  20  20  LEU LEU A . n 
A 1 21  THR 21  21  21  THR THR A . n 
A 1 22  ASP 22  22  22  ASP ASP A . n 
A 1 23  GLU 23  23  23  GLU GLU A . n 
A 1 24  THR 24  24  24  THR THR A . n 
A 1 25  PHE 25  25  25  PHE PHE A . n 
A 1 26  ASP 26  26  26  ASP ASP A . n 
A 1 27  SER 27  27  27  SER SER A . n 
A 1 28  ILE 28  28  28  ILE ILE A . n 
A 1 29  VAL 29  29  29  VAL VAL A . n 
A 1 30  MET 30  30  30  MET MET A . n 
A 1 31  ASP 31  31  31  ASP ASP A . n 
A 1 32  PRO 32  32  32  PRO PRO A . n 
A 1 33  GLU 33  33  33  GLU GLU A . n 
A 1 34  LYS 34  34  34  LYS LYS A . n 
A 1 35  ASP 35  35  35  ASP ASP A . n 
A 1 36  VAL 36  36  36  VAL VAL A . n 
A 1 37  PHE 37  37  37  PHE PHE A . n 
A 1 38  VAL 38  38  38  VAL VAL A . n 
A 1 39  LEU 39  39  39  LEU LEU A . n 
A 1 40  TYR 40  40  40  TYR TYR A . n 
A 1 41  TYR 41  41  41  TYR TYR A . n 
A 1 42  VAL 42  42  42  VAL VAL A . n 
A 1 43  PRO 43  43  43  PRO PRO A . n 
A 1 44  TRP 44  44  44  TRP TRP A . n 
A 1 45  SER 45  45  45  SER SER A . n 
A 1 46  ARG 46  46  46  ARG ARG A . n 
A 1 47  HIS 47  47  47  HIS HIS A . n 
A 1 48  SER 48  48  48  SER SER A . n 
A 1 49  VAL 49  49  49  VAL VAL A . n 
A 1 50  ALA 50  50  50  ALA ALA A . n 
A 1 51  ALA 51  51  51  ALA ALA A . n 
A 1 52  MET 52  52  52  MET MET A . n 
A 1 53  ARG 53  53  53  ARG ARG A . n 
A 1 54  LEU 54  54  54  LEU LEU A . n 
A 1 55  TRP 55  55  55  TRP TRP A . n 
A 1 56  ASP 56  56  56  ASP ASP A . n 
A 1 57  ASP 57  57  57  ASP ASP A . n 
A 1 58  LEU 58  58  58  LEU LEU A . n 
A 1 59  SER 59  59  59  SER SER A . n 
A 1 60  MET 60  60  60  MET MET A . n 
A 1 61  SER 61  61  61  SER SER A . n 
A 1 62  GLN 62  62  62  GLN GLN A . n 
A 1 63  SER 63  63  63  SER SER A . n 
A 1 64  GLN 64  64  64  GLN GLN A . n 
A 1 65  LYS 65  65  65  LYS LYS A . n 
A 1 66  ARG 66  66  66  ARG ARG A . n 
A 1 67  ASN 67  67  67  ASN ASN A . n 
A 1 68  HIS 68  68  68  HIS HIS A . n 
A 1 69  LEU 69  69  69  LEU LEU A . n 
A 1 70  THR 70  70  70  THR THR A . n 
A 1 71  PHE 71  71  71  PHE PHE A . n 
A 1 72  VAL 72  72  72  VAL VAL A . n 
A 1 73  ALA 73  73  73  ALA ALA A . n 
A 1 74  ALA 74  74  74  ALA ALA A . n 
A 1 75  ARG 75  75  75  ARG ARG A . n 
A 1 76  ILE 76  76  76  ILE ILE A . n 
A 1 77  ASP 77  77  77  ASP ASP A . n 
A 1 78  GLY 78  78  78  GLY GLY A . n 
A 1 79  GLU 79  79  79  GLU GLU A . n 
A 1 80  LYS 80  80  80  LYS LYS A . n 
A 1 81  TYR 81  81  81  TYR TYR A . n 
A 1 82  PRO 82  82  82  PRO PRO A . n 
A 1 83  ASP 83  83  83  ASP ASP A . n 
A 1 84  VAL 84  84  84  VAL VAL A . n 
A 1 85  ILE 85  85  85  ILE ILE A . n 
A 1 86  GLU 86  86  86  GLU GLU A . n 
A 1 87  ARG 87  87  87  ARG ARG A . n 
A 1 88  MET 88  88  88  MET MET A . n 
A 1 89  ARG 89  89  89  ARG ARG A . n 
A 1 90  VAL 90  90  90  VAL VAL A . n 
A 1 91  SER 91  91  91  SER SER A . n 
A 1 92  GLY 92  92  92  GLY GLY A . n 
A 1 93  PHE 93  93  93  PHE PHE A . n 
A 1 94  PRO 94  94  94  PRO PRO A . n 
A 1 95  THR 95  95  95  THR THR A . n 
A 1 96  MET 96  96  96  MET MET A . n 
A 1 97  ARG 97  97  97  ARG ARG A . n 
A 1 98  TYR 98  98  98  TYR TYR A . n 
A 1 99  TYR 99  99  99  TYR TYR A . n 
A 1 100 THR 100 100 100 THR THR A . n 
A 1 101 ARG 101 101 101 ARG ARG A . n 
A 1 102 ILE 102 102 102 ILE ILE A . n 
A 1 103 ASP 103 103 103 ASP ASP A . n 
A 1 104 LYS 104 104 104 LYS LYS A . n 
A 1 105 GLN 105 105 105 GLN GLN A . n 
A 1 106 GLU 106 106 106 GLU GLU A . n 
A 1 107 PRO 107 107 107 PRO PRO A . n 
A 1 108 PHE 108 108 108 PHE PHE A . n 
A 1 109 GLU 109 109 109 GLU GLU A . n 
A 1 110 TYR 110 110 110 TYR TYR A . n 
A 1 111 SER 111 111 111 SER SER A . n 
A 1 112 GLY 112 112 112 GLY GLY A . n 
A 1 113 GLN 113 113 113 GLN GLN A . n 
A 1 114 ARG 114 114 114 ARG ARG A . n 
A 1 115 TYR 115 115 115 TYR TYR A . n 
A 1 116 LEU 116 116 116 LEU LEU A . n 
A 1 117 SER 117 117 117 SER SER A . n 
A 1 118 LEU 118 118 118 LEU LEU A . n 
A 1 119 VAL 119 119 119 VAL VAL A . n 
A 1 120 ASP 120 120 120 ASP ASP A . n 
A 1 121 SER 121 121 121 SER SER A . n 
A 1 122 PHE 122 122 122 PHE PHE A . n 
A 1 123 VAL 123 123 123 VAL VAL A . n 
A 1 124 PHE 124 124 124 PHE PHE A . n 
A 1 125 GLN 125 125 125 GLN GLN A . n 
A 1 126 ASN 126 126 126 ASN ASN A . n 
A 1 127 THR 127 127 127 THR THR A . n 
# 
loop_
_pdbx_nonpoly_scheme.asym_id 
_pdbx_nonpoly_scheme.entity_id 
_pdbx_nonpoly_scheme.mon_id 
_pdbx_nonpoly_scheme.ndb_seq_num 
_pdbx_nonpoly_scheme.pdb_seq_num 
_pdbx_nonpoly_scheme.auth_seq_num 
_pdbx_nonpoly_scheme.pdb_mon_id 
_pdbx_nonpoly_scheme.auth_mon_id 
_pdbx_nonpoly_scheme.pdb_strand_id 
_pdbx_nonpoly_scheme.pdb_ins_code 
B 2 SCN 1   128 1   SCN SCN A . 
C 3 HOH 1   129 1   HOH HOH A . 
C 3 HOH 2   130 2   HOH HOH A . 
C 3 HOH 3   131 3   HOH HOH A . 
C 3 HOH 4   132 4   HOH HOH A . 
C 3 HOH 5   133 5   HOH HOH A . 
C 3 HOH 6   134 6   HOH HOH A . 
C 3 HOH 7   135 7   HOH HOH A . 
C 3 HOH 8   136 8   HOH HOH A . 
C 3 HOH 9   137 9   HOH HOH A . 
C 3 HOH 10  138 10  HOH HOH A . 
C 3 HOH 11  139 11  HOH HOH A . 
C 3 HOH 12  140 12  HOH HOH A . 
C 3 HOH 13  141 13  HOH HOH A . 
C 3 HOH 14  142 14  HOH HOH A . 
C 3 HOH 15  143 15  HOH HOH A . 
C 3 HOH 16  144 16  HOH HOH A . 
C 3 HOH 17  145 17  HOH HOH A . 
C 3 HOH 18  146 18  HOH HOH A . 
C 3 HOH 19  147 19  HOH HOH A . 
C 3 HOH 20  148 20  HOH HOH A . 
C 3 HOH 21  149 21  HOH HOH A . 
C 3 HOH 22  150 22  HOH HOH A . 
C 3 HOH 23  151 23  HOH HOH A . 
C 3 HOH 24  152 24  HOH HOH A . 
C 3 HOH 25  153 25  HOH HOH A . 
C 3 HOH 26  154 26  HOH HOH A . 
C 3 HOH 27  155 27  HOH HOH A . 
C 3 HOH 28  156 28  HOH HOH A . 
C 3 HOH 29  157 29  HOH HOH A . 
C 3 HOH 30  158 30  HOH HOH A . 
C 3 HOH 31  159 31  HOH HOH A . 
C 3 HOH 32  160 32  HOH HOH A . 
C 3 HOH 33  161 33  HOH HOH A . 
C 3 HOH 34  162 34  HOH HOH A . 
C 3 HOH 35  163 35  HOH HOH A . 
C 3 HOH 36  164 36  HOH HOH A . 
C 3 HOH 37  165 37  HOH HOH A . 
C 3 HOH 38  166 38  HOH HOH A . 
C 3 HOH 39  167 39  HOH HOH A . 
C 3 HOH 40  168 40  HOH HOH A . 
C 3 HOH 41  169 41  HOH HOH A . 
C 3 HOH 42  170 42  HOH HOH A . 
C 3 HOH 43  171 43  HOH HOH A . 
C 3 HOH 44  172 44  HOH HOH A . 
C 3 HOH 45  173 45  HOH HOH A . 
C 3 HOH 46  174 46  HOH HOH A . 
C 3 HOH 47  175 47  HOH HOH A . 
C 3 HOH 48  176 48  HOH HOH A . 
C 3 HOH 49  177 49  HOH HOH A . 
C 3 HOH 50  178 50  HOH HOH A . 
C 3 HOH 51  179 51  HOH HOH A . 
C 3 HOH 52  180 52  HOH HOH A . 
C 3 HOH 53  181 53  HOH HOH A . 
C 3 HOH 54  182 54  HOH HOH A . 
C 3 HOH 55  183 55  HOH HOH A . 
C 3 HOH 56  184 56  HOH HOH A . 
C 3 HOH 57  185 57  HOH HOH A . 
C 3 HOH 58  186 58  HOH HOH A . 
C 3 HOH 59  187 59  HOH HOH A . 
C 3 HOH 60  188 60  HOH HOH A . 
C 3 HOH 61  189 61  HOH HOH A . 
C 3 HOH 62  190 62  HOH HOH A . 
C 3 HOH 63  191 63  HOH HOH A . 
C 3 HOH 64  192 64  HOH HOH A . 
C 3 HOH 65  193 65  HOH HOH A . 
C 3 HOH 66  194 66  HOH HOH A . 
C 3 HOH 67  195 67  HOH HOH A . 
C 3 HOH 68  196 68  HOH HOH A . 
C 3 HOH 69  197 69  HOH HOH A . 
C 3 HOH 70  198 70  HOH HOH A . 
C 3 HOH 71  199 71  HOH HOH A . 
C 3 HOH 72  200 72  HOH HOH A . 
C 3 HOH 73  201 73  HOH HOH A . 
C 3 HOH 74  202 74  HOH HOH A . 
C 3 HOH 75  203 75  HOH HOH A . 
C 3 HOH 76  204 76  HOH HOH A . 
C 3 HOH 77  205 77  HOH HOH A . 
C 3 HOH 78  206 78  HOH HOH A . 
C 3 HOH 79  207 79  HOH HOH A . 
C 3 HOH 80  208 80  HOH HOH A . 
C 3 HOH 81  209 81  HOH HOH A . 
C 3 HOH 82  210 82  HOH HOH A . 
C 3 HOH 83  211 83  HOH HOH A . 
C 3 HOH 84  212 84  HOH HOH A . 
C 3 HOH 85  213 85  HOH HOH A . 
C 3 HOH 86  214 86  HOH HOH A . 
C 3 HOH 87  215 87  HOH HOH A . 
C 3 HOH 88  216 88  HOH HOH A . 
C 3 HOH 89  217 89  HOH HOH A . 
C 3 HOH 90  218 90  HOH HOH A . 
C 3 HOH 91  219 91  HOH HOH A . 
C 3 HOH 92  220 92  HOH HOH A . 
C 3 HOH 93  221 93  HOH HOH A . 
C 3 HOH 94  222 94  HOH HOH A . 
C 3 HOH 95  223 95  HOH HOH A . 
C 3 HOH 96  224 96  HOH HOH A . 
C 3 HOH 97  225 97  HOH HOH A . 
C 3 HOH 98  226 98  HOH HOH A . 
C 3 HOH 99  227 99  HOH HOH A . 
C 3 HOH 100 228 100 HOH HOH A . 
C 3 HOH 101 229 101 HOH HOH A . 
C 3 HOH 102 230 102 HOH HOH A . 
C 3 HOH 103 231 103 HOH HOH A . 
C 3 HOH 104 232 104 HOH HOH A . 
C 3 HOH 105 233 105 HOH HOH A . 
C 3 HOH 106 234 106 HOH HOH A . 
C 3 HOH 107 235 107 HOH HOH A . 
C 3 HOH 108 236 108 HOH HOH A . 
C 3 HOH 109 237 109 HOH HOH A . 
C 3 HOH 110 238 110 HOH HOH A . 
C 3 HOH 111 239 111 HOH HOH A . 
C 3 HOH 112 240 112 HOH HOH A . 
C 3 HOH 113 241 113 HOH HOH A . 
C 3 HOH 114 242 114 HOH HOH A . 
C 3 HOH 115 243 115 HOH HOH A . 
C 3 HOH 116 244 116 HOH HOH A . 
# 
_pdbx_struct_assembly.id                   1 
_pdbx_struct_assembly.details              author_and_software_defined_assembly 
_pdbx_struct_assembly.method_details       PISA 
_pdbx_struct_assembly.oligomeric_details   monomeric 
_pdbx_struct_assembly.oligomeric_count     1 
# 
_pdbx_struct_assembly_gen.assembly_id       1 
_pdbx_struct_assembly_gen.oper_expression   1 
_pdbx_struct_assembly_gen.asym_id_list      A,B,C 
# 
_pdbx_struct_oper_list.id                   1 
_pdbx_struct_oper_list.type                 'identity operation' 
_pdbx_struct_oper_list.name                 1_555 
_pdbx_struct_oper_list.symmetry_operation   x,y,z 
_pdbx_struct_oper_list.matrix[1][1]         1.0000000000 
_pdbx_struct_oper_list.matrix[1][2]         0.0000000000 
_pdbx_struct_oper_list.matrix[1][3]         0.0000000000 
_pdbx_struct_oper_list.vector[1]            0.0000000000 
_pdbx_struct_oper_list.matrix[2][1]         0.0000000000 
_pdbx_struct_oper_list.matrix[2][2]         1.0000000000 
_pdbx_struct_oper_list.matrix[2][3]         0.0000000000 
_pdbx_struct_oper_list.vector[2]            0.0000000000 
_pdbx_struct_oper_list.matrix[3][1]         0.0000000000 
_pdbx_struct_oper_list.matrix[3][2]         0.0000000000 
_pdbx_struct_oper_list.matrix[3][3]         1.0000000000 
_pdbx_struct_oper_list.vector[3]            0.0000000000 
# 
loop_
_pdbx_audit_revision_history.ordinal 
_pdbx_audit_revision_history.data_content_type 
_pdbx_audit_revision_history.major_revision 
_pdbx_audit_revision_history.minor_revision 
_pdbx_audit_revision_history.revision_date 
1 'Structure model' 1 0 2009-05-12 
2 'Structure model' 1 1 2011-07-13 
3 'Structure model' 1 2 2017-11-01 
4 'Structure model' 1 3 2023-09-06 
# 
_pdbx_audit_revision_details.ordinal             1 
_pdbx_audit_revision_details.revision_ordinal    1 
_pdbx_audit_revision_details.data_content_type   'Structure model' 
_pdbx_audit_revision_details.provider            repository 
_pdbx_audit_revision_details.type                'Initial release' 
_pdbx_audit_revision_details.description         ? 
_pdbx_audit_revision_details.details             ? 
# 
loop_
_pdbx_audit_revision_group.ordinal 
_pdbx_audit_revision_group.revision_ordinal 
_pdbx_audit_revision_group.data_content_type 
_pdbx_audit_revision_group.group 
1  2 'Structure model' Advisory                    
2  2 'Structure model' 'Refinement description'    
3  2 'Structure model' 'Version format compliance' 
4  3 'Structure model' Advisory                    
5  3 'Structure model' 'Refinement description'    
6  4 'Structure model' Advisory                    
7  4 'Structure model' 'Data collection'           
8  4 'Structure model' 'Database references'       
9  4 'Structure model' 'Derived calculations'      
10 4 'Structure model' 'Refinement description'    
# 
loop_
_pdbx_audit_revision_category.ordinal 
_pdbx_audit_revision_category.revision_ordinal 
_pdbx_audit_revision_category.data_content_type 
_pdbx_audit_revision_category.category 
1 3 'Structure model' pdbx_unobs_or_zero_occ_atoms  
2 3 'Structure model' software                      
3 4 'Structure model' chem_comp_atom                
4 4 'Structure model' chem_comp_bond                
5 4 'Structure model' database_2                    
6 4 'Structure model' pdbx_initial_refinement_model 
7 4 'Structure model' pdbx_unobs_or_zero_occ_atoms  
8 4 'Structure model' struct_ref_seq_dif            
9 4 'Structure model' struct_site                   
# 
loop_
_pdbx_audit_revision_item.ordinal 
_pdbx_audit_revision_item.revision_ordinal 
_pdbx_audit_revision_item.data_content_type 
_pdbx_audit_revision_item.item 
1 3 'Structure model' '_software.name'                      
2 4 'Structure model' '_database_2.pdbx_DOI'                
3 4 'Structure model' '_database_2.pdbx_database_accession' 
4 4 'Structure model' '_struct_ref_seq_dif.details'         
5 4 'Structure model' '_struct_site.pdbx_auth_asym_id'      
6 4 'Structure model' '_struct_site.pdbx_auth_comp_id'      
7 4 'Structure model' '_struct_site.pdbx_auth_seq_id'       
# 
_pdbx_refine_tls.pdbx_refine_id   'X-RAY DIFFRACTION' 
_pdbx_refine_tls.id               1 
_pdbx_refine_tls.details          ? 
_pdbx_refine_tls.method           refined 
_pdbx_refine_tls.origin_x         0.0301 
_pdbx_refine_tls.origin_y         -0.0698 
_pdbx_refine_tls.origin_z         0.2193 
_pdbx_refine_tls.T[1][1]          0.0127 
_pdbx_refine_tls.T[2][2]          0.0092 
_pdbx_refine_tls.T[3][3]          0.0212 
_pdbx_refine_tls.T[1][2]          0.0087 
_pdbx_refine_tls.T[1][3]          0.0039 
_pdbx_refine_tls.T[2][3]          -0.0009 
_pdbx_refine_tls.L[1][1]          0.8323 
_pdbx_refine_tls.L[2][2]          1.1279 
_pdbx_refine_tls.L[3][3]          1.6055 
_pdbx_refine_tls.L[1][2]          0.3316 
_pdbx_refine_tls.L[1][3]          0.0643 
_pdbx_refine_tls.L[2][3]          0.5305 
_pdbx_refine_tls.S[1][1]          0.0273 
_pdbx_refine_tls.S[2][2]          -0.0046 
_pdbx_refine_tls.S[3][3]          -0.0227 
_pdbx_refine_tls.S[1][2]          0.0032 
_pdbx_refine_tls.S[1][3]          -0.0054 
_pdbx_refine_tls.S[2][3]          0.0337 
_pdbx_refine_tls.S[2][1]          -0.0236 
_pdbx_refine_tls.S[3][1]          -0.0124 
_pdbx_refine_tls.S[3][2]          -0.0282 
# 
_pdbx_refine_tls_group.pdbx_refine_id      'X-RAY DIFFRACTION' 
_pdbx_refine_tls_group.id                  1 
_pdbx_refine_tls_group.refine_tls_id       1 
_pdbx_refine_tls_group.beg_auth_asym_id    A 
_pdbx_refine_tls_group.beg_auth_seq_id     13 
_pdbx_refine_tls_group.end_auth_asym_id    A 
_pdbx_refine_tls_group.end_auth_seq_id     127 
_pdbx_refine_tls_group.selection_details   ? 
_pdbx_refine_tls_group.beg_label_asym_id   . 
_pdbx_refine_tls_group.beg_label_seq_id    . 
_pdbx_refine_tls_group.end_label_asym_id   . 
_pdbx_refine_tls_group.end_label_seq_id    . 
_pdbx_refine_tls_group.selection           ? 
# 
loop_
_software.name 
_software.classification 
_software.version 
_software.citation_id 
_software.pdbx_ordinal 
MAR345   'data collection' .        ? 1 
MOLREP   phasing           .        ? 2 
REFMAC   refinement        5.5.0066 ? 3 
HKL-2000 'data reduction'  .        ? 4 
HKL-2000 'data scaling'    .        ? 5 
# 
_pdbx_database_remark.id     999 
_pdbx_database_remark.text   'author states that the sequence conflict at residue 94 is likely due to the strain variation' 
# 
loop_
_pdbx_validate_close_contact.id 
_pdbx_validate_close_contact.PDB_model_num 
_pdbx_validate_close_contact.auth_atom_id_1 
_pdbx_validate_close_contact.auth_asym_id_1 
_pdbx_validate_close_contact.auth_comp_id_1 
_pdbx_validate_close_contact.auth_seq_id_1 
_pdbx_validate_close_contact.PDB_ins_code_1 
_pdbx_validate_close_contact.label_alt_id_1 
_pdbx_validate_close_contact.auth_atom_id_2 
_pdbx_validate_close_contact.auth_asym_id_2 
_pdbx_validate_close_contact.auth_comp_id_2 
_pdbx_validate_close_contact.auth_seq_id_2 
_pdbx_validate_close_contact.PDB_ins_code_2 
_pdbx_validate_close_contact.label_alt_id_2 
_pdbx_validate_close_contact.dist 
1 1 ND2 A ASN 67  ? A O A HOH 238 ? ? 2.10 
2 1 O   A HOH 215 ? ? O A HOH 238 ? ? 2.11 
3 1 NE2 A GLN 113 ? ? O A HOH 239 ? ? 2.15 
4 1 O   A HOH 234 ? ? O A HOH 236 ? ? 2.17 
# 
_pdbx_validate_symm_contact.id                1 
_pdbx_validate_symm_contact.PDB_model_num     1 
_pdbx_validate_symm_contact.auth_atom_id_1    OE2 
_pdbx_validate_symm_contact.auth_asym_id_1    A 
_pdbx_validate_symm_contact.auth_comp_id_1    GLU 
_pdbx_validate_symm_contact.auth_seq_id_1     106 
_pdbx_validate_symm_contact.PDB_ins_code_1    ? 
_pdbx_validate_symm_contact.label_alt_id_1    B 
_pdbx_validate_symm_contact.site_symmetry_1   1_555 
_pdbx_validate_symm_contact.auth_atom_id_2    O 
_pdbx_validate_symm_contact.auth_asym_id_2    A 
_pdbx_validate_symm_contact.auth_comp_id_2    HOH 
_pdbx_validate_symm_contact.auth_seq_id_2     224 
_pdbx_validate_symm_contact.PDB_ins_code_2    ? 
_pdbx_validate_symm_contact.label_alt_id_2    ? 
_pdbx_validate_symm_contact.site_symmetry_2   3_654 
_pdbx_validate_symm_contact.dist              2.14 
# 
_pdbx_validate_rmsd_bond.id                        1 
_pdbx_validate_rmsd_bond.PDB_model_num             1 
_pdbx_validate_rmsd_bond.auth_atom_id_1            CB 
_pdbx_validate_rmsd_bond.auth_asym_id_1            A 
_pdbx_validate_rmsd_bond.auth_comp_id_1            SER 
_pdbx_validate_rmsd_bond.auth_seq_id_1             121 
_pdbx_validate_rmsd_bond.PDB_ins_code_1            ? 
_pdbx_validate_rmsd_bond.label_alt_id_1            ? 
_pdbx_validate_rmsd_bond.auth_atom_id_2            OG 
_pdbx_validate_rmsd_bond.auth_asym_id_2            A 
_pdbx_validate_rmsd_bond.auth_comp_id_2            SER 
_pdbx_validate_rmsd_bond.auth_seq_id_2             121 
_pdbx_validate_rmsd_bond.PDB_ins_code_2            ? 
_pdbx_validate_rmsd_bond.label_alt_id_2            B 
_pdbx_validate_rmsd_bond.bond_value                1.307 
_pdbx_validate_rmsd_bond.bond_target_value         1.418 
_pdbx_validate_rmsd_bond.bond_deviation            -0.111 
_pdbx_validate_rmsd_bond.bond_standard_deviation   0.013 
_pdbx_validate_rmsd_bond.linker_flag               N 
# 
loop_
_pdbx_validate_rmsd_angle.id 
_pdbx_validate_rmsd_angle.PDB_model_num 
_pdbx_validate_rmsd_angle.auth_atom_id_1 
_pdbx_validate_rmsd_angle.auth_asym_id_1 
_pdbx_validate_rmsd_angle.auth_comp_id_1 
_pdbx_validate_rmsd_angle.auth_seq_id_1 
_pdbx_validate_rmsd_angle.PDB_ins_code_1 
_pdbx_validate_rmsd_angle.label_alt_id_1 
_pdbx_validate_rmsd_angle.auth_atom_id_2 
_pdbx_validate_rmsd_angle.auth_asym_id_2 
_pdbx_validate_rmsd_angle.auth_comp_id_2 
_pdbx_validate_rmsd_angle.auth_seq_id_2 
_pdbx_validate_rmsd_angle.PDB_ins_code_2 
_pdbx_validate_rmsd_angle.label_alt_id_2 
_pdbx_validate_rmsd_angle.auth_atom_id_3 
_pdbx_validate_rmsd_angle.auth_asym_id_3 
_pdbx_validate_rmsd_angle.auth_comp_id_3 
_pdbx_validate_rmsd_angle.auth_seq_id_3 
_pdbx_validate_rmsd_angle.PDB_ins_code_3 
_pdbx_validate_rmsd_angle.label_alt_id_3 
_pdbx_validate_rmsd_angle.angle_value 
_pdbx_validate_rmsd_angle.angle_target_value 
_pdbx_validate_rmsd_angle.angle_deviation 
_pdbx_validate_rmsd_angle.angle_standard_deviation 
_pdbx_validate_rmsd_angle.linker_flag 
1 1 CG A MET 88 ? ? SD A MET 88 ? ? CE  A MET 88 ? ? 82.27  100.20 -17.93 1.60 N 
2 1 NE A ARG 89 ? ? CZ A ARG 89 ? ? NH1 A ARG 89 ? ? 115.76 120.30 -4.54  0.50 N 
3 1 NE A ARG 89 ? ? CZ A ARG 89 ? ? NH2 A ARG 89 ? ? 123.61 120.30 3.31   0.50 N 
# 
_pdbx_validate_torsion.id              1 
_pdbx_validate_torsion.PDB_model_num   1 
_pdbx_validate_torsion.auth_comp_id    ASP 
_pdbx_validate_torsion.auth_asym_id    A 
_pdbx_validate_torsion.auth_seq_id     103 
_pdbx_validate_torsion.PDB_ins_code    ? 
_pdbx_validate_torsion.label_alt_id    ? 
_pdbx_validate_torsion.phi             -105.67 
_pdbx_validate_torsion.psi             79.94 
# 
loop_
_pdbx_unobs_or_zero_occ_atoms.id 
_pdbx_unobs_or_zero_occ_atoms.PDB_model_num 
_pdbx_unobs_or_zero_occ_atoms.polymer_flag 
_pdbx_unobs_or_zero_occ_atoms.occupancy_flag 
_pdbx_unobs_or_zero_occ_atoms.auth_asym_id 
_pdbx_unobs_or_zero_occ_atoms.auth_comp_id 
_pdbx_unobs_or_zero_occ_atoms.auth_seq_id 
_pdbx_unobs_or_zero_occ_atoms.PDB_ins_code 
_pdbx_unobs_or_zero_occ_atoms.auth_atom_id 
_pdbx_unobs_or_zero_occ_atoms.label_alt_id 
_pdbx_unobs_or_zero_occ_atoms.label_asym_id 
_pdbx_unobs_or_zero_occ_atoms.label_comp_id 
_pdbx_unobs_or_zero_occ_atoms.label_seq_id 
_pdbx_unobs_or_zero_occ_atoms.label_atom_id 
1 1 Y 0 A ARG 13 ? CB  ? A ARG 13 CB  
2 1 Y 0 A ARG 13 ? CG  ? A ARG 13 CG  
3 1 Y 0 A ARG 13 ? CD  ? A ARG 13 CD  
4 1 Y 0 A ARG 13 ? NE  ? A ARG 13 NE  
5 1 Y 0 A ARG 13 ? CZ  ? A ARG 13 CZ  
6 1 Y 0 A ARG 13 ? NH1 ? A ARG 13 NH1 
7 1 Y 0 A ARG 13 ? NH2 ? A ARG 13 NH2 
# 
loop_
_pdbx_unobs_or_zero_occ_residues.id 
_pdbx_unobs_or_zero_occ_residues.PDB_model_num 
_pdbx_unobs_or_zero_occ_residues.polymer_flag 
_pdbx_unobs_or_zero_occ_residues.occupancy_flag 
_pdbx_unobs_or_zero_occ_residues.auth_asym_id 
_pdbx_unobs_or_zero_occ_residues.auth_comp_id 
_pdbx_unobs_or_zero_occ_residues.auth_seq_id 
_pdbx_unobs_or_zero_occ_residues.PDB_ins_code 
_pdbx_unobs_or_zero_occ_residues.label_asym_id 
_pdbx_unobs_or_zero_occ_residues.label_comp_id 
_pdbx_unobs_or_zero_occ_residues.label_seq_id 
1  1 Y 1 A GLY 1  ? A GLY 1  
2  1 Y 1 A HIS 2  ? A HIS 2  
3  1 Y 1 A MET 3  ? A MET 3  
4  1 Y 1 A ALA 4  ? A ALA 4  
5  1 Y 1 A SER 5  ? A SER 5  
6  1 Y 1 A ASN 6  ? A ASN 6  
7  1 Y 1 A VAL 7  ? A VAL 7  
8  1 Y 1 A ALA 8  ? A ALA 8  
9  1 Y 1 A ASN 9  ? A ASN 9  
10 1 Y 1 A ASP 10 ? A ASP 10 
11 1 Y 1 A GLY 11 ? A GLY 11 
12 1 Y 1 A GLU 12 ? A GLU 12 
# 
loop_
_chem_comp_atom.comp_id 
_chem_comp_atom.atom_id 
_chem_comp_atom.type_symbol 
_chem_comp_atom.pdbx_aromatic_flag 
_chem_comp_atom.pdbx_stereo_config 
_chem_comp_atom.pdbx_ordinal 
ALA N    N N N 1   
ALA CA   C N S 2   
ALA C    C N N 3   
ALA O    O N N 4   
ALA CB   C N N 5   
ALA OXT  O N N 6   
ALA H    H N N 7   
ALA H2   H N N 8   
ALA HA   H N N 9   
ALA HB1  H N N 10  
ALA HB2  H N N 11  
ALA HB3  H N N 12  
ALA HXT  H N N 13  
ARG N    N N N 14  
ARG CA   C N S 15  
ARG C    C N N 16  
ARG O    O N N 17  
ARG CB   C N N 18  
ARG CG   C N N 19  
ARG CD   C N N 20  
ARG NE   N N N 21  
ARG CZ   C N N 22  
ARG NH1  N N N 23  
ARG NH2  N N N 24  
ARG OXT  O N N 25  
ARG H    H N N 26  
ARG H2   H N N 27  
ARG HA   H N N 28  
ARG HB2  H N N 29  
ARG HB3  H N N 30  
ARG HG2  H N N 31  
ARG HG3  H N N 32  
ARG HD2  H N N 33  
ARG HD3  H N N 34  
ARG HE   H N N 35  
ARG HH11 H N N 36  
ARG HH12 H N N 37  
ARG HH21 H N N 38  
ARG HH22 H N N 39  
ARG HXT  H N N 40  
ASN N    N N N 41  
ASN CA   C N S 42  
ASN C    C N N 43  
ASN O    O N N 44  
ASN CB   C N N 45  
ASN CG   C N N 46  
ASN OD1  O N N 47  
ASN ND2  N N N 48  
ASN OXT  O N N 49  
ASN H    H N N 50  
ASN H2   H N N 51  
ASN HA   H N N 52  
ASN HB2  H N N 53  
ASN HB3  H N N 54  
ASN HD21 H N N 55  
ASN HD22 H N N 56  
ASN HXT  H N N 57  
ASP N    N N N 58  
ASP CA   C N S 59  
ASP C    C N N 60  
ASP O    O N N 61  
ASP CB   C N N 62  
ASP CG   C N N 63  
ASP OD1  O N N 64  
ASP OD2  O N N 65  
ASP OXT  O N N 66  
ASP H    H N N 67  
ASP H2   H N N 68  
ASP HA   H N N 69  
ASP HB2  H N N 70  
ASP HB3  H N N 71  
ASP HD2  H N N 72  
ASP HXT  H N N 73  
GLN N    N N N 74  
GLN CA   C N S 75  
GLN C    C N N 76  
GLN O    O N N 77  
GLN CB   C N N 78  
GLN CG   C N N 79  
GLN CD   C N N 80  
GLN OE1  O N N 81  
GLN NE2  N N N 82  
GLN OXT  O N N 83  
GLN H    H N N 84  
GLN H2   H N N 85  
GLN HA   H N N 86  
GLN HB2  H N N 87  
GLN HB3  H N N 88  
GLN HG2  H N N 89  
GLN HG3  H N N 90  
GLN HE21 H N N 91  
GLN HE22 H N N 92  
GLN HXT  H N N 93  
GLU N    N N N 94  
GLU CA   C N S 95  
GLU C    C N N 96  
GLU O    O N N 97  
GLU CB   C N N 98  
GLU CG   C N N 99  
GLU CD   C N N 100 
GLU OE1  O N N 101 
GLU OE2  O N N 102 
GLU OXT  O N N 103 
GLU H    H N N 104 
GLU H2   H N N 105 
GLU HA   H N N 106 
GLU HB2  H N N 107 
GLU HB3  H N N 108 
GLU HG2  H N N 109 
GLU HG3  H N N 110 
GLU HE2  H N N 111 
GLU HXT  H N N 112 
GLY N    N N N 113 
GLY CA   C N N 114 
GLY C    C N N 115 
GLY O    O N N 116 
GLY OXT  O N N 117 
GLY H    H N N 118 
GLY H2   H N N 119 
GLY HA2  H N N 120 
GLY HA3  H N N 121 
GLY HXT  H N N 122 
HIS N    N N N 123 
HIS CA   C N S 124 
HIS C    C N N 125 
HIS O    O N N 126 
HIS CB   C N N 127 
HIS CG   C Y N 128 
HIS ND1  N Y N 129 
HIS CD2  C Y N 130 
HIS CE1  C Y N 131 
HIS NE2  N Y N 132 
HIS OXT  O N N 133 
HIS H    H N N 134 
HIS H2   H N N 135 
HIS HA   H N N 136 
HIS HB2  H N N 137 
HIS HB3  H N N 138 
HIS HD1  H N N 139 
HIS HD2  H N N 140 
HIS HE1  H N N 141 
HIS HE2  H N N 142 
HIS HXT  H N N 143 
HOH O    O N N 144 
HOH H1   H N N 145 
HOH H2   H N N 146 
ILE N    N N N 147 
ILE CA   C N S 148 
ILE C    C N N 149 
ILE O    O N N 150 
ILE CB   C N S 151 
ILE CG1  C N N 152 
ILE CG2  C N N 153 
ILE CD1  C N N 154 
ILE OXT  O N N 155 
ILE H    H N N 156 
ILE H2   H N N 157 
ILE HA   H N N 158 
ILE HB   H N N 159 
ILE HG12 H N N 160 
ILE HG13 H N N 161 
ILE HG21 H N N 162 
ILE HG22 H N N 163 
ILE HG23 H N N 164 
ILE HD11 H N N 165 
ILE HD12 H N N 166 
ILE HD13 H N N 167 
ILE HXT  H N N 168 
LEU N    N N N 169 
LEU CA   C N S 170 
LEU C    C N N 171 
LEU O    O N N 172 
LEU CB   C N N 173 
LEU CG   C N N 174 
LEU CD1  C N N 175 
LEU CD2  C N N 176 
LEU OXT  O N N 177 
LEU H    H N N 178 
LEU H2   H N N 179 
LEU HA   H N N 180 
LEU HB2  H N N 181 
LEU HB3  H N N 182 
LEU HG   H N N 183 
LEU HD11 H N N 184 
LEU HD12 H N N 185 
LEU HD13 H N N 186 
LEU HD21 H N N 187 
LEU HD22 H N N 188 
LEU HD23 H N N 189 
LEU HXT  H N N 190 
LYS N    N N N 191 
LYS CA   C N S 192 
LYS C    C N N 193 
LYS O    O N N 194 
LYS CB   C N N 195 
LYS CG   C N N 196 
LYS CD   C N N 197 
LYS CE   C N N 198 
LYS NZ   N N N 199 
LYS OXT  O N N 200 
LYS H    H N N 201 
LYS H2   H N N 202 
LYS HA   H N N 203 
LYS HB2  H N N 204 
LYS HB3  H N N 205 
LYS HG2  H N N 206 
LYS HG3  H N N 207 
LYS HD2  H N N 208 
LYS HD3  H N N 209 
LYS HE2  H N N 210 
LYS HE3  H N N 211 
LYS HZ1  H N N 212 
LYS HZ2  H N N 213 
LYS HZ3  H N N 214 
LYS HXT  H N N 215 
MET N    N N N 216 
MET CA   C N S 217 
MET C    C N N 218 
MET O    O N N 219 
MET CB   C N N 220 
MET CG   C N N 221 
MET SD   S N N 222 
MET CE   C N N 223 
MET OXT  O N N 224 
MET H    H N N 225 
MET H2   H N N 226 
MET HA   H N N 227 
MET HB2  H N N 228 
MET HB3  H N N 229 
MET HG2  H N N 230 
MET HG3  H N N 231 
MET HE1  H N N 232 
MET HE2  H N N 233 
MET HE3  H N N 234 
MET HXT  H N N 235 
PHE N    N N N 236 
PHE CA   C N S 237 
PHE C    C N N 238 
PHE O    O N N 239 
PHE CB   C N N 240 
PHE CG   C Y N 241 
PHE CD1  C Y N 242 
PHE CD2  C Y N 243 
PHE CE1  C Y N 244 
PHE CE2  C Y N 245 
PHE CZ   C Y N 246 
PHE OXT  O N N 247 
PHE H    H N N 248 
PHE H2   H N N 249 
PHE HA   H N N 250 
PHE HB2  H N N 251 
PHE HB3  H N N 252 
PHE HD1  H N N 253 
PHE HD2  H N N 254 
PHE HE1  H N N 255 
PHE HE2  H N N 256 
PHE HZ   H N N 257 
PHE HXT  H N N 258 
PRO N    N N N 259 
PRO CA   C N S 260 
PRO C    C N N 261 
PRO O    O N N 262 
PRO CB   C N N 263 
PRO CG   C N N 264 
PRO CD   C N N 265 
PRO OXT  O N N 266 
PRO H    H N N 267 
PRO HA   H N N 268 
PRO HB2  H N N 269 
PRO HB3  H N N 270 
PRO HG2  H N N 271 
PRO HG3  H N N 272 
PRO HD2  H N N 273 
PRO HD3  H N N 274 
PRO HXT  H N N 275 
SCN S    S N N 276 
SCN C    C N N 277 
SCN N    N N N 278 
SER N    N N N 279 
SER CA   C N S 280 
SER C    C N N 281 
SER O    O N N 282 
SER CB   C N N 283 
SER OG   O N N 284 
SER OXT  O N N 285 
SER H    H N N 286 
SER H2   H N N 287 
SER HA   H N N 288 
SER HB2  H N N 289 
SER HB3  H N N 290 
SER HG   H N N 291 
SER HXT  H N N 292 
THR N    N N N 293 
THR CA   C N S 294 
THR C    C N N 295 
THR O    O N N 296 
THR CB   C N R 297 
THR OG1  O N N 298 
THR CG2  C N N 299 
THR OXT  O N N 300 
THR H    H N N 301 
THR H2   H N N 302 
THR HA   H N N 303 
THR HB   H N N 304 
THR HG1  H N N 305 
THR HG21 H N N 306 
THR HG22 H N N 307 
THR HG23 H N N 308 
THR HXT  H N N 309 
TRP N    N N N 310 
TRP CA   C N S 311 
TRP C    C N N 312 
TRP O    O N N 313 
TRP CB   C N N 314 
TRP CG   C Y N 315 
TRP CD1  C Y N 316 
TRP CD2  C Y N 317 
TRP NE1  N Y N 318 
TRP CE2  C Y N 319 
TRP CE3  C Y N 320 
TRP CZ2  C Y N 321 
TRP CZ3  C Y N 322 
TRP CH2  C Y N 323 
TRP OXT  O N N 324 
TRP H    H N N 325 
TRP H2   H N N 326 
TRP HA   H N N 327 
TRP HB2  H N N 328 
TRP HB3  H N N 329 
TRP HD1  H N N 330 
TRP HE1  H N N 331 
TRP HE3  H N N 332 
TRP HZ2  H N N 333 
TRP HZ3  H N N 334 
TRP HH2  H N N 335 
TRP HXT  H N N 336 
TYR N    N N N 337 
TYR CA   C N S 338 
TYR C    C N N 339 
TYR O    O N N 340 
TYR CB   C N N 341 
TYR CG   C Y N 342 
TYR CD1  C Y N 343 
TYR CD2  C Y N 344 
TYR CE1  C Y N 345 
TYR CE2  C Y N 346 
TYR CZ   C Y N 347 
TYR OH   O N N 348 
TYR OXT  O N N 349 
TYR H    H N N 350 
TYR H2   H N N 351 
TYR HA   H N N 352 
TYR HB2  H N N 353 
TYR HB3  H N N 354 
TYR HD1  H N N 355 
TYR HD2  H N N 356 
TYR HE1  H N N 357 
TYR HE2  H N N 358 
TYR HH   H N N 359 
TYR HXT  H N N 360 
VAL N    N N N 361 
VAL CA   C N S 362 
VAL C    C N N 363 
VAL O    O N N 364 
VAL CB   C N N 365 
VAL CG1  C N N 366 
VAL CG2  C N N 367 
VAL OXT  O N N 368 
VAL H    H N N 369 
VAL H2   H N N 370 
VAL HA   H N N 371 
VAL HB   H N N 372 
VAL HG11 H N N 373 
VAL HG12 H N N 374 
VAL HG13 H N N 375 
VAL HG21 H N N 376 
VAL HG22 H N N 377 
VAL HG23 H N N 378 
VAL HXT  H N N 379 
# 
loop_
_chem_comp_bond.comp_id 
_chem_comp_bond.atom_id_1 
_chem_comp_bond.atom_id_2 
_chem_comp_bond.value_order 
_chem_comp_bond.pdbx_aromatic_flag 
_chem_comp_bond.pdbx_stereo_config 
_chem_comp_bond.pdbx_ordinal 
ALA N   CA   sing N N 1   
ALA N   H    sing N N 2   
ALA N   H2   sing N N 3   
ALA CA  C    sing N N 4   
ALA CA  CB   sing N N 5   
ALA CA  HA   sing N N 6   
ALA C   O    doub N N 7   
ALA C   OXT  sing N N 8   
ALA CB  HB1  sing N N 9   
ALA CB  HB2  sing N N 10  
ALA CB  HB3  sing N N 11  
ALA OXT HXT  sing N N 12  
ARG N   CA   sing N N 13  
ARG N   H    sing N N 14  
ARG N   H2   sing N N 15  
ARG CA  C    sing N N 16  
ARG CA  CB   sing N N 17  
ARG CA  HA   sing N N 18  
ARG C   O    doub N N 19  
ARG C   OXT  sing N N 20  
ARG CB  CG   sing N N 21  
ARG CB  HB2  sing N N 22  
ARG CB  HB3  sing N N 23  
ARG CG  CD   sing N N 24  
ARG CG  HG2  sing N N 25  
ARG CG  HG3  sing N N 26  
ARG CD  NE   sing N N 27  
ARG CD  HD2  sing N N 28  
ARG CD  HD3  sing N N 29  
ARG NE  CZ   sing N N 30  
ARG NE  HE   sing N N 31  
ARG CZ  NH1  sing N N 32  
ARG CZ  NH2  doub N N 33  
ARG NH1 HH11 sing N N 34  
ARG NH1 HH12 sing N N 35  
ARG NH2 HH21 sing N N 36  
ARG NH2 HH22 sing N N 37  
ARG OXT HXT  sing N N 38  
ASN N   CA   sing N N 39  
ASN N   H    sing N N 40  
ASN N   H2   sing N N 41  
ASN CA  C    sing N N 42  
ASN CA  CB   sing N N 43  
ASN CA  HA   sing N N 44  
ASN C   O    doub N N 45  
ASN C   OXT  sing N N 46  
ASN CB  CG   sing N N 47  
ASN CB  HB2  sing N N 48  
ASN CB  HB3  sing N N 49  
ASN CG  OD1  doub N N 50  
ASN CG  ND2  sing N N 51  
ASN ND2 HD21 sing N N 52  
ASN ND2 HD22 sing N N 53  
ASN OXT HXT  sing N N 54  
ASP N   CA   sing N N 55  
ASP N   H    sing N N 56  
ASP N   H2   sing N N 57  
ASP CA  C    sing N N 58  
ASP CA  CB   sing N N 59  
ASP CA  HA   sing N N 60  
ASP C   O    doub N N 61  
ASP C   OXT  sing N N 62  
ASP CB  CG   sing N N 63  
ASP CB  HB2  sing N N 64  
ASP CB  HB3  sing N N 65  
ASP CG  OD1  doub N N 66  
ASP CG  OD2  sing N N 67  
ASP OD2 HD2  sing N N 68  
ASP OXT HXT  sing N N 69  
GLN N   CA   sing N N 70  
GLN N   H    sing N N 71  
GLN N   H2   sing N N 72  
GLN CA  C    sing N N 73  
GLN CA  CB   sing N N 74  
GLN CA  HA   sing N N 75  
GLN C   O    doub N N 76  
GLN C   OXT  sing N N 77  
GLN CB  CG   sing N N 78  
GLN CB  HB2  sing N N 79  
GLN CB  HB3  sing N N 80  
GLN CG  CD   sing N N 81  
GLN CG  HG2  sing N N 82  
GLN CG  HG3  sing N N 83  
GLN CD  OE1  doub N N 84  
GLN CD  NE2  sing N N 85  
GLN NE2 HE21 sing N N 86  
GLN NE2 HE22 sing N N 87  
GLN OXT HXT  sing N N 88  
GLU N   CA   sing N N 89  
GLU N   H    sing N N 90  
GLU N   H2   sing N N 91  
GLU CA  C    sing N N 92  
GLU CA  CB   sing N N 93  
GLU CA  HA   sing N N 94  
GLU C   O    doub N N 95  
GLU C   OXT  sing N N 96  
GLU CB  CG   sing N N 97  
GLU CB  HB2  sing N N 98  
GLU CB  HB3  sing N N 99  
GLU CG  CD   sing N N 100 
GLU CG  HG2  sing N N 101 
GLU CG  HG3  sing N N 102 
GLU CD  OE1  doub N N 103 
GLU CD  OE2  sing N N 104 
GLU OE2 HE2  sing N N 105 
GLU OXT HXT  sing N N 106 
GLY N   CA   sing N N 107 
GLY N   H    sing N N 108 
GLY N   H2   sing N N 109 
GLY CA  C    sing N N 110 
GLY CA  HA2  sing N N 111 
GLY CA  HA3  sing N N 112 
GLY C   O    doub N N 113 
GLY C   OXT  sing N N 114 
GLY OXT HXT  sing N N 115 
HIS N   CA   sing N N 116 
HIS N   H    sing N N 117 
HIS N   H2   sing N N 118 
HIS CA  C    sing N N 119 
HIS CA  CB   sing N N 120 
HIS CA  HA   sing N N 121 
HIS C   O    doub N N 122 
HIS C   OXT  sing N N 123 
HIS CB  CG   sing N N 124 
HIS CB  HB2  sing N N 125 
HIS CB  HB3  sing N N 126 
HIS CG  ND1  sing Y N 127 
HIS CG  CD2  doub Y N 128 
HIS ND1 CE1  doub Y N 129 
HIS ND1 HD1  sing N N 130 
HIS CD2 NE2  sing Y N 131 
HIS CD2 HD2  sing N N 132 
HIS CE1 NE2  sing Y N 133 
HIS CE1 HE1  sing N N 134 
HIS NE2 HE2  sing N N 135 
HIS OXT HXT  sing N N 136 
HOH O   H1   sing N N 137 
HOH O   H2   sing N N 138 
ILE N   CA   sing N N 139 
ILE N   H    sing N N 140 
ILE N   H2   sing N N 141 
ILE CA  C    sing N N 142 
ILE CA  CB   sing N N 143 
ILE CA  HA   sing N N 144 
ILE C   O    doub N N 145 
ILE C   OXT  sing N N 146 
ILE CB  CG1  sing N N 147 
ILE CB  CG2  sing N N 148 
ILE CB  HB   sing N N 149 
ILE CG1 CD1  sing N N 150 
ILE CG1 HG12 sing N N 151 
ILE CG1 HG13 sing N N 152 
ILE CG2 HG21 sing N N 153 
ILE CG2 HG22 sing N N 154 
ILE CG2 HG23 sing N N 155 
ILE CD1 HD11 sing N N 156 
ILE CD1 HD12 sing N N 157 
ILE CD1 HD13 sing N N 158 
ILE OXT HXT  sing N N 159 
LEU N   CA   sing N N 160 
LEU N   H    sing N N 161 
LEU N   H2   sing N N 162 
LEU CA  C    sing N N 163 
LEU CA  CB   sing N N 164 
LEU CA  HA   sing N N 165 
LEU C   O    doub N N 166 
LEU C   OXT  sing N N 167 
LEU CB  CG   sing N N 168 
LEU CB  HB2  sing N N 169 
LEU CB  HB3  sing N N 170 
LEU CG  CD1  sing N N 171 
LEU CG  CD2  sing N N 172 
LEU CG  HG   sing N N 173 
LEU CD1 HD11 sing N N 174 
LEU CD1 HD12 sing N N 175 
LEU CD1 HD13 sing N N 176 
LEU CD2 HD21 sing N N 177 
LEU CD2 HD22 sing N N 178 
LEU CD2 HD23 sing N N 179 
LEU OXT HXT  sing N N 180 
LYS N   CA   sing N N 181 
LYS N   H    sing N N 182 
LYS N   H2   sing N N 183 
LYS CA  C    sing N N 184 
LYS CA  CB   sing N N 185 
LYS CA  HA   sing N N 186 
LYS C   O    doub N N 187 
LYS C   OXT  sing N N 188 
LYS CB  CG   sing N N 189 
LYS CB  HB2  sing N N 190 
LYS CB  HB3  sing N N 191 
LYS CG  CD   sing N N 192 
LYS CG  HG2  sing N N 193 
LYS CG  HG3  sing N N 194 
LYS CD  CE   sing N N 195 
LYS CD  HD2  sing N N 196 
LYS CD  HD3  sing N N 197 
LYS CE  NZ   sing N N 198 
LYS CE  HE2  sing N N 199 
LYS CE  HE3  sing N N 200 
LYS NZ  HZ1  sing N N 201 
LYS NZ  HZ2  sing N N 202 
LYS NZ  HZ3  sing N N 203 
LYS OXT HXT  sing N N 204 
MET N   CA   sing N N 205 
MET N   H    sing N N 206 
MET N   H2   sing N N 207 
MET CA  C    sing N N 208 
MET CA  CB   sing N N 209 
MET CA  HA   sing N N 210 
MET C   O    doub N N 211 
MET C   OXT  sing N N 212 
MET CB  CG   sing N N 213 
MET CB  HB2  sing N N 214 
MET CB  HB3  sing N N 215 
MET CG  SD   sing N N 216 
MET CG  HG2  sing N N 217 
MET CG  HG3  sing N N 218 
MET SD  CE   sing N N 219 
MET CE  HE1  sing N N 220 
MET CE  HE2  sing N N 221 
MET CE  HE3  sing N N 222 
MET OXT HXT  sing N N 223 
PHE N   CA   sing N N 224 
PHE N   H    sing N N 225 
PHE N   H2   sing N N 226 
PHE CA  C    sing N N 227 
PHE CA  CB   sing N N 228 
PHE CA  HA   sing N N 229 
PHE C   O    doub N N 230 
PHE C   OXT  sing N N 231 
PHE CB  CG   sing N N 232 
PHE CB  HB2  sing N N 233 
PHE CB  HB3  sing N N 234 
PHE CG  CD1  doub Y N 235 
PHE CG  CD2  sing Y N 236 
PHE CD1 CE1  sing Y N 237 
PHE CD1 HD1  sing N N 238 
PHE CD2 CE2  doub Y N 239 
PHE CD2 HD2  sing N N 240 
PHE CE1 CZ   doub Y N 241 
PHE CE1 HE1  sing N N 242 
PHE CE2 CZ   sing Y N 243 
PHE CE2 HE2  sing N N 244 
PHE CZ  HZ   sing N N 245 
PHE OXT HXT  sing N N 246 
PRO N   CA   sing N N 247 
PRO N   CD   sing N N 248 
PRO N   H    sing N N 249 
PRO CA  C    sing N N 250 
PRO CA  CB   sing N N 251 
PRO CA  HA   sing N N 252 
PRO C   O    doub N N 253 
PRO C   OXT  sing N N 254 
PRO CB  CG   sing N N 255 
PRO CB  HB2  sing N N 256 
PRO CB  HB3  sing N N 257 
PRO CG  CD   sing N N 258 
PRO CG  HG2  sing N N 259 
PRO CG  HG3  sing N N 260 
PRO CD  HD2  sing N N 261 
PRO CD  HD3  sing N N 262 
PRO OXT HXT  sing N N 263 
SCN S   C    sing N N 264 
SCN C   N    trip N N 265 
SER N   CA   sing N N 266 
SER N   H    sing N N 267 
SER N   H2   sing N N 268 
SER CA  C    sing N N 269 
SER CA  CB   sing N N 270 
SER CA  HA   sing N N 271 
SER C   O    doub N N 272 
SER C   OXT  sing N N 273 
SER CB  OG   sing N N 274 
SER CB  HB2  sing N N 275 
SER CB  HB3  sing N N 276 
SER OG  HG   sing N N 277 
SER OXT HXT  sing N N 278 
THR N   CA   sing N N 279 
THR N   H    sing N N 280 
THR N   H2   sing N N 281 
THR CA  C    sing N N 282 
THR CA  CB   sing N N 283 
THR CA  HA   sing N N 284 
THR C   O    doub N N 285 
THR C   OXT  sing N N 286 
THR CB  OG1  sing N N 287 
THR CB  CG2  sing N N 288 
THR CB  HB   sing N N 289 
THR OG1 HG1  sing N N 290 
THR CG2 HG21 sing N N 291 
THR CG2 HG22 sing N N 292 
THR CG2 HG23 sing N N 293 
THR OXT HXT  sing N N 294 
TRP N   CA   sing N N 295 
TRP N   H    sing N N 296 
TRP N   H2   sing N N 297 
TRP CA  C    sing N N 298 
TRP CA  CB   sing N N 299 
TRP CA  HA   sing N N 300 
TRP C   O    doub N N 301 
TRP C   OXT  sing N N 302 
TRP CB  CG   sing N N 303 
TRP CB  HB2  sing N N 304 
TRP CB  HB3  sing N N 305 
TRP CG  CD1  doub Y N 306 
TRP CG  CD2  sing Y N 307 
TRP CD1 NE1  sing Y N 308 
TRP CD1 HD1  sing N N 309 
TRP CD2 CE2  doub Y N 310 
TRP CD2 CE3  sing Y N 311 
TRP NE1 CE2  sing Y N 312 
TRP NE1 HE1  sing N N 313 
TRP CE2 CZ2  sing Y N 314 
TRP CE3 CZ3  doub Y N 315 
TRP CE3 HE3  sing N N 316 
TRP CZ2 CH2  doub Y N 317 
TRP CZ2 HZ2  sing N N 318 
TRP CZ3 CH2  sing Y N 319 
TRP CZ3 HZ3  sing N N 320 
TRP CH2 HH2  sing N N 321 
TRP OXT HXT  sing N N 322 
TYR N   CA   sing N N 323 
TYR N   H    sing N N 324 
TYR N   H2   sing N N 325 
TYR CA  C    sing N N 326 
TYR CA  CB   sing N N 327 
TYR CA  HA   sing N N 328 
TYR C   O    doub N N 329 
TYR C   OXT  sing N N 330 
TYR CB  CG   sing N N 331 
TYR CB  HB2  sing N N 332 
TYR CB  HB3  sing N N 333 
TYR CG  CD1  doub Y N 334 
TYR CG  CD2  sing Y N 335 
TYR CD1 CE1  sing Y N 336 
TYR CD1 HD1  sing N N 337 
TYR CD2 CE2  doub Y N 338 
TYR CD2 HD2  sing N N 339 
TYR CE1 CZ   doub Y N 340 
TYR CE1 HE1  sing N N 341 
TYR CE2 CZ   sing Y N 342 
TYR CE2 HE2  sing N N 343 
TYR CZ  OH   sing N N 344 
TYR OH  HH   sing N N 345 
TYR OXT HXT  sing N N 346 
VAL N   CA   sing N N 347 
VAL N   H    sing N N 348 
VAL N   H2   sing N N 349 
VAL CA  C    sing N N 350 
VAL CA  CB   sing N N 351 
VAL CA  HA   sing N N 352 
VAL C   O    doub N N 353 
VAL C   OXT  sing N N 354 
VAL CB  CG1  sing N N 355 
VAL CB  CG2  sing N N 356 
VAL CB  HB   sing N N 357 
VAL CG1 HG11 sing N N 358 
VAL CG1 HG12 sing N N 359 
VAL CG1 HG13 sing N N 360 
VAL CG2 HG21 sing N N 361 
VAL CG2 HG22 sing N N 362 
VAL CG2 HG23 sing N N 363 
VAL OXT HXT  sing N N 364 
# 
loop_
_pdbx_entity_nonpoly.entity_id 
_pdbx_entity_nonpoly.name 
_pdbx_entity_nonpoly.comp_id 
2 'THIOCYANATE ION' SCN 
3 water             HOH 
# 
_pdbx_initial_refinement_model.id               1 
_pdbx_initial_refinement_model.entity_id_list   ? 
_pdbx_initial_refinement_model.type             'experimental model' 
_pdbx_initial_refinement_model.source_name      PDB 
_pdbx_initial_refinement_model.accession_code   2B5E 
_pdbx_initial_refinement_model.details          'PDB ENTRY 2B5E' 
# 
